data_3V2U
#
_entry.id   3V2U
#
_cell.length_a   82.186
_cell.length_b   83.221
_cell.length_c   92.629
_cell.angle_alpha   114.04
_cell.angle_beta   92.88
_cell.angle_gamma   90.37
#
_symmetry.space_group_name_H-M   'P 1'
#
loop_
_entity.id
_entity.type
_entity.pdbx_description
1 polymer 'Galactose/lactose metabolism regulatory protein GAL80'
2 polymer 'Protein GAL3'
3 non-polymer GLYCEROL
4 non-polymer 'MAGNESIUM ION'
5 non-polymer alpha-D-galactopyranose
6 non-polymer "ADENOSINE-5'-TRIPHOSPHATE"
7 water water
#
loop_
_entity_poly.entity_id
_entity_poly.type
_entity_poly.pdbx_seq_one_letter_code
_entity_poly.pdbx_strand_id
1 'polypeptide(L)'
;GSHMDYNKRSSVSTVPNAAPIRVGFVGLNAAKGWAIKTHYPAILQLSSQFQITALYSPKIETSIATIQRLKLSNATAFPT
LESFASSSTIDMIVIAIQVASHYEVVMPLLEFSKNNPNLKYLFVEWALACSLDQAESIYKAAAERGVQTIISLQGRKSPY
ILRAKELISQGYIGDINSIEIAGNGGWYGYERPVKSPKYIYEIGNGVDLVTTTFGHTIDILQYMTSSYFSRINAMVFNNI
PEQELIDERGNRLGQRVPKTVPDHLLFQGTLLNGNVPVSCSFKGGKPTKKFTKNLVIDIHGTKGDLKLEGDAGFAEISNL
VLYYSGTRANDFPLANGQQAPLDPGYDAGKEIMEVYHLRNYNAIVGNIHRLYQSISDFHFNTKKIPELPSQFVMQGFDFE
GFPTLMDALILHRLIESVYKSNMMGSTLNVSNISHYSL
;
A,B
2 'polypeptide(L)'
;SNTNVPIFSSPVRDLPRSFEQKHLAVVDAFFQTYHVKPDFIARSPGRVNLIGEHIDYCDFSVLPLAIDVDMLCAVKILDE
KNPSITLTNADPKFAQRKFDLPLDGSYMAIDPSVSEWSNYFKCGLHVAHSYLKKIAPERFNNTPLVGAQIFCQSDIPTGG
GLSSAFTCAAALATIRANMGKNFDISKKDLTRITAVAEHYVGVNNGGMDQATSVYGEEDHALYVEFRPKLKATPFKFPQL
KNHEISFVIANTLVKSNKFETAPTNYNLRVIEVTVAANALATRYSVALPSHKDNSNSERGNLRDFMDAYYARYENQAQPW
NGDIGTGIERLLKMLQLVEESFSRKKSGFTVHEASTALNCSREEFTRDYLTTFPVRFQVLKLYQRAKHVYSESLRVLKAL
KMMTSATFHTDEDFFTDFGRLMNESQASCDKLYECSCIETNQICSIALANGSFGSRLTGAGWGGCTIHLVPSGANGNVEQ
VRKALIEKFYNVRYPDLTDEELKDAIIVSKPALGTCLYEQ
;
C,D
#
loop_
_chem_comp.id
_chem_comp.type
_chem_comp.name
_chem_comp.formula
ATP non-polymer ADENOSINE-5'-TRIPHOSPHATE 'C10 H16 N5 O13 P3'
GLA D-saccharide, alpha linking alpha-D-galactopyranose 'C6 H12 O6'
GOL non-polymer GLYCEROL 'C3 H8 O3'
MG non-polymer 'MAGNESIUM ION' 'Mg 2'
#
# COMPACT_ATOMS: atom_id res chain seq x y z
N ALA A 18 25.82 -44.61 3.22
CA ALA A 18 26.88 -43.62 3.08
C ALA A 18 27.24 -43.38 1.62
N ALA A 19 26.91 -44.36 0.77
CA ALA A 19 27.10 -44.20 -0.66
C ALA A 19 26.05 -43.24 -1.24
N PRO A 20 26.51 -42.27 -2.03
CA PRO A 20 25.59 -41.35 -2.71
C PRO A 20 24.50 -42.07 -3.52
N ILE A 21 23.30 -41.49 -3.55
CA ILE A 21 22.27 -41.95 -4.46
C ILE A 21 22.73 -41.64 -5.90
N ARG A 22 22.78 -42.69 -6.72
CA ARG A 22 23.24 -42.58 -8.10
C ARG A 22 22.05 -42.24 -8.99
N VAL A 23 22.14 -41.09 -9.67
CA VAL A 23 21.03 -40.53 -10.44
C VAL A 23 21.25 -40.68 -11.94
N GLY A 24 20.22 -41.17 -12.64
CA GLY A 24 20.21 -41.21 -14.08
C GLY A 24 19.16 -40.24 -14.57
N PHE A 25 19.54 -39.37 -15.50
CA PHE A 25 18.63 -38.38 -16.06
C PHE A 25 18.24 -38.72 -17.48
N VAL A 26 16.94 -38.62 -17.76
CA VAL A 26 16.44 -38.42 -19.10
C VAL A 26 15.98 -36.96 -19.18
N GLY A 27 16.71 -36.13 -19.94
CA GLY A 27 16.31 -34.74 -20.11
C GLY A 27 17.16 -33.68 -19.44
N LEU A 28 18.33 -34.08 -18.93
CA LEU A 28 19.31 -33.09 -18.51
C LEU A 28 20.14 -32.67 -19.73
N ASN A 29 20.06 -31.39 -20.08
CA ASN A 29 20.77 -30.86 -21.25
C ASN A 29 21.46 -29.57 -20.82
N ALA A 30 22.78 -29.53 -20.94
CA ALA A 30 23.53 -28.36 -20.48
C ALA A 30 23.15 -27.06 -21.20
N ALA A 31 22.55 -27.19 -22.38
CA ALA A 31 22.28 -26.02 -23.21
C ALA A 31 20.83 -25.53 -23.19
N LYS A 32 19.94 -26.24 -22.50
CA LYS A 32 18.54 -25.80 -22.46
C LYS A 32 17.69 -26.68 -21.56
N GLY A 33 16.50 -26.19 -21.22
CA GLY A 33 15.54 -26.98 -20.49
C GLY A 33 15.51 -26.62 -19.02
N TRP A 34 14.54 -27.18 -18.31
CA TRP A 34 14.30 -26.90 -16.90
CA TRP A 34 14.39 -26.83 -16.91
C TRP A 34 15.35 -27.56 -16.00
N ALA A 35 15.71 -28.80 -16.32
CA ALA A 35 16.57 -29.57 -15.41
C ALA A 35 17.91 -28.93 -15.12
N ILE A 36 18.50 -28.31 -16.14
CA ILE A 36 19.80 -27.67 -15.99
C ILE A 36 19.70 -26.48 -15.01
N LYS A 37 18.53 -25.85 -14.97
CA LYS A 37 18.28 -24.69 -14.10
C LYS A 37 17.90 -25.05 -12.66
N THR A 38 17.51 -26.29 -12.43
CA THR A 38 16.92 -26.62 -11.13
C THR A 38 17.48 -27.90 -10.51
N HIS A 39 17.20 -29.05 -11.14
CA HIS A 39 17.76 -30.30 -10.63
C HIS A 39 19.27 -30.26 -10.51
N TYR A 40 19.93 -29.78 -11.55
CA TYR A 40 21.39 -29.82 -11.57
C TYR A 40 22.01 -29.01 -10.43
N PRO A 41 21.63 -27.70 -10.30
CA PRO A 41 22.17 -26.92 -9.17
C PRO A 41 21.82 -27.49 -7.79
N ALA A 42 20.66 -28.14 -7.69
CA ALA A 42 20.24 -28.77 -6.43
C ALA A 42 21.19 -29.90 -6.06
N ILE A 43 21.59 -30.67 -7.07
CA ILE A 43 22.48 -31.80 -6.87
C ILE A 43 23.90 -31.38 -6.47
N LEU A 44 24.38 -30.30 -7.08
CA LEU A 44 25.70 -29.77 -6.73
C LEU A 44 25.81 -29.48 -5.24
N GLN A 45 24.71 -29.00 -4.66
CA GLN A 45 24.68 -28.63 -3.24
C GLN A 45 24.64 -29.84 -2.30
N LEU A 46 24.42 -31.03 -2.86
CA LEU A 46 24.20 -32.25 -2.09
C LEU A 46 25.09 -33.35 -2.67
N SER A 47 26.33 -33.01 -2.98
CA SER A 47 27.14 -33.85 -3.83
C SER A 47 27.64 -35.13 -3.15
N SER A 48 27.52 -35.19 -1.84
CA SER A 48 27.81 -36.45 -1.14
C SER A 48 26.54 -37.31 -1.02
N GLN A 49 25.38 -36.72 -1.34
CA GLN A 49 24.13 -37.47 -1.23
C GLN A 49 23.62 -37.98 -2.57
N PHE A 50 23.96 -37.28 -3.64
CA PHE A 50 23.52 -37.63 -4.99
C PHE A 50 24.71 -37.50 -5.91
N GLN A 51 24.82 -38.43 -6.84
CA GLN A 51 25.82 -38.33 -7.89
C GLN A 51 25.16 -38.68 -9.20
N ILE A 52 25.50 -37.95 -10.26
CA ILE A 52 24.96 -38.27 -11.57
C ILE A 52 25.83 -39.35 -12.25
N THR A 53 25.22 -40.48 -12.58
CA THR A 53 25.98 -41.58 -13.13
C THR A 53 25.54 -41.93 -14.56
N ALA A 54 24.38 -41.41 -14.97
CA ALA A 54 23.82 -41.82 -16.25
C ALA A 54 23.00 -40.73 -16.94
N LEU A 55 23.19 -40.61 -18.25
CA LEU A 55 22.34 -39.73 -19.05
C LEU A 55 21.82 -40.49 -20.25
N TYR A 56 20.56 -40.26 -20.59
CA TYR A 56 20.07 -40.72 -21.88
C TYR A 56 19.34 -39.61 -22.64
N SER A 57 19.72 -39.46 -23.90
CA SER A 57 19.01 -38.62 -24.86
C SER A 57 19.03 -39.38 -26.18
N PRO A 58 17.98 -39.19 -27.00
CA PRO A 58 17.90 -39.84 -28.32
C PRO A 58 19.14 -39.56 -29.17
N LYS A 59 19.74 -38.38 -29.03
CA LYS A 59 21.00 -38.10 -29.70
C LYS A 59 22.13 -38.26 -28.71
N ILE A 60 23.06 -39.18 -29.02
CA ILE A 60 24.15 -39.47 -28.11
C ILE A 60 25.01 -38.22 -27.93
N GLU A 61 25.16 -37.45 -28.99
CA GLU A 61 25.95 -36.23 -28.98
C GLU A 61 25.53 -35.27 -27.86
N THR A 62 24.23 -35.18 -27.63
CA THR A 62 23.70 -34.26 -26.62
C THR A 62 24.14 -34.68 -25.22
N SER A 63 24.01 -35.96 -24.92
CA SER A 63 24.47 -36.54 -23.66
C SER A 63 25.98 -36.37 -23.50
N ILE A 64 26.72 -36.58 -24.57
CA ILE A 64 28.18 -36.42 -24.53
C ILE A 64 28.55 -34.95 -24.26
N ALA A 65 27.95 -34.03 -25.03
CA ALA A 65 28.18 -32.59 -24.86
C ALA A 65 27.87 -32.14 -23.44
N THR A 66 26.82 -32.68 -22.86
CA THR A 66 26.40 -32.30 -21.52
C THR A 66 27.38 -32.80 -20.47
N ILE A 67 27.78 -34.07 -20.60
CA ILE A 67 28.76 -34.65 -19.68
C ILE A 67 30.09 -33.89 -19.68
N GLN A 68 30.51 -33.47 -20.87
N GLN A 68 30.50 -33.40 -20.84
CA GLN A 68 31.68 -32.63 -21.04
CA GLN A 68 31.75 -32.64 -20.98
C GLN A 68 31.51 -31.29 -20.32
C GLN A 68 31.65 -31.19 -20.47
N ARG A 69 30.53 -30.52 -20.76
CA ARG A 69 30.32 -29.16 -20.27
C ARG A 69 30.15 -29.07 -18.76
N LEU A 70 29.47 -30.05 -18.17
CA LEU A 70 29.23 -30.03 -16.74
C LEU A 70 30.26 -30.88 -16.01
N LYS A 71 31.22 -31.41 -16.76
CA LYS A 71 32.28 -32.23 -16.18
C LYS A 71 31.68 -33.31 -15.28
N LEU A 72 30.74 -34.07 -15.82
CA LEU A 72 30.07 -35.13 -15.06
C LEU A 72 30.95 -36.38 -15.03
N SER A 73 32.02 -36.32 -14.25
CA SER A 73 33.07 -37.33 -14.28
C SER A 73 32.64 -38.72 -13.82
N ASN A 74 31.45 -38.85 -13.23
CA ASN A 74 30.98 -40.17 -12.85
C ASN A 74 29.88 -40.67 -13.76
N ALA A 75 29.58 -39.91 -14.80
CA ALA A 75 28.44 -40.22 -15.67
C ALA A 75 28.81 -40.95 -16.96
N THR A 76 27.92 -41.82 -17.40
CA THR A 76 28.03 -42.50 -18.69
C THR A 76 26.85 -42.11 -19.57
N ALA A 77 27.11 -41.80 -20.83
CA ALA A 77 26.06 -41.54 -21.79
C ALA A 77 25.61 -42.87 -22.38
N PHE A 78 24.34 -43.22 -22.24
CA PHE A 78 23.85 -44.47 -22.78
C PHE A 78 23.22 -44.31 -24.16
N PRO A 79 23.50 -45.26 -25.06
CA PRO A 79 23.06 -45.13 -26.45
C PRO A 79 21.56 -45.42 -26.68
N THR A 80 20.93 -46.18 -25.80
CA THR A 80 19.52 -46.53 -26.00
C THR A 80 18.75 -46.48 -24.68
N LEU A 81 17.44 -46.33 -24.76
CA LEU A 81 16.60 -46.32 -23.57
C LEU A 81 16.78 -47.62 -22.79
N GLU A 82 16.76 -48.74 -23.51
CA GLU A 82 16.92 -50.02 -22.85
C GLU A 82 18.22 -50.07 -22.06
N SER A 83 19.33 -49.69 -22.68
CA SER A 83 20.61 -49.79 -21.97
C SER A 83 20.62 -48.88 -20.75
N PHE A 84 20.10 -47.67 -20.91
CA PHE A 84 19.95 -46.76 -19.79
C PHE A 84 19.10 -47.36 -18.68
N ALA A 85 17.89 -47.78 -19.04
CA ALA A 85 16.92 -48.21 -18.03
C ALA A 85 17.31 -49.52 -17.37
N SER A 86 18.06 -50.35 -18.09
CA SER A 86 18.50 -51.65 -17.60
C SER A 86 19.70 -51.54 -16.66
N SER A 87 20.41 -50.42 -16.73
CA SER A 87 21.70 -50.32 -16.03
C SER A 87 21.60 -50.38 -14.51
N SER A 88 22.44 -51.19 -13.90
CA SER A 88 22.45 -51.34 -12.45
C SER A 88 23.29 -50.26 -11.77
N THR A 89 23.78 -49.31 -12.57
CA THR A 89 24.51 -48.17 -12.02
C THR A 89 23.58 -47.05 -11.52
N ILE A 90 22.28 -47.29 -11.54
CA ILE A 90 21.29 -46.25 -11.19
C ILE A 90 20.41 -46.61 -10.01
N ASP A 91 20.30 -45.69 -9.04
CA ASP A 91 19.40 -45.86 -7.90
C ASP A 91 18.14 -45.05 -8.10
N MET A 92 18.27 -43.89 -8.73
CA MET A 92 17.13 -43.00 -8.97
C MET A 92 17.10 -42.53 -10.41
N ILE A 93 15.97 -42.74 -11.10
CA ILE A 93 15.77 -42.17 -12.43
C ILE A 93 14.94 -40.88 -12.36
N VAL A 94 15.42 -39.83 -13.01
CA VAL A 94 14.71 -38.54 -13.10
C VAL A 94 14.27 -38.32 -14.54
N ILE A 95 12.98 -38.11 -14.73
CA ILE A 95 12.40 -37.82 -16.03
C ILE A 95 12.07 -36.33 -16.15
N ALA A 96 12.88 -35.59 -16.90
CA ALA A 96 12.67 -34.15 -17.08
C ALA A 96 12.48 -33.73 -18.55
N ILE A 97 12.07 -34.66 -19.40
CA ILE A 97 11.78 -34.32 -20.78
C ILE A 97 10.39 -33.71 -20.91
N GLN A 98 10.12 -33.13 -22.07
CA GLN A 98 8.80 -32.59 -22.35
C GLN A 98 7.69 -33.57 -22.00
N VAL A 99 6.64 -33.03 -21.38
CA VAL A 99 5.52 -33.83 -20.90
C VAL A 99 4.93 -34.68 -22.01
N ALA A 100 4.91 -34.13 -23.22
CA ALA A 100 4.37 -34.87 -24.35
C ALA A 100 5.16 -36.18 -24.60
N SER A 101 6.35 -36.30 -24.02
CA SER A 101 7.17 -37.50 -24.19
C SER A 101 7.26 -38.43 -22.97
N HIS A 102 6.62 -38.05 -21.86
CA HIS A 102 6.66 -38.86 -20.63
C HIS A 102 6.14 -40.28 -20.83
N TYR A 103 4.94 -40.40 -21.39
CA TYR A 103 4.29 -41.69 -21.50
C TYR A 103 5.11 -42.63 -22.37
N GLU A 104 5.53 -42.14 -23.53
CA GLU A 104 6.23 -42.98 -24.48
C GLU A 104 7.62 -43.35 -23.97
N VAL A 105 8.15 -42.57 -23.04
CA VAL A 105 9.44 -42.94 -22.45
C VAL A 105 9.29 -43.80 -21.19
N VAL A 106 8.46 -43.35 -20.26
CA VAL A 106 8.34 -43.99 -18.95
C VAL A 106 7.83 -45.42 -19.01
N MET A 107 6.86 -45.69 -19.87
CA MET A 107 6.28 -47.04 -19.94
C MET A 107 7.31 -48.13 -20.30
N PRO A 108 8.07 -47.94 -21.41
CA PRO A 108 9.09 -48.95 -21.74
C PRO A 108 10.23 -48.97 -20.71
N LEU A 109 10.60 -47.78 -20.24
CA LEU A 109 11.65 -47.67 -19.24
C LEU A 109 11.32 -48.49 -18.01
N LEU A 110 10.09 -48.37 -17.54
CA LEU A 110 9.66 -49.10 -16.36
C LEU A 110 9.83 -50.59 -16.56
N GLU A 111 9.51 -51.07 -17.75
CA GLU A 111 9.66 -52.48 -18.02
C GLU A 111 11.15 -52.89 -18.07
N PHE A 112 11.96 -52.10 -18.77
CA PHE A 112 13.38 -52.42 -18.88
C PHE A 112 14.03 -52.41 -17.50
N SER A 113 13.56 -51.52 -16.62
CA SER A 113 14.18 -51.27 -15.32
C SER A 113 14.09 -52.47 -14.38
N LYS A 114 13.27 -53.44 -14.74
CA LYS A 114 13.24 -54.70 -14.00
C LYS A 114 14.60 -55.41 -14.06
N ASN A 115 15.38 -55.11 -15.10
CA ASN A 115 16.75 -55.64 -15.19
C ASN A 115 17.70 -54.98 -14.20
N ASN A 116 17.21 -53.95 -13.50
CA ASN A 116 18.03 -53.25 -12.51
C ASN A 116 17.52 -53.43 -11.08
N PRO A 117 18.15 -54.37 -10.35
CA PRO A 117 17.70 -54.72 -9.00
C PRO A 117 18.03 -53.60 -8.00
N ASN A 118 18.83 -52.62 -8.43
CA ASN A 118 19.18 -51.49 -7.57
C ASN A 118 18.23 -50.30 -7.65
N LEU A 119 17.33 -50.27 -8.63
CA LEU A 119 16.47 -49.09 -8.80
C LEU A 119 15.58 -48.87 -7.58
N LYS A 120 15.68 -47.69 -6.98
CA LYS A 120 14.92 -47.39 -5.77
C LYS A 120 13.94 -46.23 -5.92
N TYR A 121 14.21 -45.30 -6.83
CA TYR A 121 13.35 -44.12 -6.99
C TYR A 121 13.07 -43.78 -8.44
N LEU A 122 11.82 -43.44 -8.71
CA LEU A 122 11.44 -42.84 -9.99
C LEU A 122 10.89 -41.44 -9.72
N PHE A 123 11.56 -40.43 -10.25
CA PHE A 123 11.26 -39.03 -9.99
C PHE A 123 10.79 -38.37 -11.29
N VAL A 124 9.53 -37.97 -11.36
CA VAL A 124 9.01 -37.37 -12.59
C VAL A 124 8.60 -35.91 -12.44
N GLU A 125 8.83 -35.11 -13.48
CA GLU A 125 8.37 -33.71 -13.46
C GLU A 125 6.84 -33.61 -13.60
N TRP A 126 6.26 -32.55 -13.03
CA TRP A 126 4.85 -32.24 -13.25
C TRP A 126 4.78 -31.43 -14.54
N ALA A 127 3.84 -31.69 -15.42
CA ALA A 127 2.78 -32.67 -15.25
C ALA A 127 3.24 -34.10 -15.54
N LEU A 128 2.56 -35.06 -14.95
CA LEU A 128 2.91 -36.45 -15.12
C LEU A 128 2.67 -36.92 -16.56
N ALA A 129 1.52 -36.59 -17.12
CA ALA A 129 1.14 -37.05 -18.45
C ALA A 129 0.31 -35.99 -19.12
N CYS A 130 -0.12 -36.27 -20.35
CA CYS A 130 -0.92 -35.35 -21.15
C CYS A 130 -2.44 -35.55 -21.00
N SER A 131 -2.83 -36.67 -20.39
CA SER A 131 -4.24 -36.97 -20.14
C SER A 131 -4.32 -37.80 -18.86
N LEU A 132 -5.50 -37.86 -18.26
CA LEU A 132 -5.71 -38.69 -17.10
C LEU A 132 -5.48 -40.17 -17.41
N ASP A 133 -5.83 -40.59 -18.62
CA ASP A 133 -5.68 -42.00 -19.01
C ASP A 133 -4.21 -42.41 -18.99
N GLN A 134 -3.36 -41.56 -19.55
CA GLN A 134 -1.92 -41.80 -19.49
C GLN A 134 -1.40 -41.75 -18.05
N ALA A 135 -1.87 -40.78 -17.26
CA ALA A 135 -1.45 -40.70 -15.86
C ALA A 135 -1.79 -41.99 -15.11
N GLU A 136 -3.02 -42.48 -15.32
CA GLU A 136 -3.48 -43.72 -14.68
C GLU A 136 -2.62 -44.92 -15.09
N SER A 137 -2.28 -45.00 -16.38
N SER A 137 -2.29 -44.99 -16.38
CA SER A 137 -1.45 -46.12 -16.88
CA SER A 137 -1.48 -46.07 -16.92
C SER A 137 -0.03 -46.03 -16.33
C SER A 137 -0.06 -46.03 -16.35
N ILE A 138 0.54 -44.84 -16.35
CA ILE A 138 1.85 -44.65 -15.78
C ILE A 138 1.82 -45.02 -14.29
N TYR A 139 0.82 -44.54 -13.56
CA TYR A 139 0.80 -44.82 -12.14
C TYR A 139 0.76 -46.33 -11.89
N LYS A 140 -0.11 -47.01 -12.63
CA LYS A 140 -0.29 -48.44 -12.45
C LYS A 140 1.02 -49.20 -12.73
N ALA A 141 1.69 -48.84 -13.82
CA ALA A 141 2.99 -49.44 -14.16
C ALA A 141 4.01 -49.14 -13.07
N ALA A 142 4.03 -47.91 -12.54
CA ALA A 142 5.01 -47.58 -11.53
C ALA A 142 4.78 -48.35 -10.23
N ALA A 143 3.52 -48.45 -9.82
CA ALA A 143 3.21 -49.20 -8.60
C ALA A 143 3.57 -50.66 -8.80
N GLU A 144 3.29 -51.17 -9.98
CA GLU A 144 3.61 -52.56 -10.29
C GLU A 144 5.12 -52.80 -10.20
N ARG A 145 5.92 -51.80 -10.59
CA ARG A 145 7.37 -51.93 -10.54
C ARG A 145 7.91 -52.02 -9.11
N GLY A 146 7.16 -51.45 -8.17
CA GLY A 146 7.51 -51.55 -6.77
C GLY A 146 8.59 -50.57 -6.30
N VAL A 147 8.75 -49.44 -6.98
CA VAL A 147 9.71 -48.44 -6.55
C VAL A 147 9.04 -47.24 -5.87
N GLN A 148 9.78 -46.56 -5.00
CA GLN A 148 9.34 -45.28 -4.44
C GLN A 148 9.27 -44.25 -5.57
N THR A 149 8.13 -43.57 -5.71
CA THR A 149 7.97 -42.56 -6.75
C THR A 149 7.95 -41.14 -6.18
N ILE A 150 8.35 -40.18 -7.01
CA ILE A 150 8.37 -38.77 -6.64
C ILE A 150 7.88 -37.95 -7.82
N ILE A 151 7.02 -36.96 -7.53
CA ILE A 151 6.60 -36.00 -8.55
C ILE A 151 7.14 -34.63 -8.14
N SER A 152 7.53 -33.84 -9.12
N SER A 152 7.51 -33.82 -9.11
CA SER A 152 8.08 -32.51 -8.81
CA SER A 152 8.06 -32.50 -8.84
C SER A 152 6.99 -31.46 -8.58
C SER A 152 6.98 -31.45 -8.58
N LEU A 153 6.27 -31.59 -7.47
CA LEU A 153 5.31 -30.59 -7.02
C LEU A 153 6.08 -29.85 -5.93
N GLN A 154 7.12 -29.13 -6.35
CA GLN A 154 8.08 -28.57 -5.41
C GLN A 154 7.52 -27.36 -4.64
N GLY A 155 6.32 -26.89 -4.99
CA GLY A 155 5.62 -25.89 -4.18
C GLY A 155 5.38 -26.40 -2.77
N ARG A 156 5.21 -27.72 -2.61
CA ARG A 156 5.10 -28.32 -1.29
C ARG A 156 6.37 -28.23 -0.44
N LYS A 157 7.48 -27.87 -1.06
CA LYS A 157 8.72 -27.68 -0.33
C LYS A 157 9.15 -26.21 -0.24
N SER A 158 8.26 -25.30 -0.63
CA SER A 158 8.52 -23.86 -0.48
C SER A 158 8.50 -23.50 1.02
N PRO A 159 9.51 -22.75 1.48
CA PRO A 159 9.40 -22.30 2.88
C PRO A 159 8.14 -21.46 3.18
N TYR A 160 7.57 -20.82 2.16
CA TYR A 160 6.42 -19.94 2.36
C TYR A 160 5.20 -20.81 2.57
N ILE A 161 5.13 -21.87 1.78
CA ILE A 161 4.01 -22.80 1.88
C ILE A 161 4.06 -23.54 3.21
N LEU A 162 5.27 -23.97 3.57
CA LEU A 162 5.44 -24.68 4.83
CA LEU A 162 5.49 -24.66 4.86
C LEU A 162 5.05 -23.78 6.01
N ARG A 163 5.49 -22.52 6.00
CA ARG A 163 5.13 -21.60 7.10
C ARG A 163 3.62 -21.36 7.18
N ALA A 164 2.99 -21.17 6.03
CA ALA A 164 1.53 -21.03 5.98
C ALA A 164 0.83 -22.25 6.53
N LYS A 165 1.27 -23.44 6.11
CA LYS A 165 0.71 -24.71 6.57
C LYS A 165 0.81 -24.83 8.07
N GLU A 166 1.97 -24.41 8.60
CA GLU A 166 2.18 -24.38 10.04
C GLU A 166 1.15 -23.51 10.75
N LEU A 167 0.97 -22.27 10.29
CA LEU A 167 0.06 -21.33 10.95
C LEU A 167 -1.37 -21.88 10.96
N ILE A 168 -1.78 -22.39 9.82
CA ILE A 168 -3.13 -22.93 9.69
C ILE A 168 -3.31 -24.14 10.58
N SER A 169 -2.40 -25.10 10.48
CA SER A 169 -2.51 -26.35 11.23
C SER A 169 -2.43 -26.11 12.73
N GLN A 170 -1.70 -25.08 13.16
CA GLN A 170 -1.55 -24.85 14.58
C GLN A 170 -2.67 -24.01 15.19
N GLY A 171 -3.62 -23.59 14.36
CA GLY A 171 -4.82 -22.90 14.83
C GLY A 171 -4.81 -21.38 14.77
N TYR A 172 -3.80 -20.81 14.13
CA TYR A 172 -3.61 -19.35 14.14
C TYR A 172 -4.67 -18.54 13.39
N ILE A 173 -5.35 -19.16 12.44
CA ILE A 173 -6.49 -18.46 11.84
C ILE A 173 -7.86 -18.99 12.27
N GLY A 174 -7.88 -19.91 13.25
CA GLY A 174 -9.11 -20.57 13.65
C GLY A 174 -9.57 -21.49 12.54
N ASP A 175 -10.87 -21.61 12.32
CA ASP A 175 -11.42 -22.36 11.20
C ASP A 175 -11.42 -21.48 9.95
N ILE A 176 -11.30 -22.09 8.79
CA ILE A 176 -11.30 -21.35 7.53
C ILE A 176 -12.71 -21.00 7.08
N ASN A 177 -12.95 -19.71 6.89
CA ASN A 177 -14.24 -19.24 6.43
C ASN A 177 -14.34 -19.21 4.90
N SER A 178 -13.31 -18.71 4.23
CA SER A 178 -13.38 -18.59 2.78
C SER A 178 -12.02 -18.28 2.21
N ILE A 179 -11.86 -18.56 0.91
CA ILE A 179 -10.57 -18.44 0.25
C ILE A 179 -10.72 -17.85 -1.14
N GLU A 180 -9.85 -16.90 -1.49
CA GLU A 180 -9.76 -16.37 -2.85
C GLU A 180 -8.36 -16.58 -3.36
N ILE A 181 -8.25 -16.94 -4.64
CA ILE A 181 -6.98 -17.16 -5.27
C ILE A 181 -6.99 -16.49 -6.63
N ALA A 182 -5.91 -15.79 -6.94
CA ALA A 182 -5.76 -15.19 -8.26
C ALA A 182 -4.36 -15.52 -8.74
N GLY A 183 -4.24 -15.97 -9.98
CA GLY A 183 -2.96 -16.36 -10.52
C GLY A 183 -2.83 -15.86 -11.94
N ASN A 184 -1.64 -16.01 -12.50
CA ASN A 184 -1.36 -15.64 -13.86
C ASN A 184 -0.51 -16.72 -14.55
N GLY A 185 -0.86 -17.07 -15.79
CA GLY A 185 -0.20 -18.15 -16.50
C GLY A 185 1.06 -17.73 -17.24
N GLY A 186 1.39 -16.44 -17.18
CA GLY A 186 2.60 -15.94 -17.81
C GLY A 186 2.53 -15.81 -19.33
N TRP A 187 2.32 -16.91 -20.05
CA TRP A 187 2.51 -16.95 -21.51
C TRP A 187 1.27 -16.78 -22.38
N TYR A 188 0.09 -16.82 -21.75
CA TYR A 188 -1.12 -16.95 -22.56
C TYR A 188 -1.97 -15.68 -22.65
N GLY A 189 -1.29 -14.55 -22.78
CA GLY A 189 -1.94 -13.28 -22.99
C GLY A 189 -2.00 -12.96 -24.48
N TYR A 190 -2.09 -11.67 -24.82
CA TYR A 190 -2.31 -11.26 -26.21
C TYR A 190 -1.09 -11.39 -27.13
N GLU A 191 0.10 -11.37 -26.55
CA GLU A 191 1.33 -11.35 -27.34
C GLU A 191 2.22 -12.53 -27.02
N ARG A 192 3.04 -12.93 -27.98
CA ARG A 192 3.98 -14.05 -27.77
C ARG A 192 5.36 -13.62 -28.29
N PRO A 193 6.40 -13.77 -27.45
CA PRO A 193 7.75 -13.49 -27.95
C PRO A 193 8.08 -14.34 -29.17
N VAL A 194 8.77 -13.74 -30.14
CA VAL A 194 9.05 -14.40 -31.39
C VAL A 194 9.91 -15.64 -31.18
N LYS A 195 10.66 -15.69 -30.08
CA LYS A 195 11.52 -16.84 -29.79
C LYS A 195 10.88 -17.95 -28.93
N SER A 196 9.66 -17.73 -28.46
CA SER A 196 8.95 -18.75 -27.67
C SER A 196 8.53 -19.94 -28.55
N PRO A 197 8.80 -21.17 -28.07
CA PRO A 197 8.52 -22.41 -28.78
C PRO A 197 7.02 -22.67 -28.88
N LYS A 198 6.56 -23.08 -30.06
CA LYS A 198 5.14 -23.32 -30.31
C LYS A 198 4.50 -24.35 -29.37
N TYR A 199 5.27 -25.34 -28.91
CA TYR A 199 4.65 -26.47 -28.24
C TYR A 199 3.85 -26.14 -26.97
N ILE A 200 4.24 -25.12 -26.22
CA ILE A 200 3.46 -24.81 -25.02
C ILE A 200 2.14 -24.08 -25.30
N TYR A 201 1.90 -23.79 -26.57
CA TYR A 201 0.69 -23.06 -26.97
C TYR A 201 -0.31 -23.93 -27.73
N GLU A 202 -0.03 -25.22 -27.82
CA GLU A 202 -0.84 -26.16 -28.60
C GLU A 202 -1.49 -27.20 -27.71
N ILE A 203 -2.76 -27.51 -27.92
CA ILE A 203 -3.44 -28.46 -27.04
C ILE A 203 -2.81 -29.85 -27.18
N GLY A 204 -2.94 -30.65 -26.12
CA GLY A 204 -2.48 -32.03 -26.11
C GLY A 204 -1.04 -32.24 -25.67
N ASN A 205 -0.33 -31.16 -25.33
CA ASN A 205 1.09 -31.28 -25.02
C ASN A 205 1.38 -31.35 -23.54
N GLY A 206 0.33 -31.45 -22.72
CA GLY A 206 0.49 -31.60 -21.29
C GLY A 206 1.00 -30.35 -20.56
N VAL A 207 1.06 -29.22 -21.27
CA VAL A 207 1.50 -27.98 -20.63
C VAL A 207 0.55 -26.85 -21.00
N ASP A 208 -0.07 -26.24 -19.99
CA ASP A 208 -1.07 -25.19 -20.23
C ASP A 208 -1.45 -24.53 -18.94
N LEU A 209 -2.21 -23.46 -19.06
CA LEU A 209 -2.61 -22.66 -17.91
C LEU A 209 -3.24 -23.51 -16.83
N VAL A 210 -4.06 -24.48 -17.24
CA VAL A 210 -4.85 -25.26 -16.29
C VAL A 210 -4.02 -26.38 -15.67
N THR A 211 -3.46 -27.23 -16.52
CA THR A 211 -2.74 -28.41 -16.05
C THR A 211 -1.52 -28.00 -15.22
N THR A 212 -0.75 -27.05 -15.74
CA THR A 212 0.53 -26.72 -15.15
C THR A 212 0.43 -25.69 -14.02
N THR A 213 -0.02 -24.49 -14.38
CA THR A 213 -0.04 -23.39 -13.42
C THR A 213 -1.14 -23.49 -12.36
N PHE A 214 -2.37 -23.70 -12.79
CA PHE A 214 -3.43 -23.98 -11.83
C PHE A 214 -3.08 -25.27 -11.07
N GLY A 215 -2.57 -26.27 -11.78
CA GLY A 215 -2.13 -27.52 -11.13
C GLY A 215 -1.26 -27.29 -9.88
N HIS A 216 -0.12 -26.63 -10.07
CA HIS A 216 0.77 -26.39 -8.94
C HIS A 216 0.04 -25.61 -7.85
N THR A 217 -0.65 -24.54 -8.25
CA THR A 217 -1.24 -23.63 -7.26
C THR A 217 -2.35 -24.26 -6.45
N ILE A 218 -3.22 -25.02 -7.11
CA ILE A 218 -4.34 -25.61 -6.42
C ILE A 218 -3.89 -26.75 -5.51
N ASP A 219 -2.85 -27.48 -5.92
CA ASP A 219 -2.30 -28.51 -5.03
C ASP A 219 -1.63 -27.88 -3.80
N ILE A 220 -0.91 -26.79 -4.03
CA ILE A 220 -0.41 -25.99 -2.91
C ILE A 220 -1.52 -25.62 -1.90
N LEU A 221 -2.69 -25.28 -2.43
CA LEU A 221 -3.79 -24.88 -1.55
C LEU A 221 -4.28 -26.07 -0.74
N GLN A 222 -4.45 -27.21 -1.41
CA GLN A 222 -4.88 -28.42 -0.73
C GLN A 222 -3.90 -28.80 0.37
N TYR A 223 -2.62 -28.72 0.04
CA TYR A 223 -1.55 -29.09 0.97
C TYR A 223 -1.53 -28.16 2.20
N MET A 224 -1.62 -26.85 1.93
CA MET A 224 -1.59 -25.87 3.01
CA MET A 224 -1.64 -25.81 2.95
C MET A 224 -2.80 -26.01 3.94
N THR A 225 -3.96 -26.31 3.39
CA THR A 225 -5.19 -26.41 4.18
C THR A 225 -5.47 -27.85 4.64
N SER A 226 -4.68 -28.80 4.17
CA SER A 226 -4.94 -30.23 4.45
C SER A 226 -6.36 -30.67 4.08
N SER A 227 -6.84 -30.27 2.92
CA SER A 227 -8.14 -30.73 2.47
C SER A 227 -8.15 -30.92 0.96
N TYR A 228 -8.80 -31.98 0.50
CA TYR A 228 -9.15 -32.11 -0.89
C TYR A 228 -10.46 -31.35 -1.14
N PHE A 229 -10.85 -31.25 -2.41
CA PHE A 229 -12.11 -30.60 -2.75
C PHE A 229 -13.28 -31.55 -2.66
N SER A 230 -14.46 -30.97 -2.41
CA SER A 230 -15.70 -31.72 -2.35
C SER A 230 -16.49 -31.52 -3.65
N ARG A 231 -16.73 -30.27 -4.00
CA ARG A 231 -17.46 -29.94 -5.23
C ARG A 231 -16.73 -28.84 -5.99
N ILE A 232 -16.75 -28.92 -7.31
CA ILE A 232 -16.08 -27.92 -8.14
C ILE A 232 -16.90 -27.53 -9.36
N ASN A 233 -16.69 -26.31 -9.83
CA ASN A 233 -17.20 -25.89 -11.13
C ASN A 233 -16.13 -25.05 -11.81
N ALA A 234 -15.90 -25.31 -13.09
CA ALA A 234 -14.88 -24.55 -13.82
C ALA A 234 -15.39 -24.07 -15.16
N MET A 235 -14.86 -22.93 -15.60
CA MET A 235 -15.09 -22.45 -16.93
C MET A 235 -13.71 -22.14 -17.55
N VAL A 236 -13.46 -22.71 -18.72
CA VAL A 236 -12.16 -22.60 -19.37
C VAL A 236 -12.35 -21.81 -20.66
N PHE A 237 -11.45 -20.86 -20.91
CA PHE A 237 -11.62 -19.95 -22.05
C PHE A 237 -10.49 -19.99 -23.07
N ASN A 238 -10.88 -19.82 -24.33
CA ASN A 238 -9.96 -19.49 -25.40
C ASN A 238 -10.44 -18.21 -26.09
N ASN A 239 -10.35 -17.09 -25.40
CA ASN A 239 -10.75 -15.81 -25.98
C ASN A 239 -9.63 -15.20 -26.82
N ILE A 240 -8.46 -15.82 -26.79
CA ILE A 240 -7.33 -15.33 -27.58
C ILE A 240 -6.82 -16.46 -28.50
N PRO A 241 -7.60 -16.84 -29.51
CA PRO A 241 -7.21 -17.93 -30.43
C PRO A 241 -5.94 -17.58 -31.23
N GLU A 242 -5.62 -16.29 -31.32
CA GLU A 242 -4.42 -15.84 -32.02
C GLU A 242 -3.65 -14.81 -31.21
N GLN A 243 -2.34 -15.04 -31.05
CA GLN A 243 -1.48 -14.08 -30.35
C GLN A 243 -0.66 -13.28 -31.34
N GLU A 244 -0.25 -12.08 -30.94
CA GLU A 244 0.60 -11.20 -31.75
C GLU A 244 2.06 -11.41 -31.41
N LEU A 245 2.88 -11.72 -32.40
CA LEU A 245 4.30 -11.91 -32.14
C LEU A 245 4.94 -10.58 -31.79
N ILE A 246 5.78 -10.60 -30.76
CA ILE A 246 6.55 -9.43 -30.37
C ILE A 246 8.05 -9.71 -30.37
N ASP A 247 8.84 -8.65 -30.55
CA ASP A 247 10.28 -8.76 -30.37
C ASP A 247 10.64 -8.61 -28.89
N GLU A 248 11.93 -8.70 -28.56
CA GLU A 248 12.38 -8.69 -27.18
C GLU A 248 12.08 -7.39 -26.45
N ARG A 249 11.94 -6.30 -27.23
CA ARG A 249 11.61 -5.00 -26.68
C ARG A 249 10.11 -4.82 -26.49
N GLY A 250 9.34 -5.83 -26.88
CA GLY A 250 7.90 -5.77 -26.69
C GLY A 250 7.10 -5.17 -27.85
N ASN A 251 7.76 -4.88 -28.96
CA ASN A 251 7.08 -4.32 -30.13
C ASN A 251 6.42 -5.40 -30.98
N ARG A 252 5.18 -5.16 -31.38
CA ARG A 252 4.48 -6.09 -32.26
C ARG A 252 5.10 -6.13 -33.66
N LEU A 253 5.29 -7.35 -34.17
CA LEU A 253 6.01 -7.52 -35.42
C LEU A 253 5.06 -7.61 -36.61
N GLY A 254 3.76 -7.58 -36.34
CA GLY A 254 2.78 -7.55 -37.41
C GLY A 254 2.41 -8.94 -37.92
N GLN A 255 2.51 -9.93 -37.06
CA GLN A 255 2.19 -11.30 -37.43
C GLN A 255 1.52 -12.05 -36.29
N ARG A 256 0.38 -12.68 -36.60
CA ARG A 256 -0.35 -13.50 -35.64
C ARG A 256 0.03 -14.98 -35.76
N VAL A 257 -0.12 -15.71 -34.64
CA VAL A 257 0.10 -17.15 -34.60
C VAL A 257 -1.00 -17.79 -33.74
N PRO A 258 -1.42 -19.01 -34.07
CA PRO A 258 -2.49 -19.67 -33.32
C PRO A 258 -2.10 -20.11 -31.90
N LYS A 259 -3.03 -19.95 -30.96
CA LYS A 259 -2.90 -20.51 -29.63
C LYS A 259 -4.16 -21.30 -29.31
N THR A 260 -4.04 -22.62 -29.23
CA THR A 260 -5.21 -23.46 -28.98
C THR A 260 -5.40 -23.81 -27.50
N VAL A 261 -4.38 -23.57 -26.67
CA VAL A 261 -4.54 -23.80 -25.22
C VAL A 261 -5.31 -22.63 -24.57
N PRO A 262 -5.81 -22.83 -23.35
CA PRO A 262 -6.65 -21.80 -22.71
C PRO A 262 -5.93 -20.49 -22.33
N ASP A 263 -6.66 -19.38 -22.35
CA ASP A 263 -6.14 -18.12 -21.85
C ASP A 263 -6.86 -17.60 -20.60
N HIS A 264 -7.84 -18.35 -20.10
CA HIS A 264 -8.40 -17.99 -18.79
C HIS A 264 -9.06 -19.17 -18.12
N LEU A 265 -9.05 -19.16 -16.78
CA LEU A 265 -9.71 -20.19 -16.02
C LEU A 265 -10.47 -19.57 -14.86
N LEU A 266 -11.77 -19.84 -14.84
CA LEU A 266 -12.57 -19.59 -13.65
C LEU A 266 -12.80 -20.91 -12.94
N PHE A 267 -12.49 -20.93 -11.66
CA PHE A 267 -12.67 -22.14 -10.87
C PHE A 267 -13.29 -21.74 -9.55
N GLN A 268 -14.30 -22.47 -9.13
CA GLN A 268 -14.82 -22.29 -7.80
C GLN A 268 -15.18 -23.65 -7.24
N GLY A 269 -15.09 -23.81 -5.92
CA GLY A 269 -15.45 -25.07 -5.32
C GLY A 269 -15.41 -25.03 -3.82
N THR A 270 -15.51 -26.21 -3.21
CA THR A 270 -15.57 -26.31 -1.77
C THR A 270 -14.54 -27.29 -1.26
N LEU A 271 -13.87 -26.93 -0.17
CA LEU A 271 -12.98 -27.86 0.51
C LEU A 271 -13.81 -28.84 1.31
N LEU A 272 -13.44 -30.11 1.24
CA LEU A 272 -14.13 -31.16 2.00
C LEU A 272 -14.16 -30.86 3.48
N ASN A 273 -13.03 -30.42 4.01
CA ASN A 273 -12.97 -30.08 5.42
CA ASN A 273 -12.95 -30.07 5.43
C ASN A 273 -13.58 -28.71 5.67
N GLY A 274 -14.82 -28.70 6.14
CA GLY A 274 -15.49 -27.46 6.49
C GLY A 274 -16.39 -26.89 5.40
N ASN A 275 -16.47 -27.57 4.26
CA ASN A 275 -17.25 -27.07 3.12
C ASN A 275 -16.84 -25.65 2.76
N VAL A 276 -15.53 -25.40 2.75
CA VAL A 276 -15.03 -24.04 2.60
C VAL A 276 -15.11 -23.53 1.16
N PRO A 277 -15.76 -22.36 0.96
CA PRO A 277 -15.83 -21.75 -0.38
C PRO A 277 -14.46 -21.25 -0.88
N VAL A 278 -14.12 -21.61 -2.10
CA VAL A 278 -12.87 -21.21 -2.71
C VAL A 278 -13.21 -20.61 -4.05
N SER A 279 -12.72 -19.40 -4.30
CA SER A 279 -12.95 -18.75 -5.59
CA SER A 279 -12.95 -18.71 -5.56
C SER A 279 -11.62 -18.43 -6.23
N CYS A 280 -11.49 -18.81 -7.50
N CYS A 280 -11.49 -18.86 -7.49
CA CYS A 280 -10.22 -18.69 -8.18
CA CYS A 280 -10.22 -18.72 -8.21
C CYS A 280 -10.35 -18.19 -9.60
C CYS A 280 -10.39 -18.14 -9.61
N SER A 281 -9.48 -17.24 -9.98
CA SER A 281 -9.44 -16.76 -11.35
CA SER A 281 -9.44 -16.75 -11.34
C SER A 281 -7.99 -16.74 -11.82
N PHE A 282 -7.71 -17.43 -12.92
CA PHE A 282 -6.36 -17.45 -13.48
C PHE A 282 -6.35 -16.76 -14.83
N LYS A 283 -5.66 -15.64 -14.89
CA LYS A 283 -5.49 -14.87 -16.11
C LYS A 283 -4.39 -15.54 -16.94
N GLY A 284 -4.54 -15.55 -18.27
CA GLY A 284 -3.63 -16.33 -19.12
C GLY A 284 -2.22 -15.79 -19.13
N GLY A 285 -2.10 -14.47 -19.11
CA GLY A 285 -0.81 -13.81 -19.25
C GLY A 285 -0.93 -12.30 -19.12
N LYS A 286 -0.11 -11.60 -19.90
CA LYS A 286 -0.11 -10.14 -19.89
C LYS A 286 -1.25 -9.59 -20.73
N PRO A 287 -1.63 -8.33 -20.49
CA PRO A 287 -1.04 -7.42 -19.51
C PRO A 287 -1.22 -7.89 -18.07
N THR A 288 -0.22 -7.60 -17.23
CA THR A 288 -0.35 -7.88 -15.81
C THR A 288 -1.31 -6.87 -15.18
N LYS A 289 -1.77 -7.18 -13.98
CA LYS A 289 -2.72 -6.31 -13.29
C LYS A 289 -1.99 -5.05 -12.80
N LYS A 290 -2.67 -3.91 -12.86
CA LYS A 290 -2.06 -2.63 -12.54
C LYS A 290 -2.06 -2.32 -11.04
N PHE A 291 -3.10 -2.76 -10.36
CA PHE A 291 -3.37 -2.26 -9.02
C PHE A 291 -3.43 -3.40 -8.00
N THR A 292 -2.93 -4.57 -8.40
CA THR A 292 -3.10 -5.82 -7.65
C THR A 292 -1.94 -6.75 -7.98
N LYS A 293 -1.45 -7.48 -7.00
CA LYS A 293 -0.42 -8.50 -7.25
C LYS A 293 -0.95 -9.55 -8.22
N ASN A 294 -0.07 -10.13 -9.02
CA ASN A 294 -0.49 -11.12 -10.03
C ASN A 294 -0.66 -12.54 -9.47
N LEU A 295 -0.09 -12.77 -8.30
CA LEU A 295 -0.33 -14.01 -7.57
CA LEU A 295 -0.34 -14.00 -7.58
C LEU A 295 -0.75 -13.69 -6.15
N VAL A 296 -1.94 -14.15 -5.78
CA VAL A 296 -2.46 -13.88 -4.46
C VAL A 296 -3.22 -15.09 -3.97
N ILE A 297 -2.90 -15.52 -2.76
CA ILE A 297 -3.69 -16.50 -2.07
C ILE A 297 -4.12 -15.91 -0.73
N ASP A 298 -5.42 -15.71 -0.56
CA ASP A 298 -5.98 -14.93 0.54
C ASP A 298 -6.88 -15.85 1.35
N ILE A 299 -6.51 -16.12 2.58
CA ILE A 299 -7.21 -17.11 3.39
C ILE A 299 -7.82 -16.45 4.62
N HIS A 300 -9.15 -16.47 4.68
CA HIS A 300 -9.92 -15.83 5.76
C HIS A 300 -10.45 -16.82 6.80
N GLY A 301 -10.06 -16.60 8.04
CA GLY A 301 -10.44 -17.51 9.11
C GLY A 301 -11.34 -16.86 10.14
N THR A 302 -11.80 -17.66 11.09
CA THR A 302 -12.68 -17.18 12.15
C THR A 302 -11.87 -16.35 13.12
N LYS A 303 -10.57 -16.57 13.15
CA LYS A 303 -9.70 -15.96 14.16
C LYS A 303 -8.53 -15.17 13.59
N GLY A 304 -8.30 -15.25 12.30
CA GLY A 304 -7.23 -14.50 11.68
C GLY A 304 -7.25 -14.69 10.19
N ASP A 305 -6.38 -13.96 9.49
CA ASP A 305 -6.26 -14.07 8.04
C ASP A 305 -4.82 -14.37 7.72
N LEU A 306 -4.65 -15.00 6.58
CA LEU A 306 -3.33 -15.29 6.06
CA LEU A 306 -3.34 -15.33 6.04
C LEU A 306 -3.36 -14.94 4.58
N LYS A 307 -2.37 -14.20 4.13
CA LYS A 307 -2.32 -13.85 2.71
C LYS A 307 -0.92 -14.07 2.14
N LEU A 308 -0.83 -14.79 1.02
CA LEU A 308 0.43 -14.95 0.32
C LEU A 308 0.36 -14.14 -0.97
N GLU A 309 1.40 -13.37 -1.26
CA GLU A 309 1.42 -12.59 -2.49
C GLU A 309 2.75 -12.76 -3.18
N GLY A 310 2.73 -12.75 -4.49
CA GLY A 310 3.97 -12.85 -5.25
C GLY A 310 3.99 -11.85 -6.39
N ASP A 311 5.12 -11.17 -6.53
CA ASP A 311 5.36 -10.17 -7.56
C ASP A 311 5.77 -10.86 -8.85
N ALA A 312 6.65 -11.83 -8.71
CA ALA A 312 7.31 -12.45 -9.85
C ALA A 312 7.15 -13.96 -9.87
N GLY A 313 6.50 -14.46 -10.92
CA GLY A 313 6.53 -15.88 -11.21
C GLY A 313 5.52 -16.75 -10.50
N PHE A 314 5.44 -17.98 -10.98
CA PHE A 314 4.52 -19.00 -10.50
C PHE A 314 4.82 -19.36 -9.05
N ALA A 315 3.78 -19.70 -8.30
CA ALA A 315 3.90 -20.00 -6.87
C ALA A 315 5.05 -20.98 -6.57
N GLU A 316 5.15 -22.02 -7.40
CA GLU A 316 6.06 -23.12 -7.08
C GLU A 316 7.53 -22.77 -7.32
N ILE A 317 7.80 -21.65 -7.98
CA ILE A 317 9.19 -21.23 -8.20
C ILE A 317 9.46 -19.79 -7.81
N SER A 318 8.65 -19.22 -6.93
CA SER A 318 8.83 -17.79 -6.72
C SER A 318 9.00 -17.40 -5.26
N ASN A 319 9.72 -16.30 -5.05
CA ASN A 319 9.89 -15.75 -3.73
C ASN A 319 8.62 -14.97 -3.40
N LEU A 320 8.00 -15.29 -2.28
CA LEU A 320 6.69 -14.75 -1.96
C LEU A 320 6.82 -13.86 -0.75
N VAL A 321 5.71 -13.24 -0.36
CA VAL A 321 5.63 -12.65 0.98
C VAL A 321 4.40 -13.23 1.63
N LEU A 322 4.55 -13.61 2.91
CA LEU A 322 3.43 -14.15 3.67
C LEU A 322 3.02 -13.15 4.75
N TYR A 323 1.74 -12.82 4.80
CA TYR A 323 1.22 -11.92 5.82
C TYR A 323 0.25 -12.66 6.70
N TYR A 324 0.38 -12.47 8.00
CA TYR A 324 -0.56 -13.08 8.92
C TYR A 324 -1.01 -12.08 9.99
N SER A 325 -2.28 -12.13 10.34
CA SER A 325 -2.75 -11.43 11.52
C SER A 325 -3.95 -12.16 12.12
N GLY A 326 -3.88 -12.44 13.41
CA GLY A 326 -4.98 -13.06 14.14
C GLY A 326 -4.66 -13.41 15.60
N THR A 327 -5.34 -14.44 16.13
CA THR A 327 -5.16 -14.88 17.52
C THR A 327 -5.62 -16.32 17.75
N ARG A 328 -5.07 -16.98 18.76
CA ARG A 328 -5.57 -18.29 19.15
C ARG A 328 -6.32 -18.20 20.48
N ALA A 329 -6.71 -16.98 20.84
CA ALA A 329 -7.49 -16.76 22.06
C ALA A 329 -8.97 -17.07 21.83
N LEU A 342 9.11 -23.68 21.22
CA LEU A 342 8.85 -22.31 20.80
C LEU A 342 7.62 -21.72 21.51
N ASP A 343 7.81 -21.29 22.75
CA ASP A 343 6.72 -20.70 23.53
C ASP A 343 6.93 -19.21 23.81
N PRO A 344 6.12 -18.36 23.19
CA PRO A 344 6.16 -16.90 23.34
C PRO A 344 5.02 -16.39 24.21
N GLY A 345 5.33 -15.47 25.13
CA GLY A 345 4.35 -14.99 26.11
C GLY A 345 3.49 -13.82 25.67
N TYR A 346 2.29 -14.13 25.16
CA TYR A 346 1.43 -13.11 24.57
C TYR A 346 0.23 -12.69 25.42
N ASP A 347 -0.34 -11.54 25.07
CA ASP A 347 -1.52 -11.00 25.74
C ASP A 347 -2.78 -11.51 25.05
N ALA A 348 -3.73 -11.99 25.84
CA ALA A 348 -4.92 -12.66 25.32
C ALA A 348 -5.79 -11.81 24.39
N GLY A 349 -5.90 -10.52 24.66
CA GLY A 349 -6.79 -9.66 23.89
C GLY A 349 -6.15 -8.84 22.78
N LYS A 350 -5.05 -9.32 22.21
CA LYS A 350 -4.32 -8.57 21.21
C LYS A 350 -3.95 -9.42 20.00
N GLU A 351 -4.18 -8.89 18.81
CA GLU A 351 -3.81 -9.59 17.59
C GLU A 351 -2.30 -9.74 17.46
N ILE A 352 -1.90 -10.89 16.94
CA ILE A 352 -0.51 -11.13 16.62
C ILE A 352 -0.32 -10.80 15.13
N MET A 353 0.75 -10.09 14.82
CA MET A 353 1.08 -9.76 13.43
C MET A 353 2.35 -10.54 13.07
N GLU A 354 2.35 -11.18 11.91
CA GLU A 354 3.58 -11.77 11.40
C GLU A 354 3.78 -11.47 9.93
N VAL A 355 5.02 -11.15 9.57
CA VAL A 355 5.37 -11.04 8.18
C VAL A 355 6.52 -11.98 7.90
N TYR A 356 6.40 -12.75 6.84
CA TYR A 356 7.42 -13.73 6.55
C TYR A 356 7.92 -13.56 5.13
N HIS A 357 9.13 -13.02 5.00
CA HIS A 357 9.76 -12.84 3.71
C HIS A 357 11.25 -13.11 3.81
N LEU A 358 11.77 -13.86 2.85
CA LEU A 358 13.19 -14.23 2.84
C LEU A 358 13.82 -13.52 1.65
N ARG A 359 14.52 -12.42 1.93
CA ARG A 359 15.00 -11.54 0.88
C ARG A 359 15.95 -12.22 -0.11
N ASN A 360 16.90 -12.99 0.39
CA ASN A 360 17.86 -13.64 -0.50
C ASN A 360 17.49 -15.08 -0.89
N TYR A 361 16.20 -15.40 -0.88
CA TYR A 361 15.78 -16.75 -1.22
C TYR A 361 15.57 -16.93 -2.72
N ASN A 362 16.35 -17.84 -3.31
CA ASN A 362 16.24 -18.20 -4.71
C ASN A 362 15.31 -19.41 -4.75
N ALA A 363 14.05 -19.18 -5.09
CA ALA A 363 13.03 -20.23 -5.09
C ALA A 363 13.09 -21.18 -6.31
N ILE A 364 13.65 -20.70 -7.41
CA ILE A 364 13.80 -21.54 -8.60
C ILE A 364 14.69 -22.75 -8.26
N VAL A 365 15.84 -22.47 -7.68
CA VAL A 365 16.75 -23.52 -7.24
C VAL A 365 16.32 -24.08 -5.88
N GLY A 366 15.91 -23.19 -4.97
CA GLY A 366 15.65 -23.56 -3.59
C GLY A 366 14.53 -24.55 -3.36
N ASN A 367 13.40 -24.39 -4.02
CA ASN A 367 12.29 -25.32 -3.75
C ASN A 367 12.63 -26.75 -4.20
N ILE A 368 13.27 -26.88 -5.36
CA ILE A 368 13.70 -28.18 -5.87
CA ILE A 368 13.67 -28.20 -5.84
C ILE A 368 14.78 -28.77 -4.97
N HIS A 369 15.68 -27.91 -4.52
CA HIS A 369 16.74 -28.31 -3.63
C HIS A 369 16.18 -28.92 -2.34
N ARG A 370 15.13 -28.32 -1.79
CA ARG A 370 14.53 -28.81 -0.56
C ARG A 370 13.79 -30.11 -0.82
N LEU A 371 13.31 -30.28 -2.05
CA LEU A 371 12.71 -31.56 -2.42
C LEU A 371 13.80 -32.67 -2.45
N TYR A 372 14.94 -32.40 -3.07
CA TYR A 372 16.04 -33.37 -3.07
C TYR A 372 16.49 -33.69 -1.64
N GLN A 373 16.56 -32.65 -0.82
CA GLN A 373 16.94 -32.79 0.58
C GLN A 373 16.00 -33.80 1.26
N SER A 374 14.70 -33.72 0.98
CA SER A 374 13.73 -34.63 1.61
C SER A 374 13.88 -36.07 1.09
N ILE A 375 14.25 -36.23 -0.16
CA ILE A 375 14.53 -37.55 -0.71
C ILE A 375 15.73 -38.12 0.01
N SER A 376 16.77 -37.29 0.15
CA SER A 376 17.99 -37.67 0.86
C SER A 376 17.70 -38.03 2.32
N ASP A 377 16.88 -37.21 2.98
CA ASP A 377 16.55 -37.45 4.39
C ASP A 377 15.85 -38.79 4.55
N PHE A 378 14.92 -39.07 3.65
CA PHE A 378 14.20 -40.33 3.68
C PHE A 378 15.13 -41.52 3.46
N HIS A 379 15.98 -41.39 2.44
CA HIS A 379 16.87 -42.48 2.03
C HIS A 379 17.88 -42.87 3.11
N PHE A 380 18.53 -41.87 3.69
CA PHE A 380 19.60 -42.10 4.65
C PHE A 380 19.04 -42.09 6.08
N ASN A 381 17.73 -41.98 6.19
CA ASN A 381 17.06 -41.94 7.50
C ASN A 381 17.83 -41.01 8.45
N THR A 382 17.91 -39.74 8.08
CA THR A 382 18.70 -38.78 8.84
C THR A 382 18.12 -38.51 10.22
N LYS A 383 16.83 -38.24 10.29
CA LYS A 383 16.14 -38.04 11.57
C LYS A 383 16.24 -39.29 12.44
N LYS A 384 16.75 -40.37 11.85
CA LYS A 384 16.94 -41.64 12.54
C LYS A 384 15.65 -42.21 13.14
N ILE A 385 14.52 -41.91 12.49
CA ILE A 385 13.23 -42.47 12.88
C ILE A 385 13.29 -43.99 12.94
N PRO A 386 13.04 -44.56 14.13
CA PRO A 386 13.30 -45.98 14.45
C PRO A 386 12.60 -46.97 13.52
N GLU A 387 11.39 -46.66 13.07
CA GLU A 387 10.65 -47.55 12.18
C GLU A 387 10.12 -46.84 10.94
N LEU A 388 11.02 -46.27 10.16
CA LEU A 388 10.65 -45.68 8.89
C LEU A 388 10.58 -46.79 7.84
N PRO A 389 9.37 -47.01 7.27
CA PRO A 389 9.14 -47.99 6.20
C PRO A 389 10.00 -47.72 4.96
N SER A 390 10.18 -48.74 4.14
CA SER A 390 11.01 -48.65 2.96
C SER A 390 10.40 -47.70 1.93
N GLN A 391 9.07 -47.72 1.86
CA GLN A 391 8.35 -46.92 0.87
C GLN A 391 7.03 -46.47 1.44
N PHE A 392 6.49 -45.39 0.86
CA PHE A 392 5.15 -44.95 1.18
C PHE A 392 4.40 -44.61 -0.10
N VAL A 393 3.08 -44.78 -0.08
CA VAL A 393 2.27 -44.58 -1.27
C VAL A 393 2.10 -43.11 -1.64
N MET A 394 1.85 -42.26 -0.66
CA MET A 394 1.62 -40.84 -0.93
C MET A 394 2.00 -39.98 0.26
N GLN A 395 2.31 -38.73 0.00
CA GLN A 395 2.56 -37.77 1.07
C GLN A 395 1.24 -37.32 1.68
N GLY A 396 0.22 -37.17 0.83
CA GLY A 396 -1.03 -36.57 1.25
C GLY A 396 -0.74 -35.21 1.85
N PHE A 397 -1.18 -34.98 3.09
CA PHE A 397 -1.02 -33.69 3.76
C PHE A 397 0.04 -33.69 4.84
N ASP A 398 0.82 -34.76 4.90
CA ASP A 398 1.91 -34.84 5.87
C ASP A 398 3.01 -33.80 5.58
N PHE A 399 3.59 -33.22 6.63
CA PHE A 399 4.75 -32.35 6.48
C PHE A 399 5.95 -33.15 5.95
N GLU A 400 6.18 -34.32 6.55
CA GLU A 400 7.33 -35.17 6.26
CA GLU A 400 7.39 -35.07 6.19
C GLU A 400 7.24 -35.80 4.86
N GLY A 401 8.34 -36.32 4.36
CA GLY A 401 8.36 -37.04 3.11
C GLY A 401 8.29 -36.07 1.94
N PHE A 402 7.71 -36.54 0.83
CA PHE A 402 7.69 -35.78 -0.40
C PHE A 402 6.54 -36.29 -1.24
N PRO A 403 6.02 -35.46 -2.16
CA PRO A 403 4.87 -35.90 -2.95
C PRO A 403 5.27 -36.98 -3.93
N THR A 404 4.38 -37.93 -4.15
CA THR A 404 4.66 -39.08 -5.00
C THR A 404 3.83 -39.02 -6.29
N LEU A 405 3.93 -40.08 -7.08
CA LEU A 405 3.11 -40.22 -8.28
C LEU A 405 1.64 -40.43 -7.94
N MET A 406 1.34 -40.88 -6.71
CA MET A 406 -0.05 -40.97 -6.31
C MET A 406 -0.61 -39.55 -6.03
N ASP A 407 0.18 -38.70 -5.38
CA ASP A 407 -0.26 -37.32 -5.20
C ASP A 407 -0.43 -36.68 -6.57
N ALA A 408 0.45 -37.02 -7.51
CA ALA A 408 0.35 -36.51 -8.88
C ALA A 408 -0.94 -36.99 -9.57
N LEU A 409 -1.26 -38.26 -9.39
CA LEU A 409 -2.45 -38.85 -9.99
C LEU A 409 -3.74 -38.17 -9.49
N ILE A 410 -3.80 -37.94 -8.19
CA ILE A 410 -4.95 -37.29 -7.59
C ILE A 410 -5.10 -35.89 -8.17
N LEU A 411 -3.99 -35.23 -8.44
CA LEU A 411 -4.03 -33.89 -9.03
C LEU A 411 -4.51 -33.98 -10.47
N HIS A 412 -4.00 -34.97 -11.21
CA HIS A 412 -4.53 -35.20 -12.54
C HIS A 412 -6.04 -35.43 -12.56
N ARG A 413 -6.55 -36.16 -11.57
CA ARG A 413 -7.97 -36.46 -11.51
C ARG A 413 -8.74 -35.16 -11.29
N LEU A 414 -8.17 -34.26 -10.47
CA LEU A 414 -8.78 -32.96 -10.23
C LEU A 414 -8.77 -32.10 -11.51
N ILE A 415 -7.64 -32.07 -12.22
CA ILE A 415 -7.55 -31.33 -13.47
CA ILE A 415 -7.55 -31.33 -13.47
C ILE A 415 -8.54 -31.87 -14.50
N GLU A 416 -8.62 -33.18 -14.60
CA GLU A 416 -9.59 -33.82 -15.50
C GLU A 416 -11.02 -33.34 -15.21
N SER A 417 -11.38 -33.28 -13.93
N SER A 417 -11.38 -33.28 -13.93
CA SER A 417 -12.70 -32.83 -13.54
CA SER A 417 -12.73 -32.83 -13.56
C SER A 417 -12.93 -31.35 -13.88
C SER A 417 -12.94 -31.34 -13.85
N VAL A 418 -11.87 -30.55 -13.83
CA VAL A 418 -11.97 -29.16 -14.20
C VAL A 418 -12.37 -29.07 -15.68
N TYR A 419 -11.65 -29.79 -16.52
CA TYR A 419 -12.01 -29.89 -17.95
C TYR A 419 -13.38 -30.52 -18.19
N LYS A 420 -13.70 -31.58 -17.47
CA LYS A 420 -15.03 -32.18 -17.64
C LYS A 420 -16.12 -31.19 -17.23
N SER A 421 -15.90 -30.50 -16.11
CA SER A 421 -16.89 -29.55 -15.61
C SER A 421 -17.17 -28.46 -16.65
N ASN A 422 -16.12 -27.94 -17.25
CA ASN A 422 -16.28 -27.00 -18.35
C ASN A 422 -17.07 -27.61 -19.51
N MET A 423 -16.75 -28.85 -19.87
CA MET A 423 -17.36 -29.46 -21.04
C MET A 423 -18.85 -29.78 -20.83
N MET A 424 -19.20 -30.20 -19.61
CA MET A 424 -20.57 -30.62 -19.33
C MET A 424 -21.44 -29.47 -18.80
N GLY A 425 -20.83 -28.33 -18.50
CA GLY A 425 -21.58 -27.24 -17.88
C GLY A 425 -22.15 -27.64 -16.54
N SER A 426 -21.38 -28.33 -15.72
CA SER A 426 -21.93 -28.77 -14.45
C SER A 426 -20.95 -28.75 -13.30
N THR A 427 -21.49 -28.58 -12.11
CA THR A 427 -20.74 -28.68 -10.88
C THR A 427 -20.51 -30.16 -10.56
N LEU A 428 -19.25 -30.55 -10.36
CA LEU A 428 -18.95 -31.96 -10.19
C LEU A 428 -18.59 -32.29 -8.74
N ASN A 429 -19.06 -33.44 -8.28
CA ASN A 429 -18.62 -34.01 -7.00
C ASN A 429 -17.29 -34.76 -7.18
N VAL A 430 -16.21 -34.23 -6.61
CA VAL A 430 -14.89 -34.84 -6.78
C VAL A 430 -14.36 -35.37 -5.45
N SER A 431 -15.29 -35.57 -4.51
CA SER A 431 -14.96 -35.89 -3.13
C SER A 431 -14.17 -37.20 -3.01
N ASN A 432 -14.31 -38.07 -4.01
CA ASN A 432 -13.68 -39.38 -3.96
C ASN A 432 -12.42 -39.58 -4.83
N ILE A 433 -11.87 -38.49 -5.38
CA ILE A 433 -10.74 -38.68 -6.31
C ILE A 433 -9.45 -39.08 -5.59
N SER A 434 -9.40 -38.84 -4.28
CA SER A 434 -8.22 -39.20 -3.53
C SER A 434 -8.21 -40.69 -3.15
N HIS A 435 -9.28 -41.41 -3.49
CA HIS A 435 -9.38 -42.84 -3.17
C HIS A 435 -8.96 -43.67 -4.37
N TYR A 436 -8.14 -44.68 -4.13
CA TYR A 436 -7.65 -45.56 -5.18
C TYR A 436 -8.14 -46.95 -4.88
N SER A 437 -8.55 -47.68 -5.91
CA SER A 437 -8.95 -49.07 -5.75
C SER A 437 -8.26 -49.96 -6.77
N LEU A 438 -8.75 -49.91 -8.00
CA LEU A 438 -8.35 -50.82 -9.08
C LEU A 438 -9.01 -52.20 -8.93
N ALA B 18 -42.97 24.83 -13.46
CA ALA B 18 -44.18 24.03 -13.27
C ALA B 18 -44.36 23.64 -11.81
N ALA B 19 -45.44 22.94 -11.52
CA ALA B 19 -45.74 22.56 -10.15
C ALA B 19 -44.88 21.38 -9.74
N PRO B 20 -44.55 21.30 -8.45
CA PRO B 20 -43.75 20.16 -7.98
C PRO B 20 -44.46 18.84 -8.21
N ILE B 21 -43.68 17.80 -8.44
CA ILE B 21 -44.15 16.42 -8.38
C ILE B 21 -44.63 16.13 -6.97
N ARG B 22 -45.90 15.76 -6.83
CA ARG B 22 -46.47 15.45 -5.52
C ARG B 22 -46.26 13.97 -5.16
N VAL B 23 -45.57 13.74 -4.05
CA VAL B 23 -45.13 12.39 -3.68
C VAL B 23 -46.00 11.83 -2.56
N GLY B 24 -46.46 10.60 -2.74
CA GLY B 24 -47.14 9.86 -1.68
C GLY B 24 -46.24 8.73 -1.25
N PHE B 25 -46.01 8.60 0.06
CA PHE B 25 -45.14 7.56 0.60
C PHE B 25 -45.89 6.45 1.30
N VAL B 26 -45.51 5.22 0.99
CA VAL B 26 -45.84 4.10 1.84
C VAL B 26 -44.54 3.63 2.48
N GLY B 27 -44.39 3.93 3.77
CA GLY B 27 -43.19 3.52 4.50
C GLY B 27 -42.26 4.64 4.94
N LEU B 28 -42.70 5.89 4.84
CA LEU B 28 -41.88 6.97 5.38
C LEU B 28 -42.18 7.13 6.87
N ASN B 29 -41.23 6.75 7.72
CA ASN B 29 -41.43 6.84 9.16
C ASN B 29 -40.33 7.69 9.78
N ALA B 30 -40.73 8.74 10.50
CA ALA B 30 -39.75 9.67 11.07
C ALA B 30 -38.84 8.97 12.08
N ALA B 31 -39.35 7.91 12.71
CA ALA B 31 -38.64 7.24 13.80
C ALA B 31 -37.65 6.19 13.32
N LYS B 32 -37.85 5.65 12.12
CA LYS B 32 -36.95 4.61 11.62
C LYS B 32 -37.10 4.27 10.14
N GLY B 33 -36.15 3.48 9.64
CA GLY B 33 -36.23 2.99 8.29
C GLY B 33 -35.33 3.72 7.31
N TRP B 34 -35.35 3.29 6.06
CA TRP B 34 -34.48 3.81 5.02
C TRP B 34 -34.96 5.15 4.48
N ALA B 35 -36.26 5.27 4.23
CA ALA B 35 -36.79 6.46 3.56
C ALA B 35 -36.39 7.73 4.30
N ILE B 36 -36.44 7.68 5.63
CA ILE B 36 -36.18 8.87 6.43
C ILE B 36 -34.71 9.28 6.30
N LYS B 37 -33.82 8.30 6.14
CA LYS B 37 -32.38 8.56 5.99
C LYS B 37 -31.99 8.99 4.58
N THR B 38 -32.83 8.69 3.60
CA THR B 38 -32.39 8.85 2.21
C THR B 38 -33.36 9.64 1.34
N HIS B 39 -34.57 9.13 1.16
CA HIS B 39 -35.55 9.81 0.31
C HIS B 39 -35.92 11.18 0.84
N TYR B 40 -36.18 11.26 2.14
CA TYR B 40 -36.60 12.51 2.76
C TYR B 40 -35.55 13.63 2.57
N PRO B 41 -34.30 13.39 3.00
CA PRO B 41 -33.29 14.44 2.80
C PRO B 41 -33.11 14.82 1.33
N ALA B 42 -33.31 13.88 0.42
CA ALA B 42 -33.24 14.16 -1.01
C ALA B 42 -34.33 15.13 -1.44
N ILE B 43 -35.54 14.89 -0.97
CA ILE B 43 -36.65 15.77 -1.31
C ILE B 43 -36.44 17.18 -0.75
N LEU B 44 -35.88 17.29 0.45
CA LEU B 44 -35.61 18.61 1.04
C LEU B 44 -34.71 19.42 0.12
N GLN B 45 -33.75 18.75 -0.50
CA GLN B 45 -32.80 19.41 -1.38
C GLN B 45 -33.42 19.78 -2.72
N LEU B 46 -34.59 19.22 -3.00
CA LEU B 46 -35.29 19.43 -4.26
C LEU B 46 -36.71 19.89 -3.99
N SER B 47 -36.86 20.75 -2.98
CA SER B 47 -38.18 21.11 -2.47
C SER B 47 -39.07 21.83 -3.49
N SER B 48 -38.46 22.40 -4.52
CA SER B 48 -39.23 22.99 -5.61
C SER B 48 -39.65 21.96 -6.68
N GLN B 49 -38.97 20.82 -6.72
CA GLN B 49 -39.27 19.80 -7.73
C GLN B 49 -40.19 18.71 -7.21
N PHE B 50 -40.17 18.52 -5.89
CA PHE B 50 -40.94 17.47 -5.24
C PHE B 50 -41.59 18.02 -3.97
N GLN B 51 -42.82 17.59 -3.72
CA GLN B 51 -43.49 17.90 -2.46
C GLN B 51 -44.20 16.67 -1.93
N ILE B 52 -44.07 16.43 -0.62
CA ILE B 52 -44.72 15.29 0.00
C ILE B 52 -46.15 15.66 0.37
N THR B 53 -47.10 15.00 -0.27
CA THR B 53 -48.50 15.33 -0.03
C THR B 53 -49.27 14.19 0.64
N ALA B 54 -48.67 13.00 0.75
CA ALA B 54 -49.45 11.88 1.27
C ALA B 54 -48.63 10.81 1.97
N LEU B 55 -49.15 10.32 3.08
CA LEU B 55 -48.55 9.17 3.75
C LEU B 55 -49.60 8.10 3.98
N TYR B 56 -49.19 6.85 3.90
CA TYR B 56 -50.03 5.75 4.34
C TYR B 56 -49.22 4.76 5.18
N SER B 57 -49.77 4.43 6.34
CA SER B 57 -49.26 3.37 7.19
C SER B 57 -50.46 2.65 7.80
N PRO B 58 -50.35 1.33 8.02
CA PRO B 58 -51.41 0.58 8.68
C PRO B 58 -51.91 1.27 9.97
N LYS B 59 -51.00 1.78 10.79
CA LYS B 59 -51.41 2.59 11.95
C LYS B 59 -51.44 4.06 11.56
N ILE B 60 -52.62 4.68 11.55
CA ILE B 60 -52.67 6.07 11.15
C ILE B 60 -51.81 6.95 12.07
N GLU B 61 -51.67 6.55 13.33
CA GLU B 61 -50.87 7.29 14.31
C GLU B 61 -49.41 7.44 13.90
N THR B 62 -48.89 6.45 13.18
CA THR B 62 -47.53 6.53 12.66
C THR B 62 -47.39 7.64 11.62
N SER B 63 -48.34 7.71 10.69
CA SER B 63 -48.37 8.78 9.69
C SER B 63 -48.53 10.16 10.32
N ILE B 64 -49.49 10.28 11.24
CA ILE B 64 -49.75 11.54 11.94
C ILE B 64 -48.48 12.01 12.67
N ALA B 65 -47.85 11.09 13.41
CA ALA B 65 -46.62 11.40 14.14
C ALA B 65 -45.53 11.87 13.19
N THR B 66 -45.34 11.14 12.10
CA THR B 66 -44.34 11.49 11.10
C THR B 66 -44.62 12.87 10.49
N ILE B 67 -45.87 13.09 10.08
CA ILE B 67 -46.28 14.38 9.54
C ILE B 67 -45.98 15.52 10.52
N GLN B 68 -46.24 15.29 11.80
N GLN B 68 -46.21 15.29 11.80
CA GLN B 68 -45.98 16.28 12.84
CA GLN B 68 -45.99 16.32 12.81
C GLN B 68 -44.48 16.53 12.99
C GLN B 68 -44.50 16.55 13.11
N ARG B 69 -43.74 15.47 13.24
CA ARG B 69 -42.31 15.58 13.54
C ARG B 69 -41.51 16.18 12.40
N LEU B 70 -41.92 15.92 11.17
CA LEU B 70 -41.19 16.43 10.02
C LEU B 70 -41.84 17.68 9.49
N LYS B 71 -42.86 18.16 10.19
CA LYS B 71 -43.58 19.36 9.77
C LYS B 71 -44.00 19.29 8.29
N LEU B 72 -44.59 18.18 7.90
CA LEU B 72 -45.03 18.01 6.52
C LEU B 72 -46.34 18.77 6.25
N SER B 73 -46.22 20.06 6.01
CA SER B 73 -47.36 20.97 5.90
C SER B 73 -48.29 20.68 4.72
N ASN B 74 -47.79 20.01 3.68
CA ASN B 74 -48.61 19.73 2.50
C ASN B 74 -49.17 18.32 2.49
N ALA B 75 -48.95 17.57 3.56
CA ALA B 75 -49.23 16.15 3.55
C ALA B 75 -50.45 15.75 4.37
N THR B 76 -51.16 14.73 3.90
CA THR B 76 -52.28 14.20 4.66
C THR B 76 -52.00 12.73 4.94
N ALA B 77 -52.38 12.30 6.14
CA ALA B 77 -52.30 10.91 6.54
C ALA B 77 -53.57 10.22 6.08
N PHE B 78 -53.44 9.21 5.22
CA PHE B 78 -54.62 8.48 4.76
C PHE B 78 -54.92 7.27 5.63
N PRO B 79 -56.22 7.05 5.88
CA PRO B 79 -56.67 5.98 6.78
C PRO B 79 -56.57 4.59 6.15
N THR B 80 -56.76 4.51 4.83
CA THR B 80 -56.78 3.20 4.16
C THR B 80 -55.88 3.18 2.95
N LEU B 81 -55.44 1.99 2.57
CA LEU B 81 -54.65 1.85 1.36
C LEU B 81 -55.47 2.34 0.18
N GLU B 82 -56.75 2.03 0.17
CA GLU B 82 -57.61 2.41 -0.94
C GLU B 82 -57.72 3.93 -1.06
N SER B 83 -57.93 4.62 0.05
CA SER B 83 -58.07 6.08 -0.01
C SER B 83 -56.75 6.75 -0.40
N PHE B 84 -55.63 6.18 0.01
CA PHE B 84 -54.31 6.67 -0.37
C PHE B 84 -54.09 6.50 -1.88
N ALA B 85 -54.33 5.29 -2.36
CA ALA B 85 -54.01 4.94 -3.75
C ALA B 85 -54.96 5.60 -4.74
N SER B 86 -56.17 5.91 -4.28
CA SER B 86 -57.18 6.56 -5.13
C SER B 86 -57.02 8.07 -5.18
N SER B 87 -56.24 8.65 -4.27
CA SER B 87 -56.16 10.10 -4.12
C SER B 87 -55.55 10.82 -5.32
N SER B 88 -56.21 11.89 -5.76
CA SER B 88 -55.75 12.66 -6.91
C SER B 88 -54.64 13.64 -6.55
N THR B 89 -54.30 13.70 -5.28
CA THR B 89 -53.27 14.62 -4.82
C THR B 89 -51.85 14.05 -4.93
N ILE B 90 -51.68 12.95 -5.65
CA ILE B 90 -50.40 12.25 -5.74
C ILE B 90 -49.99 12.04 -7.19
N ASP B 91 -48.76 12.44 -7.52
CA ASP B 91 -48.22 12.23 -8.87
C ASP B 91 -47.27 11.05 -8.90
N MET B 92 -46.58 10.84 -7.77
CA MET B 92 -45.62 9.75 -7.64
C MET B 92 -45.77 9.03 -6.30
N ILE B 93 -45.98 7.72 -6.37
CA ILE B 93 -46.04 6.87 -5.18
C ILE B 93 -44.68 6.20 -4.95
N VAL B 94 -44.17 6.29 -3.72
CA VAL B 94 -42.92 5.65 -3.35
C VAL B 94 -43.22 4.55 -2.37
N ILE B 95 -42.72 3.35 -2.66
CA ILE B 95 -42.91 2.20 -1.78
C ILE B 95 -41.59 1.88 -1.09
N ALA B 96 -41.49 2.18 0.20
CA ALA B 96 -40.28 1.92 0.95
C ALA B 96 -40.53 1.08 2.21
N ILE B 97 -41.47 0.15 2.13
CA ILE B 97 -41.68 -0.78 3.24
C ILE B 97 -40.83 -2.03 3.06
N GLN B 98 -40.88 -2.92 4.03
CA GLN B 98 -40.15 -4.20 3.94
C GLN B 98 -40.53 -4.92 2.65
N VAL B 99 -39.53 -5.50 2.01
CA VAL B 99 -39.74 -6.20 0.74
C VAL B 99 -40.82 -7.28 0.92
N ALA B 100 -40.84 -7.90 2.09
CA ALA B 100 -41.81 -8.95 2.36
C ALA B 100 -43.25 -8.44 2.22
N SER B 101 -43.42 -7.12 2.27
CA SER B 101 -44.77 -6.55 2.16
C SER B 101 -45.05 -5.93 0.78
N HIS B 102 -44.08 -5.94 -0.12
CA HIS B 102 -44.27 -5.26 -1.41
C HIS B 102 -45.45 -5.83 -2.18
N TYR B 103 -45.52 -7.15 -2.23
CA TYR B 103 -46.53 -7.77 -3.08
C TYR B 103 -47.93 -7.50 -2.55
N GLU B 104 -48.12 -7.68 -1.25
CA GLU B 104 -49.45 -7.52 -0.64
C GLU B 104 -49.94 -6.08 -0.65
N VAL B 105 -49.02 -5.11 -0.73
CA VAL B 105 -49.39 -3.71 -0.85
C VAL B 105 -49.54 -3.25 -2.30
N VAL B 106 -48.52 -3.48 -3.11
CA VAL B 106 -48.46 -2.95 -4.47
C VAL B 106 -49.54 -3.47 -5.42
N MET B 107 -49.93 -4.74 -5.26
CA MET B 107 -50.94 -5.29 -6.15
C MET B 107 -52.31 -4.61 -6.02
N PRO B 108 -52.84 -4.50 -4.80
CA PRO B 108 -54.13 -3.80 -4.69
C PRO B 108 -53.99 -2.28 -4.85
N LEU B 109 -52.84 -1.74 -4.44
CA LEU B 109 -52.54 -0.34 -4.67
C LEU B 109 -52.64 0.01 -6.15
N LEU B 110 -52.01 -0.79 -6.99
CA LEU B 110 -52.02 -0.54 -8.43
C LEU B 110 -53.45 -0.50 -8.96
N GLU B 111 -54.28 -1.41 -8.50
CA GLU B 111 -55.67 -1.46 -8.96
C GLU B 111 -56.48 -0.24 -8.46
N PHE B 112 -56.40 0.06 -7.16
CA PHE B 112 -57.03 1.27 -6.62
C PHE B 112 -56.51 2.51 -7.32
N SER B 113 -55.23 2.51 -7.70
CA SER B 113 -54.61 3.70 -8.28
C SER B 113 -55.26 4.14 -9.58
N LYS B 114 -56.09 3.28 -10.16
CA LYS B 114 -56.80 3.62 -11.38
C LYS B 114 -57.81 4.76 -11.16
N ASN B 115 -58.20 4.97 -9.90
CA ASN B 115 -59.06 6.10 -9.54
C ASN B 115 -58.34 7.44 -9.53
N ASN B 116 -57.02 7.41 -9.54
CA ASN B 116 -56.20 8.62 -9.61
C ASN B 116 -55.73 8.89 -11.02
N PRO B 117 -56.34 9.90 -11.67
CA PRO B 117 -56.01 10.24 -13.06
C PRO B 117 -54.63 10.90 -13.16
N ASN B 118 -54.10 11.34 -12.03
CA ASN B 118 -52.84 12.08 -12.01
C ASN B 118 -51.59 11.24 -11.81
N LEU B 119 -51.75 9.94 -11.59
CA LEU B 119 -50.59 9.12 -11.26
C LEU B 119 -49.64 9.02 -12.44
N LYS B 120 -48.39 9.44 -12.24
CA LYS B 120 -47.37 9.35 -13.29
C LYS B 120 -46.20 8.42 -12.98
N TYR B 121 -45.86 8.26 -11.70
CA TYR B 121 -44.68 7.47 -11.32
C TYR B 121 -44.94 6.51 -10.16
N LEU B 122 -44.44 5.28 -10.30
CA LEU B 122 -44.37 4.35 -9.18
C LEU B 122 -42.90 4.00 -8.94
N PHE B 123 -42.45 4.24 -7.70
CA PHE B 123 -41.06 4.19 -7.32
C PHE B 123 -40.96 3.13 -6.24
N VAL B 124 -40.21 2.07 -6.52
CA VAL B 124 -40.08 0.97 -5.56
C VAL B 124 -38.64 0.72 -5.15
N GLU B 125 -38.42 0.44 -3.88
CA GLU B 125 -37.10 0.05 -3.41
C GLU B 125 -36.74 -1.35 -3.91
N TRP B 126 -35.46 -1.60 -4.12
CA TRP B 126 -34.98 -2.93 -4.45
C TRP B 126 -34.78 -3.69 -3.13
N ALA B 127 -35.10 -4.98 -3.05
CA ALA B 127 -35.62 -5.78 -4.13
C ALA B 127 -37.09 -5.53 -4.38
N LEU B 128 -37.49 -5.72 -5.62
CA LEU B 128 -38.88 -5.55 -6.01
C LEU B 128 -39.77 -6.56 -5.30
N ALA B 129 -39.35 -7.81 -5.20
CA ALA B 129 -40.23 -8.83 -4.59
C ALA B 129 -39.43 -9.91 -3.90
N CYS B 130 -40.15 -10.83 -3.25
CA CYS B 130 -39.54 -11.96 -2.53
C CYS B 130 -39.28 -13.19 -3.38
N SER B 131 -39.84 -13.21 -4.59
CA SER B 131 -39.63 -14.33 -5.51
C SER B 131 -39.75 -13.79 -6.92
N LEU B 132 -39.20 -14.49 -7.89
CA LEU B 132 -39.33 -14.09 -9.29
C LEU B 132 -40.79 -14.04 -9.71
N ASP B 133 -41.57 -15.04 -9.28
CA ASP B 133 -42.98 -15.11 -9.62
C ASP B 133 -43.75 -13.86 -9.18
N GLN B 134 -43.50 -13.41 -7.95
CA GLN B 134 -44.14 -12.18 -7.48
C GLN B 134 -43.59 -10.96 -8.20
N ALA B 135 -42.29 -10.98 -8.52
CA ALA B 135 -41.71 -9.92 -9.35
C ALA B 135 -42.41 -9.82 -10.70
N GLU B 136 -42.61 -10.95 -11.36
CA GLU B 136 -43.29 -10.98 -12.66
C GLU B 136 -44.72 -10.43 -12.58
N SER B 137 -45.43 -10.78 -11.50
CA SER B 137 -46.82 -10.36 -11.36
C SER B 137 -46.90 -8.86 -11.14
N ILE B 138 -46.03 -8.36 -10.27
CA ILE B 138 -45.96 -6.94 -10.01
C ILE B 138 -45.65 -6.19 -11.30
N TYR B 139 -44.62 -6.65 -12.02
CA TYR B 139 -44.26 -5.94 -13.25
C TYR B 139 -45.42 -5.91 -14.24
N LYS B 140 -46.10 -7.05 -14.39
CA LYS B 140 -47.20 -7.16 -15.32
C LYS B 140 -48.32 -6.20 -14.90
N ALA B 141 -48.56 -6.12 -13.61
CA ALA B 141 -49.58 -5.22 -13.08
C ALA B 141 -49.19 -3.76 -13.30
N ALA B 142 -47.94 -3.42 -13.05
CA ALA B 142 -47.48 -2.05 -13.27
C ALA B 142 -47.48 -1.63 -14.74
N ALA B 143 -47.14 -2.56 -15.63
CA ALA B 143 -47.13 -2.27 -17.05
C ALA B 143 -48.54 -2.01 -17.54
N GLU B 144 -49.47 -2.82 -17.06
CA GLU B 144 -50.87 -2.67 -17.43
C GLU B 144 -51.44 -1.36 -16.90
N ARG B 145 -51.01 -0.93 -15.72
CA ARG B 145 -51.46 0.35 -15.16
C ARG B 145 -50.99 1.50 -16.04
N GLY B 146 -49.86 1.32 -16.71
CA GLY B 146 -49.40 2.28 -17.70
C GLY B 146 -48.73 3.51 -17.13
N VAL B 147 -48.06 3.39 -15.99
CA VAL B 147 -47.31 4.52 -15.45
C VAL B 147 -45.82 4.25 -15.54
N GLN B 148 -45.04 5.33 -15.52
CA GLN B 148 -43.60 5.22 -15.52
C GLN B 148 -43.12 4.63 -14.20
N THR B 149 -42.27 3.62 -14.26
CA THR B 149 -41.79 2.98 -13.05
C THR B 149 -40.34 3.31 -12.77
N ILE B 150 -39.96 3.23 -11.50
CA ILE B 150 -38.60 3.47 -11.08
C ILE B 150 -38.25 2.41 -10.06
N ILE B 151 -37.05 1.83 -10.17
CA ILE B 151 -36.53 0.97 -9.12
C ILE B 151 -35.35 1.67 -8.47
N SER B 152 -35.19 1.45 -7.17
CA SER B 152 -34.07 2.06 -6.46
C SER B 152 -32.78 1.23 -6.54
N LEU B 153 -32.22 1.19 -7.74
CA LEU B 153 -30.90 0.63 -7.95
C LEU B 153 -29.98 1.85 -8.06
N GLN B 154 -29.82 2.54 -6.93
CA GLN B 154 -29.21 3.87 -6.94
C GLN B 154 -27.70 3.83 -7.13
N GLY B 155 -27.12 2.63 -7.08
CA GLY B 155 -25.75 2.45 -7.52
C GLY B 155 -25.54 2.97 -8.94
N ARG B 156 -26.57 2.90 -9.77
CA ARG B 156 -26.47 3.43 -11.14
C ARG B 156 -26.31 4.95 -11.18
N LYS B 157 -26.51 5.61 -10.04
CA LYS B 157 -26.36 7.07 -10.00
C LYS B 157 -25.20 7.48 -9.10
N SER B 158 -24.38 6.52 -8.71
CA SER B 158 -23.14 6.82 -8.01
C SER B 158 -22.18 7.50 -8.99
N PRO B 159 -21.56 8.62 -8.56
CA PRO B 159 -20.56 9.29 -9.43
C PRO B 159 -19.39 8.38 -9.77
N TYR B 160 -19.08 7.42 -8.89
CA TYR B 160 -17.97 6.49 -9.11
C TYR B 160 -18.31 5.54 -10.23
N ILE B 161 -19.55 5.08 -10.23
CA ILE B 161 -20.03 4.15 -11.24
C ILE B 161 -20.13 4.89 -12.58
N LEU B 162 -20.65 6.11 -12.56
CA LEU B 162 -20.76 6.86 -13.79
CA LEU B 162 -20.74 6.92 -13.78
C LEU B 162 -19.37 7.15 -14.40
N ARG B 163 -18.39 7.49 -13.57
CA ARG B 163 -17.04 7.75 -14.07
C ARG B 163 -16.40 6.49 -14.68
N ALA B 164 -16.56 5.35 -14.02
CA ALA B 164 -16.04 4.07 -14.54
C ALA B 164 -16.68 3.72 -15.88
N LYS B 165 -17.99 3.93 -15.95
CA LYS B 165 -18.78 3.67 -17.14
C LYS B 165 -18.30 4.55 -18.29
N GLU B 166 -18.04 5.83 -17.98
CA GLU B 166 -17.43 6.73 -18.95
C GLU B 166 -16.08 6.21 -19.44
N LEU B 167 -15.20 5.82 -18.51
CA LEU B 167 -13.87 5.36 -18.93
C LEU B 167 -13.97 4.13 -19.84
N ILE B 168 -14.79 3.17 -19.42
CA ILE B 168 -14.93 1.94 -20.17
C ILE B 168 -15.52 2.24 -21.53
N SER B 169 -16.66 2.91 -21.56
CA SER B 169 -17.36 3.16 -22.82
C SER B 169 -16.56 4.03 -23.78
N GLN B 170 -15.66 4.86 -23.26
CA GLN B 170 -14.91 5.73 -24.16
C GLN B 170 -13.60 5.09 -24.62
N GLY B 171 -13.37 3.84 -24.24
CA GLY B 171 -12.23 3.11 -24.78
C GLY B 171 -10.94 3.15 -23.97
N TYR B 172 -11.00 3.72 -22.76
CA TYR B 172 -9.81 3.91 -21.95
C TYR B 172 -9.14 2.62 -21.45
N ILE B 173 -9.88 1.52 -21.35
CA ILE B 173 -9.21 0.26 -21.01
C ILE B 173 -9.15 -0.74 -22.18
N GLY B 174 -9.51 -0.29 -23.38
CA GLY B 174 -9.61 -1.19 -24.53
C GLY B 174 -10.76 -2.17 -24.34
N ASP B 175 -10.58 -3.38 -24.88
CA ASP B 175 -11.53 -4.48 -24.64
C ASP B 175 -11.28 -5.05 -23.25
N ILE B 176 -12.33 -5.54 -22.61
CA ILE B 176 -12.21 -6.09 -21.27
C ILE B 176 -11.70 -7.53 -21.36
N ASN B 177 -10.61 -7.82 -20.66
CA ASN B 177 -10.07 -9.18 -20.63
C ASN B 177 -10.75 -10.05 -19.57
N SER B 178 -10.85 -9.53 -18.35
CA SER B 178 -11.39 -10.30 -17.26
C SER B 178 -11.78 -9.39 -16.11
N ILE B 179 -12.59 -9.92 -15.20
CA ILE B 179 -13.13 -9.14 -14.08
C ILE B 179 -13.19 -9.99 -12.83
N GLU B 180 -12.75 -9.43 -11.70
CA GLU B 180 -12.92 -10.03 -10.37
C GLU B 180 -13.68 -9.09 -9.47
N ILE B 181 -14.62 -9.65 -8.72
CA ILE B 181 -15.40 -8.88 -7.77
C ILE B 181 -15.32 -9.57 -6.42
N ALA B 182 -15.17 -8.77 -5.38
CA ALA B 182 -15.24 -9.27 -4.03
C ALA B 182 -16.12 -8.31 -3.23
N GLY B 183 -17.09 -8.86 -2.51
CA GLY B 183 -18.02 -8.05 -1.74
C GLY B 183 -18.27 -8.63 -0.35
N ASN B 184 -18.95 -7.85 0.49
CA ASN B 184 -19.29 -8.32 1.84
C ASN B 184 -20.74 -7.97 2.13
N GLY B 185 -21.49 -8.92 2.70
CA GLY B 185 -22.89 -8.73 3.00
C GLY B 185 -23.20 -8.07 4.34
N GLY B 186 -22.15 -7.74 5.11
CA GLY B 186 -22.35 -7.07 6.40
C GLY B 186 -22.94 -7.88 7.55
N TRP B 187 -24.12 -8.47 7.38
CA TRP B 187 -24.85 -9.02 8.54
C TRP B 187 -24.68 -10.53 8.74
N TYR B 188 -24.10 -11.20 7.76
CA TYR B 188 -24.20 -12.65 7.74
C TYR B 188 -22.91 -13.39 8.08
N GLY B 189 -22.19 -12.86 9.07
CA GLY B 189 -21.05 -13.57 9.64
C GLY B 189 -21.47 -14.41 10.84
N TYR B 190 -20.56 -14.63 11.77
CA TYR B 190 -20.77 -15.55 12.90
C TYR B 190 -21.58 -14.99 14.07
N GLU B 191 -21.68 -13.66 14.14
CA GLU B 191 -22.35 -12.99 15.26
C GLU B 191 -23.48 -12.11 14.74
N ARG B 192 -24.50 -11.90 15.57
CA ARG B 192 -25.62 -11.02 15.24
C ARG B 192 -25.90 -10.11 16.45
N PRO B 193 -25.95 -8.79 16.24
CA PRO B 193 -26.33 -7.89 17.36
C PRO B 193 -27.70 -8.26 17.92
N VAL B 194 -27.83 -8.22 19.23
CA VAL B 194 -29.08 -8.65 19.84
C VAL B 194 -30.26 -7.75 19.43
N LYS B 195 -29.95 -6.54 18.98
CA LYS B 195 -31.00 -5.61 18.55
C LYS B 195 -31.35 -5.73 17.06
N SER B 196 -30.69 -6.62 16.34
CA SER B 196 -30.92 -6.77 14.91
C SER B 196 -32.21 -7.55 14.65
N PRO B 197 -33.06 -7.04 13.73
CA PRO B 197 -34.35 -7.65 13.44
C PRO B 197 -34.23 -9.00 12.73
N LYS B 198 -34.91 -10.01 13.24
CA LYS B 198 -34.82 -11.37 12.71
C LYS B 198 -35.12 -11.47 11.23
N TYR B 199 -36.00 -10.63 10.71
CA TYR B 199 -36.52 -10.90 9.36
C TYR B 199 -35.44 -10.91 8.28
N ILE B 200 -34.35 -10.18 8.48
CA ILE B 200 -33.33 -10.13 7.44
C ILE B 200 -32.46 -11.38 7.46
N TYR B 201 -32.71 -12.26 8.43
CA TYR B 201 -31.92 -13.49 8.62
C TYR B 201 -32.70 -14.75 8.26
N GLU B 202 -33.94 -14.59 7.81
CA GLU B 202 -34.82 -15.72 7.52
C GLU B 202 -35.19 -15.73 6.04
N ILE B 203 -35.19 -16.92 5.43
CA ILE B 203 -35.44 -17.03 4.00
C ILE B 203 -36.87 -16.59 3.66
N GLY B 204 -37.07 -16.18 2.42
CA GLY B 204 -38.39 -15.80 1.93
C GLY B 204 -38.77 -14.35 2.16
N ASN B 205 -37.89 -13.57 2.78
CA ASN B 205 -38.21 -12.17 3.10
C ASN B 205 -37.68 -11.13 2.11
N GLY B 206 -37.15 -11.59 0.99
CA GLY B 206 -36.70 -10.71 -0.09
C GLY B 206 -35.47 -9.90 0.26
N VAL B 207 -34.78 -10.28 1.33
CA VAL B 207 -33.59 -9.58 1.78
C VAL B 207 -32.53 -10.60 2.17
N ASP B 208 -31.42 -10.60 1.44
CA ASP B 208 -30.34 -11.55 1.71
C ASP B 208 -29.09 -11.18 0.93
N LEU B 209 -28.01 -11.89 1.22
CA LEU B 209 -26.71 -11.63 0.62
C LEU B 209 -26.82 -11.63 -0.90
N VAL B 210 -27.61 -12.55 -1.45
CA VAL B 210 -27.67 -12.73 -2.89
C VAL B 210 -28.59 -11.73 -3.55
N THR B 211 -29.82 -11.69 -3.07
CA THR B 211 -30.83 -10.81 -3.63
C THR B 211 -30.42 -9.34 -3.50
N THR B 212 -30.02 -8.93 -2.31
CA THR B 212 -29.82 -7.52 -2.03
C THR B 212 -28.43 -7.02 -2.40
N THR B 213 -27.44 -7.50 -1.66
CA THR B 213 -26.06 -7.05 -1.85
C THR B 213 -25.40 -7.49 -3.18
N PHE B 214 -25.43 -8.78 -3.49
CA PHE B 214 -24.98 -9.22 -4.81
C PHE B 214 -25.82 -8.58 -5.93
N GLY B 215 -27.13 -8.54 -5.74
CA GLY B 215 -27.99 -7.87 -6.70
C GLY B 215 -27.52 -6.45 -7.09
N HIS B 216 -27.41 -5.56 -6.11
CA HIS B 216 -26.93 -4.20 -6.36
C HIS B 216 -25.58 -4.24 -7.11
N THR B 217 -24.66 -5.02 -6.60
CA THR B 217 -23.30 -5.00 -7.11
C THR B 217 -23.20 -5.54 -8.53
N ILE B 218 -23.88 -6.66 -8.79
CA ILE B 218 -23.82 -7.26 -10.11
C ILE B 218 -24.58 -6.43 -11.12
N ASP B 219 -25.64 -5.73 -10.70
CA ASP B 219 -26.32 -4.84 -11.63
C ASP B 219 -25.42 -3.66 -12.02
N ILE B 220 -24.75 -3.09 -11.02
CA ILE B 220 -23.72 -2.09 -11.23
C ILE B 220 -22.68 -2.55 -12.28
N LEU B 221 -22.19 -3.78 -12.15
CA LEU B 221 -21.22 -4.27 -13.12
C LEU B 221 -21.81 -4.33 -14.52
N GLN B 222 -23.04 -4.83 -14.63
CA GLN B 222 -23.68 -4.93 -15.93
C GLN B 222 -23.83 -3.54 -16.53
N TYR B 223 -24.23 -2.58 -15.69
CA TYR B 223 -24.40 -1.20 -16.13
C TYR B 223 -23.08 -0.57 -16.59
N MET B 224 -22.04 -0.73 -15.79
CA MET B 224 -20.73 -0.15 -16.13
CA MET B 224 -20.71 -0.19 -16.09
C MET B 224 -20.12 -0.75 -17.40
N THR B 225 -20.31 -2.05 -17.61
CA THR B 225 -19.76 -2.72 -18.79
C THR B 225 -20.74 -2.74 -19.97
N SER B 226 -21.96 -2.26 -19.75
CA SER B 226 -23.02 -2.37 -20.77
C SER B 226 -23.14 -3.79 -21.34
N SER B 227 -23.29 -4.77 -20.46
CA SER B 227 -23.49 -6.13 -20.90
C SER B 227 -24.27 -6.91 -19.85
N TYR B 228 -25.18 -7.77 -20.32
CA TYR B 228 -25.79 -8.80 -19.48
C TYR B 228 -24.92 -10.07 -19.55
N PHE B 229 -25.29 -11.08 -18.77
CA PHE B 229 -24.54 -12.32 -18.74
C PHE B 229 -24.97 -13.29 -19.83
N SER B 230 -24.01 -14.11 -20.26
CA SER B 230 -24.27 -15.20 -21.18
C SER B 230 -24.48 -16.50 -20.39
N ARG B 231 -23.49 -16.86 -19.57
CA ARG B 231 -23.54 -18.11 -18.81
C ARG B 231 -23.06 -17.85 -17.40
N ILE B 232 -23.69 -18.52 -16.45
CA ILE B 232 -23.35 -18.36 -15.04
C ILE B 232 -23.33 -19.69 -14.29
N ASN B 233 -22.51 -19.74 -13.25
CA ASN B 233 -22.65 -20.79 -12.27
C ASN B 233 -22.51 -20.23 -10.88
N ALA B 234 -23.35 -20.69 -9.97
CA ALA B 234 -23.29 -20.19 -8.59
C ALA B 234 -23.27 -21.32 -7.55
N MET B 235 -22.58 -21.06 -6.45
CA MET B 235 -22.66 -21.91 -5.27
C MET B 235 -23.08 -21.05 -4.07
N VAL B 236 -24.15 -21.46 -3.39
CA VAL B 236 -24.73 -20.64 -2.33
C VAL B 236 -24.58 -21.39 -1.01
N PHE B 237 -24.07 -20.71 0.02
CA PHE B 237 -23.69 -21.40 1.25
C PHE B 237 -24.48 -20.97 2.46
N ASN B 238 -24.81 -21.96 3.29
CA ASN B 238 -25.24 -21.70 4.65
C ASN B 238 -24.30 -22.44 5.59
N ASN B 239 -23.03 -22.03 5.63
CA ASN B 239 -22.09 -22.63 6.57
C ASN B 239 -22.26 -22.12 7.98
N ILE B 240 -23.12 -21.13 8.15
CA ILE B 240 -23.34 -20.55 9.49
C ILE B 240 -24.82 -20.61 9.84
N PRO B 241 -25.34 -21.85 10.03
CA PRO B 241 -26.78 -21.99 10.26
C PRO B 241 -27.21 -21.32 11.57
N GLU B 242 -26.24 -21.09 12.46
CA GLU B 242 -26.53 -20.46 13.76
C GLU B 242 -25.54 -19.35 14.06
N GLN B 243 -26.08 -18.17 14.37
CA GLN B 243 -25.23 -17.04 14.74
C GLN B 243 -25.25 -16.82 16.26
N GLU B 244 -24.14 -16.31 16.79
CA GLU B 244 -24.02 -15.94 18.19
C GLU B 244 -24.52 -14.52 18.41
N LEU B 245 -25.45 -14.33 19.35
CA LEU B 245 -25.87 -12.99 19.73
C LEU B 245 -24.75 -12.27 20.46
N ILE B 246 -24.55 -10.99 20.12
CA ILE B 246 -23.56 -10.15 20.77
C ILE B 246 -24.20 -8.86 21.27
N ASP B 247 -23.63 -8.29 22.33
CA ASP B 247 -24.09 -6.98 22.77
C ASP B 247 -23.51 -5.92 21.84
N GLU B 248 -23.80 -4.65 22.14
CA GLU B 248 -23.36 -3.54 21.29
C GLU B 248 -21.86 -3.35 21.36
N ARG B 249 -21.23 -3.90 22.40
CA ARG B 249 -19.78 -3.82 22.54
C ARG B 249 -19.05 -5.01 21.90
N GLY B 250 -19.79 -5.88 21.20
CA GLY B 250 -19.19 -7.00 20.50
C GLY B 250 -18.99 -8.27 21.33
N ASN B 251 -19.41 -8.23 22.59
CA ASN B 251 -19.28 -9.42 23.44
C ASN B 251 -20.39 -10.44 23.20
N ARG B 252 -20.01 -11.70 23.06
CA ARG B 252 -20.99 -12.78 22.87
C ARG B 252 -21.80 -12.98 24.15
N LEU B 253 -23.10 -13.18 23.99
CA LEU B 253 -24.01 -13.19 25.13
C LEU B 253 -24.37 -14.60 25.57
N GLY B 254 -23.85 -15.60 24.85
CA GLY B 254 -24.04 -16.99 25.23
C GLY B 254 -25.32 -17.60 24.69
N GLN B 255 -25.77 -17.13 23.53
CA GLN B 255 -27.01 -17.61 22.95
C GLN B 255 -26.98 -17.53 21.42
N ARG B 256 -27.27 -18.66 20.77
CA ARG B 256 -27.32 -18.71 19.32
C ARG B 256 -28.75 -18.53 18.79
N VAL B 257 -28.85 -18.07 17.56
CA VAL B 257 -30.13 -17.91 16.90
C VAL B 257 -29.98 -18.42 15.48
N PRO B 258 -31.07 -18.92 14.89
CA PRO B 258 -30.97 -19.50 13.55
C PRO B 258 -30.83 -18.47 12.45
N LYS B 259 -30.03 -18.80 11.44
CA LYS B 259 -29.94 -18.01 10.21
C LYS B 259 -30.22 -18.95 9.04
N THR B 260 -31.30 -18.70 8.31
CA THR B 260 -31.58 -19.57 7.18
C THR B 260 -31.13 -18.98 5.84
N VAL B 261 -30.79 -17.69 5.82
CA VAL B 261 -30.29 -17.08 4.59
C VAL B 261 -28.80 -17.38 4.43
N PRO B 262 -28.26 -17.18 3.23
CA PRO B 262 -26.86 -17.53 2.94
C PRO B 262 -25.82 -16.69 3.68
N ASP B 263 -24.67 -17.30 3.96
CA ASP B 263 -23.52 -16.58 4.50
C ASP B 263 -22.34 -16.52 3.53
N HIS B 264 -22.50 -17.11 2.34
CA HIS B 264 -21.51 -16.94 1.28
C HIS B 264 -22.08 -17.17 -0.11
N LEU B 265 -21.50 -16.49 -1.08
CA LEU B 265 -21.86 -16.69 -2.47
C LEU B 265 -20.62 -16.78 -3.33
N LEU B 266 -20.50 -17.88 -4.06
CA LEU B 266 -19.53 -17.92 -5.15
C LEU B 266 -20.28 -17.79 -6.47
N PHE B 267 -19.78 -16.91 -7.34
CA PHE B 267 -20.44 -16.66 -8.63
C PHE B 267 -19.37 -16.49 -9.69
N GLN B 268 -19.57 -17.18 -10.80
CA GLN B 268 -18.68 -16.97 -11.93
C GLN B 268 -19.51 -17.05 -13.19
N GLY B 269 -19.07 -16.37 -14.24
CA GLY B 269 -19.78 -16.39 -15.50
C GLY B 269 -19.12 -15.51 -16.56
N THR B 270 -19.87 -15.29 -17.64
CA THR B 270 -19.34 -14.58 -18.80
C THR B 270 -20.30 -13.49 -19.23
N LEU B 271 -19.76 -12.32 -19.53
CA LEU B 271 -20.53 -11.24 -20.11
C LEU B 271 -20.77 -11.55 -21.56
N LEU B 272 -22.01 -11.37 -22.02
CA LEU B 272 -22.36 -11.56 -23.42
C LEU B 272 -21.45 -10.76 -24.33
N ASN B 273 -21.14 -9.54 -23.94
CA ASN B 273 -20.28 -8.66 -24.73
CA ASN B 273 -20.27 -8.71 -24.76
C ASN B 273 -18.80 -9.00 -24.51
N GLY B 274 -18.22 -9.74 -25.45
CA GLY B 274 -16.82 -10.14 -25.40
C GLY B 274 -16.56 -11.47 -24.67
N ASN B 275 -17.61 -12.18 -24.29
CA ASN B 275 -17.45 -13.45 -23.56
C ASN B 275 -16.47 -13.28 -22.40
N VAL B 276 -16.65 -12.20 -21.64
CA VAL B 276 -15.70 -11.80 -20.60
C VAL B 276 -15.85 -12.62 -19.32
N PRO B 277 -14.76 -13.25 -18.87
CA PRO B 277 -14.74 -14.00 -17.62
C PRO B 277 -14.96 -13.10 -16.41
N VAL B 278 -15.88 -13.48 -15.53
CA VAL B 278 -16.15 -12.74 -14.32
C VAL B 278 -16.12 -13.70 -13.14
N SER B 279 -15.33 -13.36 -12.13
CA SER B 279 -15.20 -14.22 -10.95
C SER B 279 -15.65 -13.39 -9.75
N CYS B 280 -16.52 -13.95 -8.92
N CYS B 280 -16.57 -13.94 -8.95
CA CYS B 280 -17.05 -13.20 -7.80
CA CYS B 280 -17.07 -13.22 -7.78
C CYS B 280 -17.18 -14.02 -6.51
C CYS B 280 -17.08 -14.06 -6.51
N SER B 281 -16.77 -13.41 -5.41
CA SER B 281 -16.90 -14.03 -4.10
C SER B 281 -17.51 -12.99 -3.16
N PHE B 282 -18.65 -13.33 -2.58
CA PHE B 282 -19.30 -12.49 -1.58
C PHE B 282 -19.31 -13.15 -0.21
N LYS B 283 -18.54 -12.55 0.70
CA LYS B 283 -18.47 -12.99 2.08
C LYS B 283 -19.70 -12.49 2.84
N GLY B 284 -20.27 -13.34 3.70
CA GLY B 284 -21.52 -13.01 4.36
C GLY B 284 -21.46 -11.81 5.30
N GLY B 285 -20.35 -11.68 6.02
CA GLY B 285 -20.21 -10.64 7.03
C GLY B 285 -18.83 -10.63 7.67
N LYS B 286 -18.79 -10.28 8.95
CA LYS B 286 -17.56 -10.30 9.73
C LYS B 286 -17.08 -11.72 10.04
N PRO B 287 -15.78 -11.90 10.31
CA PRO B 287 -14.77 -10.83 10.35
C PRO B 287 -14.50 -10.26 8.97
N THR B 288 -14.17 -8.97 8.89
CA THR B 288 -13.79 -8.39 7.62
C THR B 288 -12.37 -8.86 7.26
N LYS B 289 -11.98 -8.68 6.01
CA LYS B 289 -10.68 -9.15 5.57
C LYS B 289 -9.60 -8.26 6.15
N LYS B 290 -8.45 -8.85 6.46
CA LYS B 290 -7.41 -8.07 7.12
C LYS B 290 -6.43 -7.39 6.16
N PHE B 291 -6.27 -7.93 4.96
CA PHE B 291 -5.17 -7.49 4.12
C PHE B 291 -5.64 -7.00 2.76
N THR B 292 -6.96 -6.93 2.62
CA THR B 292 -7.60 -6.62 1.35
C THR B 292 -8.85 -5.79 1.67
N LYS B 293 -9.19 -4.85 0.79
CA LYS B 293 -10.44 -4.09 0.93
C LYS B 293 -11.64 -5.04 0.84
N ASN B 294 -12.73 -4.71 1.52
CA ASN B 294 -13.88 -5.61 1.59
C ASN B 294 -14.82 -5.51 0.40
N LEU B 295 -14.69 -4.43 -0.34
CA LEU B 295 -15.40 -4.26 -1.59
CA LEU B 295 -15.41 -4.24 -1.58
C LEU B 295 -14.40 -3.92 -2.68
N VAL B 296 -14.33 -4.75 -3.70
CA VAL B 296 -13.38 -4.53 -4.79
C VAL B 296 -14.04 -4.91 -6.10
N ILE B 297 -13.93 -4.04 -7.10
CA ILE B 297 -14.32 -4.40 -8.46
C ILE B 297 -13.11 -4.12 -9.34
N ASP B 298 -12.47 -5.18 -9.84
CA ASP B 298 -11.21 -5.06 -10.57
C ASP B 298 -11.44 -5.45 -12.02
N ILE B 299 -11.23 -4.51 -12.94
CA ILE B 299 -11.54 -4.70 -14.36
C ILE B 299 -10.26 -4.58 -15.20
N HIS B 300 -9.90 -5.69 -15.83
CA HIS B 300 -8.64 -5.77 -16.57
C HIS B 300 -8.91 -5.73 -18.05
N GLY B 301 -8.35 -4.74 -18.73
CA GLY B 301 -8.59 -4.56 -20.15
C GLY B 301 -7.35 -4.72 -20.99
N THR B 302 -7.50 -4.67 -22.31
CA THR B 302 -6.36 -4.85 -23.21
C THR B 302 -5.44 -3.65 -23.19
N LYS B 303 -5.97 -2.49 -22.78
CA LYS B 303 -5.22 -1.25 -22.86
C LYS B 303 -5.08 -0.55 -21.51
N GLY B 304 -5.82 -1.00 -20.52
CA GLY B 304 -5.70 -0.44 -19.18
C GLY B 304 -6.51 -1.23 -18.18
N ASP B 305 -6.43 -0.84 -16.92
CA ASP B 305 -7.17 -1.46 -15.83
C ASP B 305 -7.91 -0.37 -15.10
N LEU B 306 -9.07 -0.73 -14.56
CA LEU B 306 -9.83 0.12 -13.69
C LEU B 306 -10.19 -0.71 -12.46
N LYS B 307 -10.00 -0.14 -11.28
CA LYS B 307 -10.34 -0.80 -10.02
C LYS B 307 -11.14 0.15 -9.11
N LEU B 308 -12.27 -0.33 -8.61
CA LEU B 308 -13.05 0.38 -7.60
C LEU B 308 -12.91 -0.30 -6.24
N GLU B 309 -12.56 0.46 -5.21
CA GLU B 309 -12.46 -0.12 -3.86
C GLU B 309 -13.30 0.67 -2.88
N GLY B 310 -13.86 -0.04 -1.91
CA GLY B 310 -14.57 0.62 -0.83
C GLY B 310 -14.23 0.01 0.51
N ASP B 311 -13.94 0.84 1.50
CA ASP B 311 -13.61 0.36 2.82
C ASP B 311 -14.87 0.31 3.68
N ALA B 312 -15.86 1.11 3.31
CA ALA B 312 -17.06 1.25 4.13
C ALA B 312 -18.33 1.22 3.29
N GLY B 313 -19.19 0.25 3.60
CA GLY B 313 -20.52 0.22 3.04
C GLY B 313 -20.64 -0.55 1.73
N PHE B 314 -21.85 -1.04 1.47
CA PHE B 314 -22.21 -1.65 0.21
C PHE B 314 -22.01 -0.66 -0.93
N ALA B 315 -21.69 -1.18 -2.12
CA ALA B 315 -21.39 -0.34 -3.29
C ALA B 315 -22.42 0.77 -3.56
N GLU B 316 -23.72 0.45 -3.44
CA GLU B 316 -24.77 1.40 -3.81
C GLU B 316 -24.93 2.59 -2.81
N ILE B 317 -24.25 2.53 -1.66
CA ILE B 317 -24.33 3.60 -0.67
C ILE B 317 -22.95 4.00 -0.15
N SER B 318 -21.92 3.58 -0.86
CA SER B 318 -20.56 3.75 -0.35
C SER B 318 -19.75 4.81 -1.09
N ASN B 319 -18.94 5.53 -0.34
CA ASN B 319 -17.99 6.44 -0.92
C ASN B 319 -16.77 5.62 -1.34
N LEU B 320 -16.53 5.52 -2.65
CA LEU B 320 -15.53 4.60 -3.16
C LEU B 320 -14.27 5.35 -3.52
N VAL B 321 -13.25 4.62 -3.98
CA VAL B 321 -12.16 5.22 -4.73
C VAL B 321 -12.02 4.50 -6.07
N LEU B 322 -11.93 5.27 -7.16
N LEU B 322 -11.90 5.28 -7.14
CA LEU B 322 -11.71 4.69 -8.47
CA LEU B 322 -11.70 4.73 -8.47
C LEU B 322 -10.27 4.89 -8.91
C LEU B 322 -10.27 4.90 -8.93
N TYR B 323 -9.63 3.81 -9.37
CA TYR B 323 -8.25 3.88 -9.87
C TYR B 323 -8.25 3.46 -11.32
N TYR B 324 -7.55 4.24 -12.15
CA TYR B 324 -7.41 3.89 -13.54
C TYR B 324 -5.98 4.10 -13.97
N SER B 325 -5.51 3.17 -14.80
CA SER B 325 -4.25 3.33 -15.49
C SER B 325 -4.30 2.62 -16.86
N GLY B 326 -3.88 3.33 -17.90
CA GLY B 326 -3.87 2.75 -19.23
C GLY B 326 -3.61 3.77 -20.33
N THR B 327 -3.75 3.33 -21.58
CA THR B 327 -3.52 4.21 -22.73
C THR B 327 -4.69 4.15 -23.71
N ARG B 328 -4.99 5.26 -24.34
CA ARG B 328 -6.12 5.32 -25.25
C ARG B 328 -5.70 5.88 -26.60
N ALA B 348 1.10 12.19 -25.91
CA ALA B 348 1.81 11.08 -26.55
C ALA B 348 1.09 9.75 -26.29
N GLY B 349 1.68 8.66 -26.76
CA GLY B 349 1.15 7.32 -26.52
C GLY B 349 1.66 6.72 -25.21
N LYS B 350 1.56 7.50 -24.13
CA LYS B 350 2.10 7.11 -22.85
C LYS B 350 0.97 6.83 -21.85
N GLU B 351 1.31 6.16 -20.76
CA GLU B 351 0.36 5.73 -19.74
C GLU B 351 -0.25 6.92 -19.00
N ILE B 352 -1.57 6.90 -18.89
CA ILE B 352 -2.32 7.87 -18.10
C ILE B 352 -2.68 7.23 -16.76
N MET B 353 -2.53 7.99 -15.69
CA MET B 353 -2.94 7.57 -14.36
C MET B 353 -4.12 8.47 -13.93
N GLU B 354 -5.21 7.88 -13.45
CA GLU B 354 -6.29 8.65 -12.87
C GLU B 354 -6.72 8.09 -11.54
N VAL B 355 -6.93 8.98 -10.57
CA VAL B 355 -7.53 8.58 -9.32
C VAL B 355 -8.76 9.46 -9.12
N TYR B 356 -9.89 8.83 -8.80
CA TYR B 356 -11.12 9.58 -8.65
C TYR B 356 -11.73 9.24 -7.30
N HIS B 357 -11.64 10.20 -6.38
CA HIS B 357 -12.22 10.09 -5.07
C HIS B 357 -12.76 11.42 -4.60
N LEU B 358 -14.01 11.42 -4.12
CA LEU B 358 -14.64 12.65 -3.61
C LEU B 358 -14.70 12.61 -2.09
N ARG B 359 -13.80 13.34 -1.44
CA ARG B 359 -13.65 13.23 0.00
C ARG B 359 -14.92 13.54 0.80
N ASN B 360 -15.63 14.59 0.41
CA ASN B 360 -16.81 15.01 1.17
C ASN B 360 -18.13 14.46 0.61
N TYR B 361 -18.05 13.41 -0.21
CA TYR B 361 -19.26 12.87 -0.79
C TYR B 361 -19.97 11.92 0.16
N ASN B 362 -21.22 12.23 0.46
CA ASN B 362 -22.12 11.39 1.25
C ASN B 362 -22.94 10.53 0.28
N ALA B 363 -22.58 9.27 0.13
CA ALA B 363 -23.21 8.38 -0.87
C ALA B 363 -24.56 7.81 -0.41
N ILE B 364 -24.75 7.73 0.89
CA ILE B 364 -26.02 7.26 1.44
C ILE B 364 -27.15 8.19 0.97
N VAL B 365 -26.95 9.49 1.17
N VAL B 365 -26.99 9.48 1.23
CA VAL B 365 -27.93 10.49 0.79
CA VAL B 365 -27.96 10.47 0.75
C VAL B 365 -27.69 11.00 -0.64
C VAL B 365 -27.72 10.79 -0.73
N GLY B 366 -26.45 10.87 -1.12
CA GLY B 366 -26.10 11.36 -2.43
C GLY B 366 -26.64 10.57 -3.62
N ASN B 367 -26.49 9.25 -3.59
CA ASN B 367 -26.90 8.44 -4.72
C ASN B 367 -28.42 8.46 -4.94
N ILE B 368 -29.16 8.45 -3.84
CA ILE B 368 -30.62 8.55 -3.88
C ILE B 368 -31.01 9.93 -4.39
N HIS B 369 -30.29 10.94 -3.91
CA HIS B 369 -30.55 12.30 -4.34
C HIS B 369 -30.38 12.42 -5.84
N ARG B 370 -29.34 11.80 -6.37
CA ARG B 370 -29.08 11.87 -7.80
C ARG B 370 -30.14 11.10 -8.59
N LEU B 371 -30.67 10.03 -8.01
CA LEU B 371 -31.83 9.35 -8.60
C LEU B 371 -33.07 10.27 -8.66
N TYR B 372 -33.39 10.96 -7.57
CA TYR B 372 -34.50 11.93 -7.58
C TYR B 372 -34.29 13.01 -8.64
N GLN B 373 -33.07 13.51 -8.73
CA GLN B 373 -32.74 14.52 -9.73
C GLN B 373 -33.03 14.04 -11.14
N SER B 374 -32.68 12.77 -11.43
CA SER B 374 -32.90 12.23 -12.76
C SER B 374 -34.38 12.07 -13.05
N ILE B 375 -35.17 11.70 -12.03
CA ILE B 375 -36.62 11.66 -12.19
C ILE B 375 -37.15 13.05 -12.50
N SER B 376 -36.63 14.02 -11.77
CA SER B 376 -37.02 15.41 -11.97
C SER B 376 -36.60 15.93 -13.35
N ASP B 377 -35.37 15.62 -13.76
CA ASP B 377 -34.88 16.03 -15.08
C ASP B 377 -35.75 15.46 -16.20
N PHE B 378 -36.18 14.22 -16.01
CA PHE B 378 -37.02 13.58 -17.00
C PHE B 378 -38.37 14.29 -17.05
N HIS B 379 -38.96 14.46 -15.87
CA HIS B 379 -40.29 15.06 -15.75
C HIS B 379 -40.41 16.50 -16.26
N PHE B 380 -39.47 17.37 -15.92
CA PHE B 380 -39.59 18.77 -16.35
C PHE B 380 -38.85 18.99 -17.66
N ASN B 381 -38.35 17.91 -18.25
CA ASN B 381 -37.51 17.98 -19.45
C ASN B 381 -36.52 19.12 -19.33
N THR B 382 -35.65 19.01 -18.34
CA THR B 382 -34.76 20.09 -17.95
C THR B 382 -33.59 20.26 -18.93
N LYS B 383 -33.19 19.18 -19.59
CA LYS B 383 -32.14 19.24 -20.60
C LYS B 383 -32.70 19.63 -21.97
N LYS B 384 -33.85 20.32 -21.96
CA LYS B 384 -34.58 20.71 -23.18
C LYS B 384 -34.42 19.72 -24.34
N ILE B 385 -35.13 18.60 -24.27
CA ILE B 385 -35.19 17.67 -25.38
C ILE B 385 -36.54 17.81 -26.08
N PRO B 386 -36.52 18.20 -27.36
CA PRO B 386 -37.76 18.57 -28.06
C PRO B 386 -38.77 17.42 -28.16
N GLU B 387 -38.29 16.21 -28.44
CA GLU B 387 -39.17 15.05 -28.60
C GLU B 387 -38.83 13.93 -27.62
N LEU B 388 -38.71 14.27 -26.35
CA LEU B 388 -38.56 13.28 -25.30
C LEU B 388 -39.95 12.73 -24.99
N PRO B 389 -40.15 11.42 -25.23
CA PRO B 389 -41.42 10.74 -24.97
C PRO B 389 -41.83 10.82 -23.51
N SER B 390 -43.07 10.46 -23.21
CA SER B 390 -43.62 10.60 -21.87
C SER B 390 -43.20 9.46 -20.95
N GLN B 391 -42.97 8.28 -21.53
CA GLN B 391 -42.57 7.12 -20.74
C GLN B 391 -41.56 6.26 -21.49
N PHE B 392 -40.76 5.51 -20.75
CA PHE B 392 -39.87 4.52 -21.37
C PHE B 392 -39.88 3.23 -20.57
N VAL B 393 -39.60 2.12 -21.27
CA VAL B 393 -39.72 0.80 -20.68
C VAL B 393 -38.58 0.48 -19.70
N MET B 394 -37.36 0.84 -20.07
CA MET B 394 -36.21 0.49 -19.25
C MET B 394 -35.04 1.40 -19.54
N GLN B 395 -34.16 1.57 -18.56
CA GLN B 395 -32.91 2.27 -18.80
C GLN B 395 -31.92 1.43 -19.59
N GLY B 396 -31.84 0.14 -19.28
CA GLY B 396 -30.83 -0.71 -19.89
C GLY B 396 -29.46 -0.17 -19.53
N PHE B 397 -28.62 0.05 -20.54
CA PHE B 397 -27.26 0.52 -20.35
C PHE B 397 -27.12 2.00 -20.68
N ASP B 398 -28.25 2.68 -20.91
CA ASP B 398 -28.24 4.09 -21.23
C ASP B 398 -27.69 4.93 -20.06
N PHE B 399 -26.95 5.98 -20.39
CA PHE B 399 -26.52 6.92 -19.35
C PHE B 399 -27.70 7.69 -18.79
N GLU B 400 -28.59 8.13 -19.68
CA GLU B 400 -29.69 9.02 -19.30
C GLU B 400 -30.85 8.27 -18.63
N GLY B 401 -31.77 9.02 -18.03
CA GLY B 401 -32.94 8.44 -17.40
C GLY B 401 -32.59 7.75 -16.09
N PHE B 402 -33.30 6.68 -15.77
CA PHE B 402 -33.18 6.01 -14.49
C PHE B 402 -33.70 4.60 -14.63
N PRO B 403 -33.26 3.68 -13.74
CA PRO B 403 -33.68 2.28 -13.84
C PRO B 403 -35.16 2.13 -13.50
N THR B 404 -35.82 1.24 -14.23
CA THR B 404 -37.25 1.02 -14.08
C THR B 404 -37.51 -0.35 -13.48
N LEU B 405 -38.80 -0.68 -13.34
CA LEU B 405 -39.19 -2.00 -12.87
C LEU B 405 -38.79 -3.10 -13.84
N MET B 406 -38.64 -2.76 -15.12
CA MET B 406 -38.18 -3.76 -16.08
C MET B 406 -36.72 -4.09 -15.80
N ASP B 407 -35.91 -3.06 -15.55
CA ASP B 407 -34.53 -3.28 -15.13
C ASP B 407 -34.50 -4.13 -13.86
N ALA B 408 -35.45 -3.90 -12.96
CA ALA B 408 -35.57 -4.69 -11.73
C ALA B 408 -35.93 -6.15 -12.03
N LEU B 409 -36.89 -6.34 -12.93
CA LEU B 409 -37.31 -7.69 -13.30
C LEU B 409 -36.18 -8.50 -13.90
N ILE B 410 -35.40 -7.87 -14.75
CA ILE B 410 -34.27 -8.56 -15.37
C ILE B 410 -33.26 -8.99 -14.30
N LEU B 411 -33.04 -8.13 -13.31
CA LEU B 411 -32.13 -8.47 -12.22
C LEU B 411 -32.73 -9.61 -11.40
N HIS B 412 -34.05 -9.59 -11.21
CA HIS B 412 -34.71 -10.68 -10.51
C HIS B 412 -34.54 -12.02 -11.23
N ARG B 413 -34.59 -11.99 -12.56
CA ARG B 413 -34.41 -13.20 -13.36
C ARG B 413 -33.00 -13.74 -13.21
N LEU B 414 -32.01 -12.83 -13.19
CA LEU B 414 -30.64 -13.24 -12.92
C LEU B 414 -30.49 -13.86 -11.52
N ILE B 415 -31.10 -13.23 -10.52
CA ILE B 415 -30.98 -13.75 -9.14
C ILE B 415 -31.60 -15.13 -9.05
N GLU B 416 -32.77 -15.30 -9.66
CA GLU B 416 -33.42 -16.60 -9.68
C GLU B 416 -32.51 -17.66 -10.32
N SER B 417 -31.82 -17.29 -11.38
CA SER B 417 -30.94 -18.21 -12.09
CA SER B 417 -30.93 -18.20 -12.10
C SER B 417 -29.71 -18.57 -11.25
N VAL B 418 -29.28 -17.64 -10.40
CA VAL B 418 -28.17 -17.91 -9.47
C VAL B 418 -28.59 -19.01 -8.49
N TYR B 419 -29.78 -18.86 -7.93
CA TYR B 419 -30.31 -19.86 -7.00
C TYR B 419 -30.57 -21.19 -7.69
N LYS B 420 -31.06 -21.14 -8.92
CA LYS B 420 -31.35 -22.35 -9.67
C LYS B 420 -30.05 -23.09 -10.00
N SER B 421 -29.04 -22.31 -10.40
CA SER B 421 -27.74 -22.86 -10.75
C SER B 421 -27.17 -23.62 -9.55
N ASN B 422 -27.32 -23.03 -8.37
CA ASN B 422 -26.87 -23.68 -7.16
C ASN B 422 -27.62 -24.96 -6.88
N MET B 423 -28.94 -24.89 -7.02
CA MET B 423 -29.81 -26.03 -6.74
C MET B 423 -29.56 -27.19 -7.70
N MET B 424 -29.40 -26.86 -8.98
N MET B 424 -29.39 -26.86 -8.98
CA MET B 424 -29.25 -27.87 -10.03
CA MET B 424 -29.24 -27.86 -10.04
C MET B 424 -27.80 -28.33 -10.19
C MET B 424 -27.80 -28.34 -10.17
N GLY B 425 -26.86 -27.59 -9.61
CA GLY B 425 -25.46 -27.90 -9.78
C GLY B 425 -25.09 -27.76 -11.25
N SER B 426 -25.55 -26.69 -11.89
CA SER B 426 -25.36 -26.51 -13.34
C SER B 426 -24.91 -25.11 -13.72
N THR B 427 -24.13 -25.03 -14.80
CA THR B 427 -23.78 -23.78 -15.43
C THR B 427 -24.92 -23.41 -16.39
N LEU B 428 -25.66 -22.35 -16.09
CA LEU B 428 -26.85 -22.00 -16.85
C LEU B 428 -26.59 -21.00 -17.97
N ASN B 429 -27.31 -21.16 -19.07
CA ASN B 429 -27.29 -20.15 -20.11
C ASN B 429 -28.44 -19.15 -19.91
N VAL B 430 -28.10 -17.91 -19.55
CA VAL B 430 -29.09 -16.91 -19.20
C VAL B 430 -29.11 -15.79 -20.22
N SER B 431 -28.64 -16.11 -21.42
CA SER B 431 -28.47 -15.11 -22.49
CA SER B 431 -28.46 -15.09 -22.46
C SER B 431 -29.76 -14.40 -22.86
N ASN B 432 -30.91 -15.06 -22.70
N ASN B 432 -30.89 -15.08 -22.70
CA ASN B 432 -32.17 -14.50 -23.13
CA ASN B 432 -32.18 -14.55 -23.10
C ASN B 432 -33.07 -13.91 -22.03
C ASN B 432 -33.12 -14.23 -21.94
N ILE B 433 -32.57 -13.82 -20.81
CA ILE B 433 -33.42 -13.38 -19.69
C ILE B 433 -33.84 -11.90 -19.80
N SER B 434 -33.11 -11.12 -20.58
CA SER B 434 -33.46 -9.71 -20.74
C SER B 434 -34.54 -9.54 -21.80
N HIS B 435 -35.10 -10.65 -22.27
CA HIS B 435 -36.16 -10.57 -23.26
C HIS B 435 -37.51 -10.72 -22.60
N TYR B 436 -38.34 -9.69 -22.75
CA TYR B 436 -39.72 -9.76 -22.33
C TYR B 436 -40.53 -10.04 -23.57
N SER B 437 -40.77 -11.33 -23.83
CA SER B 437 -41.48 -11.72 -25.03
C SER B 437 -42.98 -11.70 -24.75
N LEU B 438 -43.34 -11.20 -23.56
CA LEU B 438 -44.73 -11.07 -23.16
C LEU B 438 -45.17 -9.60 -23.15
N ASN C 2 -10.41 49.60 9.04
CA ASN C 2 -11.54 49.10 9.83
C ASN C 2 -11.46 47.59 10.08
N THR C 3 -11.92 47.18 11.25
CA THR C 3 -11.87 45.78 11.70
C THR C 3 -13.01 44.92 11.17
N ASN C 4 -14.20 45.51 11.14
CA ASN C 4 -15.42 44.78 10.79
C ASN C 4 -15.88 45.12 9.40
N VAL C 5 -16.68 44.24 8.80
CA VAL C 5 -17.29 44.51 7.51
C VAL C 5 -18.17 45.76 7.60
N PRO C 6 -17.93 46.74 6.73
CA PRO C 6 -18.65 48.01 6.75
C PRO C 6 -20.13 47.86 6.36
N ILE C 7 -20.97 48.72 6.89
CA ILE C 7 -22.41 48.66 6.68
C ILE C 7 -22.94 50.02 6.22
N PHE C 8 -23.77 50.03 5.18
CA PHE C 8 -24.31 51.29 4.66
C PHE C 8 -25.84 51.25 4.53
N SER C 9 -26.46 52.43 4.49
CA SER C 9 -27.89 52.54 4.29
C SER C 9 -28.20 53.42 3.09
N SER C 10 -27.20 54.19 2.67
CA SER C 10 -27.28 55.06 1.50
C SER C 10 -25.85 55.35 1.01
N PRO C 11 -25.70 56.22 0.00
CA PRO C 11 -24.33 56.61 -0.37
C PRO C 11 -23.83 57.78 0.47
N LEU C 15 -20.14 57.15 -0.96
CA LEU C 15 -19.76 56.25 -2.05
C LEU C 15 -20.16 56.81 -3.43
N PRO C 16 -19.31 56.56 -4.44
CA PRO C 16 -19.55 56.99 -5.83
C PRO C 16 -20.89 56.53 -6.38
N ARG C 17 -21.49 57.36 -7.22
CA ARG C 17 -22.80 57.09 -7.84
C ARG C 17 -23.00 55.62 -8.23
N SER C 18 -21.96 55.01 -8.80
CA SER C 18 -22.06 53.67 -9.36
C SER C 18 -22.66 52.64 -8.40
N PHE C 19 -22.32 52.74 -7.12
CA PHE C 19 -22.82 51.78 -6.14
C PHE C 19 -24.35 51.83 -6.00
N GLU C 20 -24.91 53.03 -5.85
CA GLU C 20 -26.36 53.17 -5.66
C GLU C 20 -27.13 52.74 -6.91
N GLN C 21 -26.54 52.98 -8.08
CA GLN C 21 -27.12 52.57 -9.35
C GLN C 21 -27.29 51.05 -9.43
N LYS C 22 -26.20 50.32 -9.30
CA LYS C 22 -26.24 48.86 -9.35
C LYS C 22 -27.14 48.35 -8.21
N HIS C 23 -27.08 49.05 -7.08
CA HIS C 23 -27.85 48.72 -5.89
C HIS C 23 -29.36 48.86 -6.13
N LEU C 24 -29.77 49.91 -6.82
CA LEU C 24 -31.19 50.07 -7.11
C LEU C 24 -31.67 49.03 -8.11
N ALA C 25 -30.84 48.73 -9.10
CA ALA C 25 -31.22 47.77 -10.14
C ALA C 25 -31.40 46.37 -9.56
N VAL C 26 -30.54 45.97 -8.63
CA VAL C 26 -30.68 44.65 -8.03
C VAL C 26 -31.90 44.61 -7.09
N VAL C 27 -32.20 45.73 -6.43
CA VAL C 27 -33.41 45.82 -5.62
C VAL C 27 -34.65 45.68 -6.51
N ASP C 28 -34.60 46.29 -7.70
CA ASP C 28 -35.70 46.18 -8.67
C ASP C 28 -35.92 44.76 -9.12
N ALA C 29 -34.84 44.11 -9.52
CA ALA C 29 -34.90 42.73 -10.00
C ALA C 29 -35.36 41.80 -8.89
N PHE C 30 -34.92 42.06 -7.65
CA PHE C 30 -35.39 41.27 -6.51
C PHE C 30 -36.89 41.45 -6.37
N PHE C 31 -37.33 42.71 -6.37
CA PHE C 31 -38.74 42.98 -6.27
C PHE C 31 -39.56 42.33 -7.38
N GLN C 32 -39.08 42.43 -8.62
CA GLN C 32 -39.79 41.83 -9.74
C GLN C 32 -39.85 40.31 -9.62
N THR C 33 -38.85 39.74 -8.97
CA THR C 33 -38.74 38.29 -8.79
C THR C 33 -39.60 37.79 -7.62
N TYR C 34 -39.50 38.46 -6.48
CA TYR C 34 -40.16 37.97 -5.26
C TYR C 34 -41.38 38.78 -4.82
N HIS C 35 -41.65 39.88 -5.51
CA HIS C 35 -42.83 40.72 -5.24
C HIS C 35 -42.80 41.38 -3.86
N VAL C 36 -41.61 41.47 -3.30
CA VAL C 36 -41.40 42.19 -2.04
C VAL C 36 -40.00 42.81 -2.06
N LYS C 37 -39.80 43.85 -1.25
CA LYS C 37 -38.48 44.45 -1.11
C LYS C 37 -37.59 43.61 -0.20
N PRO C 38 -36.30 43.51 -0.53
CA PRO C 38 -35.36 42.70 0.24
C PRO C 38 -35.03 43.37 1.57
N ASP C 39 -34.47 42.63 2.52
CA ASP C 39 -34.11 43.21 3.81
C ASP C 39 -32.71 43.82 3.80
N PHE C 40 -31.81 43.25 3.02
CA PHE C 40 -30.43 43.72 2.94
C PHE C 40 -29.74 43.15 1.71
N ILE C 41 -28.58 43.70 1.37
CA ILE C 41 -27.80 43.20 0.23
C ILE C 41 -26.36 42.92 0.65
N ALA C 42 -25.94 41.67 0.56
CA ALA C 42 -24.52 41.36 0.77
C ALA C 42 -23.76 41.57 -0.53
N ARG C 43 -22.71 42.38 -0.48
CA ARG C 43 -21.91 42.68 -1.66
C ARG C 43 -20.46 42.24 -1.48
N SER C 44 -19.88 41.62 -2.51
CA SER C 44 -18.49 41.26 -2.45
C SER C 44 -17.83 41.38 -3.84
N PRO C 45 -16.73 42.14 -3.92
CA PRO C 45 -16.12 42.46 -5.21
C PRO C 45 -15.27 41.37 -5.86
N GLY C 46 -15.18 41.43 -7.18
CA GLY C 46 -14.25 40.59 -7.91
C GLY C 46 -12.86 41.15 -7.74
N ARG C 47 -11.87 40.54 -8.39
CA ARG C 47 -10.50 40.99 -8.24
C ARG C 47 -9.64 40.69 -9.46
N VAL C 48 -8.55 41.44 -9.59
CA VAL C 48 -7.48 41.04 -10.48
C VAL C 48 -6.20 40.94 -9.66
N ASN C 49 -5.33 40.05 -10.09
CA ASN C 49 -4.05 39.90 -9.43
C ASN C 49 -3.00 40.52 -10.31
N LEU C 50 -2.24 41.49 -9.79
CA LEU C 50 -1.25 42.17 -10.64
C LEU C 50 -0.10 41.25 -10.97
N ILE C 51 0.37 40.53 -9.96
CA ILE C 51 1.46 39.60 -10.15
CA ILE C 51 1.54 39.68 -10.07
C ILE C 51 1.45 38.61 -8.98
N GLY C 52 1.84 37.37 -9.29
CA GLY C 52 1.83 36.31 -8.30
C GLY C 52 0.77 35.24 -8.59
N GLU C 53 0.71 34.77 -9.83
CA GLU C 53 -0.28 33.74 -10.14
C GLU C 53 0.17 32.36 -9.65
N HIS C 54 -0.79 31.61 -9.11
CA HIS C 54 -0.58 30.22 -8.74
C HIS C 54 0.53 30.01 -7.71
N ILE C 55 0.60 30.92 -6.74
CA ILE C 55 1.51 30.75 -5.62
C ILE C 55 0.81 30.93 -4.28
N ASP C 56 -0.46 31.32 -4.30
CA ASP C 56 -1.14 31.53 -3.03
C ASP C 56 -1.28 30.23 -2.23
N TYR C 57 -1.60 29.13 -2.91
CA TYR C 57 -1.69 27.85 -2.25
C TYR C 57 -0.32 27.27 -1.91
N CYS C 58 0.76 27.95 -2.32
CA CYS C 58 2.10 27.59 -1.87
C CYS C 58 2.55 28.50 -0.74
N ASP C 59 1.64 29.37 -0.28
CA ASP C 59 1.87 30.26 0.86
C ASP C 59 2.81 31.42 0.55
N PHE C 60 2.99 31.75 -0.73
CA PHE C 60 3.80 32.91 -1.05
C PHE C 60 2.90 34.14 -1.24
N SER C 61 3.43 35.32 -0.97
CA SER C 61 2.63 36.54 -1.01
CA SER C 61 2.63 36.56 -1.01
C SER C 61 2.24 36.99 -2.43
N VAL C 62 1.12 37.69 -2.55
CA VAL C 62 0.59 38.08 -3.86
C VAL C 62 0.24 39.56 -3.87
N LEU C 63 -0.09 40.11 -5.05
CA LEU C 63 -0.29 41.55 -5.21
C LEU C 63 -1.60 41.89 -5.95
N PRO C 64 -2.74 41.74 -5.28
CA PRO C 64 -3.99 41.89 -6.03
C PRO C 64 -4.73 43.17 -5.64
N LEU C 65 -5.88 43.40 -6.28
CA LEU C 65 -6.76 44.48 -5.88
C LEU C 65 -8.20 44.10 -6.17
N ALA C 66 -9.12 44.60 -5.35
CA ALA C 66 -10.53 44.44 -5.66
C ALA C 66 -10.92 45.43 -6.75
N ILE C 67 -11.85 45.04 -7.61
CA ILE C 67 -12.27 45.89 -8.72
C ILE C 67 -13.75 46.29 -8.63
N ASP C 68 -14.18 47.19 -9.50
CA ASP C 68 -15.53 47.76 -9.38
C ASP C 68 -16.65 46.90 -9.98
N VAL C 69 -16.39 45.60 -10.15
CA VAL C 69 -17.45 44.66 -10.47
C VAL C 69 -17.61 43.75 -9.25
N ASP C 70 -18.80 43.23 -9.03
CA ASP C 70 -19.06 42.53 -7.79
C ASP C 70 -20.17 41.50 -7.89
N MET C 71 -20.32 40.74 -6.81
CA MET C 71 -21.47 39.87 -6.64
C MET C 71 -22.41 40.51 -5.63
N LEU C 72 -23.66 40.70 -6.03
CA LEU C 72 -24.67 41.26 -5.13
C LEU C 72 -25.71 40.20 -4.78
N CYS C 73 -25.88 39.93 -3.49
CA CYS C 73 -26.93 39.02 -3.03
C CYS C 73 -27.99 39.78 -2.23
N ALA C 74 -29.12 40.08 -2.86
CA ALA C 74 -30.21 40.76 -2.16
C ALA C 74 -31.01 39.68 -1.46
N VAL C 75 -31.31 39.91 -0.19
CA VAL C 75 -31.96 38.90 0.63
C VAL C 75 -33.21 39.41 1.35
N LYS C 76 -34.26 38.61 1.34
CA LYS C 76 -35.39 38.81 2.24
C LYS C 76 -35.39 37.66 3.23
N ILE C 77 -35.35 37.99 4.51
CA ILE C 77 -35.38 36.98 5.56
C ILE C 77 -36.81 36.54 5.76
N LEU C 78 -37.03 35.25 5.89
CA LEU C 78 -38.39 34.69 5.94
C LEU C 78 -38.74 34.17 7.34
N ASP C 79 -40.03 34.23 7.68
CA ASP C 79 -40.53 33.59 8.89
C ASP C 79 -41.35 32.38 8.47
N GLU C 80 -40.71 31.21 8.50
CA GLU C 80 -41.31 30.01 7.92
C GLU C 80 -41.43 28.87 8.91
N LYS C 81 -42.51 28.11 8.77
CA LYS C 81 -42.68 26.88 9.52
C LYS C 81 -41.76 25.81 8.92
N ASN C 82 -41.59 25.85 7.60
CA ASN C 82 -40.58 25.04 6.94
C ASN C 82 -39.52 25.93 6.31
N PRO C 83 -38.45 26.24 7.07
CA PRO C 83 -37.44 27.17 6.58
C PRO C 83 -36.82 26.65 5.30
N SER C 84 -36.62 27.53 4.33
CA SER C 84 -36.04 27.15 3.05
C SER C 84 -35.37 28.35 2.41
N ILE C 85 -34.41 28.07 1.54
CA ILE C 85 -33.73 29.10 0.76
C ILE C 85 -34.12 28.96 -0.71
N THR C 86 -34.52 30.06 -1.31
CA THR C 86 -34.73 30.13 -2.74
C THR C 86 -33.67 31.03 -3.35
N LEU C 87 -32.95 30.53 -4.35
CA LEU C 87 -31.86 31.27 -5.00
C LEU C 87 -32.17 31.57 -6.46
N THR C 88 -32.26 32.85 -6.81
CA THR C 88 -32.52 33.25 -8.18
C THR C 88 -31.35 34.05 -8.73
N ASN C 89 -30.95 33.76 -9.97
CA ASN C 89 -29.83 34.47 -10.58
C ASN C 89 -30.30 35.45 -11.65
N ALA C 90 -29.64 36.60 -11.75
CA ALA C 90 -29.96 37.61 -12.75
C ALA C 90 -29.75 37.03 -14.14
N ASP C 91 -28.86 36.04 -14.23
CA ASP C 91 -28.56 35.39 -15.50
C ASP C 91 -29.34 34.09 -15.60
N PRO C 92 -30.34 34.05 -16.48
CA PRO C 92 -31.25 32.90 -16.53
C PRO C 92 -30.57 31.56 -16.83
N LYS C 93 -29.32 31.57 -17.31
CA LYS C 93 -28.60 30.32 -17.55
C LYS C 93 -28.23 29.63 -16.24
N PHE C 94 -28.37 30.33 -15.13
CA PHE C 94 -28.20 29.74 -13.82
C PHE C 94 -29.58 29.57 -13.19
N ALA C 95 -30.16 28.40 -13.40
CA ALA C 95 -31.57 28.18 -13.05
C ALA C 95 -31.81 28.30 -11.55
N GLN C 96 -33.03 28.70 -11.22
CA GLN C 96 -33.42 28.92 -9.83
C GLN C 96 -33.31 27.65 -9.02
N ARG C 97 -32.84 27.79 -7.79
CA ARG C 97 -32.75 26.67 -6.86
C ARG C 97 -33.58 26.96 -5.62
N LYS C 98 -34.13 25.89 -5.04
CA LYS C 98 -34.82 26.01 -3.77
C LYS C 98 -34.61 24.73 -2.98
N PHE C 99 -34.23 24.89 -1.71
CA PHE C 99 -34.03 23.73 -0.85
C PHE C 99 -34.43 24.04 0.59
N ASP C 100 -35.01 23.04 1.25
CA ASP C 100 -35.44 23.18 2.62
C ASP C 100 -34.27 22.92 3.56
N LEU C 101 -34.22 23.66 4.65
CA LEU C 101 -33.16 23.50 5.64
C LEU C 101 -33.48 22.37 6.60
N PRO C 102 -32.51 21.46 6.84
CA PRO C 102 -32.76 20.38 7.78
C PRO C 102 -33.27 20.92 9.13
N LEU C 103 -34.38 20.38 9.61
CA LEU C 103 -35.07 20.92 10.77
C LEU C 103 -34.33 20.75 12.10
N ASP C 104 -33.39 19.80 12.14
CA ASP C 104 -32.61 19.55 13.36
C ASP C 104 -31.27 20.30 13.34
N GLY C 105 -31.14 21.25 12.45
CA GLY C 105 -29.92 22.05 12.39
C GLY C 105 -28.71 21.38 11.78
N SER C 106 -28.87 20.15 11.28
CA SER C 106 -27.74 19.46 10.66
C SER C 106 -27.28 20.15 9.38
N TYR C 107 -26.02 19.92 9.01
CA TYR C 107 -25.46 20.45 7.76
C TYR C 107 -26.10 19.81 6.53
N MET C 108 -26.31 20.62 5.51
CA MET C 108 -26.75 20.11 4.21
C MET C 108 -25.59 19.51 3.45
N ALA C 109 -25.85 18.39 2.79
CA ALA C 109 -24.86 17.73 1.96
C ALA C 109 -24.54 18.60 0.75
N ILE C 110 -23.32 18.46 0.25
CA ILE C 110 -22.92 19.11 -0.97
C ILE C 110 -22.37 18.03 -1.89
N ASP C 111 -22.84 17.97 -3.14
CA ASP C 111 -22.32 17.00 -4.12
C ASP C 111 -21.17 17.67 -4.89
N PRO C 112 -19.93 17.30 -4.56
CA PRO C 112 -18.77 17.93 -5.21
C PRO C 112 -18.46 17.28 -6.55
N SER C 113 -19.33 16.42 -7.08
CA SER C 113 -19.00 15.74 -8.34
C SER C 113 -19.55 16.44 -9.59
N VAL C 114 -20.37 17.47 -9.40
CA VAL C 114 -20.94 18.18 -10.56
C VAL C 114 -20.66 19.67 -10.48
N SER C 115 -20.63 20.34 -11.63
CA SER C 115 -20.53 21.78 -11.66
C SER C 115 -21.93 22.35 -11.47
N GLU C 116 -22.11 23.19 -10.47
CA GLU C 116 -23.41 23.75 -10.15
C GLU C 116 -23.23 25.08 -9.43
N TRP C 117 -23.85 26.13 -9.98
CA TRP C 117 -23.63 27.48 -9.47
C TRP C 117 -24.06 27.63 -8.01
N SER C 118 -25.12 26.95 -7.61
CA SER C 118 -25.57 27.06 -6.22
C SER C 118 -24.65 26.36 -5.22
N ASN C 119 -23.76 25.50 -5.71
CA ASN C 119 -22.74 24.92 -4.82
C ASN C 119 -21.87 26.01 -4.16
N TYR C 120 -21.58 27.07 -4.90
CA TYR C 120 -20.82 28.16 -4.30
C TYR C 120 -21.60 28.85 -3.18
N PHE C 121 -22.89 29.05 -3.37
CA PHE C 121 -23.71 29.56 -2.26
C PHE C 121 -23.74 28.57 -1.11
N LYS C 122 -23.95 27.29 -1.42
CA LYS C 122 -24.05 26.28 -0.38
C LYS C 122 -22.78 26.17 0.45
N CYS C 123 -21.61 26.31 -0.17
CA CYS C 123 -20.38 26.15 0.59
C CYS C 123 -20.11 27.39 1.45
N GLY C 124 -20.51 28.56 0.96
CA GLY C 124 -20.46 29.76 1.76
C GLY C 124 -21.40 29.66 2.95
N LEU C 125 -22.61 29.16 2.70
CA LEU C 125 -23.57 28.93 3.76
C LEU C 125 -23.06 27.90 4.76
N HIS C 126 -22.38 26.88 4.26
CA HIS C 126 -21.86 25.82 5.12
C HIS C 126 -20.81 26.33 6.11
N VAL C 127 -19.81 27.05 5.62
CA VAL C 127 -18.78 27.57 6.52
C VAL C 127 -19.32 28.61 7.51
N ALA C 128 -20.31 29.40 7.09
CA ALA C 128 -20.98 30.35 7.99
C ALA C 128 -21.77 29.60 9.08
N HIS C 129 -22.50 28.57 8.66
CA HIS C 129 -23.25 27.72 9.54
C HIS C 129 -22.35 27.15 10.64
N SER C 130 -21.20 26.61 10.22
CA SER C 130 -20.25 26.03 11.17
C SER C 130 -19.72 27.12 12.11
N TYR C 131 -19.53 28.31 11.57
CA TYR C 131 -19.10 29.45 12.38
C TYR C 131 -20.17 29.86 13.39
N LEU C 132 -21.43 29.88 12.95
CA LEU C 132 -22.53 30.21 13.85
C LEU C 132 -22.60 29.22 14.99
N LYS C 133 -22.39 27.94 14.67
CA LYS C 133 -22.41 26.88 15.68
C LYS C 133 -21.32 27.05 16.73
N LYS C 134 -20.18 27.59 16.32
CA LYS C 134 -19.07 27.75 17.24
C LYS C 134 -19.31 28.89 18.22
N ILE C 135 -19.83 30.01 17.73
CA ILE C 135 -20.03 31.19 18.58
C ILE C 135 -21.34 31.18 19.38
N ALA C 136 -22.36 30.50 18.86
CA ALA C 136 -23.61 30.36 19.60
C ALA C 136 -24.13 28.92 19.55
N PRO C 137 -23.38 27.99 20.18
CA PRO C 137 -23.76 26.57 20.19
C PRO C 137 -25.21 26.34 20.64
N GLU C 138 -25.52 26.79 21.85
CA GLU C 138 -26.81 26.52 22.46
C GLU C 138 -28.01 27.06 21.69
N ARG C 139 -27.76 27.74 20.57
CA ARG C 139 -28.87 28.25 19.75
C ARG C 139 -28.79 27.89 18.27
N PHE C 140 -27.69 27.29 17.84
CA PHE C 140 -27.57 26.84 16.46
C PHE C 140 -27.32 25.34 16.32
N ASN C 141 -27.06 24.67 17.43
CA ASN C 141 -26.70 23.25 17.40
C ASN C 141 -27.81 22.36 16.85
N ASN C 142 -29.00 22.49 17.41
CA ASN C 142 -30.09 21.59 17.06
C ASN C 142 -31.34 22.33 16.58
N THR C 143 -31.13 23.42 15.87
CA THR C 143 -32.22 24.21 15.30
C THR C 143 -31.79 24.73 13.94
N PRO C 144 -32.73 24.82 12.99
CA PRO C 144 -32.38 25.19 11.61
C PRO C 144 -32.06 26.68 11.45
N LEU C 145 -31.26 27.00 10.44
CA LEU C 145 -31.01 28.39 10.07
C LEU C 145 -32.30 29.01 9.56
N VAL C 146 -32.29 30.33 9.37
CA VAL C 146 -33.50 31.01 8.91
C VAL C 146 -33.65 30.91 7.39
N GLY C 147 -34.90 30.79 6.92
CA GLY C 147 -35.19 30.76 5.50
C GLY C 147 -34.90 32.10 4.85
N ALA C 148 -34.95 32.15 3.52
CA ALA C 148 -34.69 33.38 2.80
C ALA C 148 -35.06 33.30 1.31
N GLN C 149 -35.41 34.44 0.75
CA GLN C 149 -35.48 34.58 -0.69
C GLN C 149 -34.27 35.39 -1.11
N ILE C 150 -33.49 34.85 -2.04
CA ILE C 150 -32.25 35.47 -2.42
C ILE C 150 -32.16 35.70 -3.91
N PHE C 151 -31.69 36.89 -4.30
CA PHE C 151 -31.45 37.18 -5.70
C PHE C 151 -29.97 37.50 -5.87
N CYS C 152 -29.32 36.83 -6.82
CA CYS C 152 -27.87 36.97 -7.01
C CYS C 152 -27.57 37.61 -8.35
N GLN C 153 -26.76 38.65 -8.32
CA GLN C 153 -26.43 39.35 -9.55
C GLN C 153 -24.97 39.73 -9.57
N SER C 154 -24.27 39.21 -10.56
CA SER C 154 -22.86 39.52 -10.71
C SER C 154 -22.58 40.09 -12.08
N ASP C 155 -21.70 41.07 -12.11
CA ASP C 155 -21.12 41.53 -13.37
C ASP C 155 -19.61 41.27 -13.35
N ILE C 156 -19.18 40.41 -12.43
CA ILE C 156 -17.78 39.96 -12.44
C ILE C 156 -17.57 38.99 -13.60
N PRO C 157 -16.59 39.28 -14.46
CA PRO C 157 -16.33 38.35 -15.56
C PRO C 157 -15.58 37.12 -15.05
N THR C 158 -15.81 35.98 -15.68
CA THR C 158 -15.11 34.75 -15.30
C THR C 158 -13.62 35.00 -15.36
N GLY C 159 -12.95 34.69 -14.26
CA GLY C 159 -11.54 34.97 -14.14
C GLY C 159 -11.29 36.16 -13.22
N GLY C 160 -12.36 36.83 -12.81
CA GLY C 160 -12.26 37.93 -11.86
C GLY C 160 -12.54 37.53 -10.42
N GLY C 161 -12.37 36.25 -10.10
CA GLY C 161 -12.55 35.78 -8.74
C GLY C 161 -14.01 35.75 -8.32
N LEU C 162 -14.89 35.59 -9.30
CA LEU C 162 -16.32 35.53 -9.06
C LEU C 162 -16.67 34.45 -8.03
N SER C 163 -16.08 33.27 -8.17
CA SER C 163 -16.47 32.15 -7.30
C SER C 163 -16.22 32.49 -5.84
N SER C 164 -15.11 33.15 -5.54
CA SER C 164 -14.79 33.58 -4.19
C SER C 164 -15.64 34.76 -3.69
N ALA C 165 -15.94 35.71 -4.57
CA ALA C 165 -16.80 36.83 -4.17
C ALA C 165 -18.16 36.29 -3.78
N PHE C 166 -18.64 35.35 -4.57
CA PHE C 166 -19.92 34.70 -4.32
C PHE C 166 -19.91 33.97 -2.98
N THR C 167 -18.89 33.14 -2.77
N THR C 167 -18.89 33.14 -2.75
CA THR C 167 -18.77 32.41 -1.51
CA THR C 167 -18.80 32.42 -1.48
C THR C 167 -18.73 33.39 -0.33
C THR C 167 -18.71 33.38 -0.29
N CYS C 168 -17.97 34.46 -0.46
CA CYS C 168 -17.88 35.45 0.61
CA CYS C 168 -17.86 35.48 0.57
C CYS C 168 -19.23 36.13 0.86
N ALA C 169 -19.93 36.51 -0.20
CA ALA C 169 -21.27 37.12 -0.05
C ALA C 169 -22.30 36.15 0.56
N ALA C 170 -22.23 34.87 0.18
CA ALA C 170 -23.12 33.87 0.74
C ALA C 170 -22.89 33.72 2.23
N ALA C 171 -21.63 33.58 2.63
CA ALA C 171 -21.30 33.42 4.05
C ALA C 171 -21.74 34.67 4.84
N LEU C 172 -21.45 35.83 4.27
CA LEU C 172 -21.86 37.09 4.89
C LEU C 172 -23.39 37.14 5.05
N ALA C 173 -24.10 36.88 3.96
CA ALA C 173 -25.58 36.89 3.99
C ALA C 173 -26.11 35.95 5.07
N THR C 174 -25.45 34.79 5.21
CA THR C 174 -25.91 33.77 6.14
C THR C 174 -25.73 34.19 7.59
N ILE C 175 -24.59 34.80 7.88
CA ILE C 175 -24.35 35.34 9.21
C ILE C 175 -25.29 36.51 9.51
N ARG C 176 -25.44 37.42 8.56
CA ARG C 176 -26.32 38.58 8.75
C ARG C 176 -27.76 38.15 8.97
N ALA C 177 -28.25 37.20 8.18
CA ALA C 177 -29.65 36.79 8.28
C ALA C 177 -29.95 36.12 9.61
N ASN C 178 -28.95 35.46 10.18
CA ASN C 178 -29.16 34.70 11.42
C ASN C 178 -28.74 35.40 12.71
N MET C 179 -27.84 36.39 12.59
CA MET C 179 -27.38 37.13 13.77
C MET C 179 -28.12 38.47 13.94
N GLY C 180 -28.69 38.98 12.85
CA GLY C 180 -29.47 40.19 12.90
C GLY C 180 -28.69 41.42 12.47
N LYS C 181 -29.35 42.57 12.51
CA LYS C 181 -28.83 43.81 11.97
C LYS C 181 -27.69 44.39 12.82
N ASN C 182 -27.60 43.97 14.09
CA ASN C 182 -26.69 44.61 15.03
C ASN C 182 -25.49 43.76 15.43
N PHE C 183 -25.13 42.80 14.59
CA PHE C 183 -24.00 41.93 14.89
C PHE C 183 -22.81 42.32 14.02
N ASP C 184 -21.67 42.59 14.65
CA ASP C 184 -20.46 42.94 13.92
C ASP C 184 -19.80 41.70 13.34
N ILE C 185 -19.56 41.74 12.03
CA ILE C 185 -18.90 40.64 11.35
C ILE C 185 -17.46 41.05 11.03
N SER C 186 -16.50 40.38 11.64
CA SER C 186 -15.11 40.79 11.49
C SER C 186 -14.50 40.30 10.18
N LYS C 187 -13.71 41.17 9.56
CA LYS C 187 -13.05 40.81 8.31
C LYS C 187 -12.17 39.58 8.51
N LYS C 188 -11.55 39.49 9.69
CA LYS C 188 -10.65 38.40 10.04
C LYS C 188 -11.36 37.05 10.04
N ASP C 189 -12.49 36.98 10.72
CA ASP C 189 -13.28 35.75 10.79
C ASP C 189 -13.82 35.36 9.42
N LEU C 190 -14.24 36.36 8.65
CA LEU C 190 -14.86 36.11 7.37
C LEU C 190 -13.83 35.55 6.39
N THR C 191 -12.62 36.08 6.42
CA THR C 191 -11.59 35.62 5.52
C THR C 191 -11.15 34.23 5.95
N ARG C 192 -11.12 34.00 7.26
CA ARG C 192 -10.70 32.70 7.76
C ARG C 192 -11.68 31.57 7.40
N ILE C 193 -12.97 31.78 7.62
CA ILE C 193 -13.93 30.70 7.42
C ILE C 193 -14.13 30.38 5.93
N THR C 194 -13.91 31.38 5.06
CA THR C 194 -14.06 31.19 3.62
C THR C 194 -12.80 30.68 2.92
N ALA C 195 -11.71 30.62 3.69
CA ALA C 195 -10.44 30.15 3.16
C ALA C 195 -10.59 28.78 2.47
N VAL C 196 -11.27 27.85 3.12
CA VAL C 196 -11.42 26.50 2.59
C VAL C 196 -12.80 26.20 2.00
N ALA C 197 -13.63 27.22 1.83
CA ALA C 197 -15.00 27.00 1.39
C ALA C 197 -15.11 26.30 0.03
N GLU C 198 -14.33 26.73 -0.96
CA GLU C 198 -14.43 26.10 -2.29
C GLU C 198 -13.94 24.68 -2.32
N HIS C 199 -13.11 24.30 -1.35
CA HIS C 199 -12.66 22.90 -1.27
C HIS C 199 -13.86 21.95 -1.16
N TYR C 200 -14.99 22.44 -0.67
CA TYR C 200 -16.19 21.60 -0.58
C TYR C 200 -16.83 21.40 -1.93
N VAL C 201 -16.51 22.24 -2.89
CA VAL C 201 -17.16 22.11 -4.20
C VAL C 201 -16.25 21.43 -5.23
N GLY C 202 -15.06 21.02 -4.82
CA GLY C 202 -14.17 20.27 -5.69
C GLY C 202 -12.98 21.05 -6.21
N VAL C 203 -12.80 22.27 -5.72
CA VAL C 203 -11.69 23.12 -6.18
C VAL C 203 -10.73 23.44 -5.04
N ASN C 204 -9.47 23.06 -5.21
CA ASN C 204 -8.47 23.11 -4.16
C ASN C 204 -7.71 24.44 -4.14
N ASN C 205 -8.45 25.55 -4.04
CA ASN C 205 -7.85 26.88 -4.23
C ASN C 205 -7.15 27.45 -3.00
N GLY C 206 -6.46 28.56 -3.18
CA GLY C 206 -5.76 29.21 -2.07
C GLY C 206 -6.63 30.29 -1.43
N GLY C 207 -6.01 31.23 -0.71
CA GLY C 207 -6.77 32.27 -0.02
C GLY C 207 -6.70 33.70 -0.61
N MET C 208 -6.03 33.86 -1.73
CA MET C 208 -5.92 35.19 -2.34
C MET C 208 -7.26 35.91 -2.58
N ASP C 209 -8.17 35.23 -3.27
CA ASP C 209 -9.39 35.86 -3.76
C ASP C 209 -10.33 36.26 -2.63
N GLN C 210 -10.53 35.37 -1.67
CA GLN C 210 -11.34 35.68 -0.50
C GLN C 210 -10.74 36.88 0.23
N ALA C 211 -9.44 36.83 0.47
CA ALA C 211 -8.79 37.91 1.22
C ALA C 211 -8.94 39.25 0.49
N THR C 212 -8.76 39.23 -0.82
CA THR C 212 -8.86 40.43 -1.63
C THR C 212 -10.28 40.98 -1.58
N SER C 213 -11.26 40.12 -1.80
CA SER C 213 -12.65 40.53 -1.82
C SER C 213 -13.02 41.18 -0.49
N VAL C 214 -12.51 40.63 0.61
CA VAL C 214 -12.83 41.16 1.93
C VAL C 214 -12.03 42.41 2.28
N TYR C 215 -10.75 42.44 1.93
CA TYR C 215 -9.86 43.51 2.39
C TYR C 215 -9.66 44.65 1.40
N GLY C 216 -10.36 44.59 0.27
CA GLY C 216 -10.23 45.64 -0.71
C GLY C 216 -10.58 47.01 -0.12
N GLU C 217 -9.97 48.06 -0.67
CA GLU C 217 -10.51 49.41 -0.43
C GLU C 217 -10.27 50.36 -1.58
N GLU C 218 -11.05 51.44 -1.59
CA GLU C 218 -10.99 52.46 -2.63
C GLU C 218 -9.57 52.92 -2.89
N ASP C 219 -9.12 52.72 -4.13
CA ASP C 219 -7.87 53.31 -4.62
C ASP C 219 -6.62 52.74 -3.96
N HIS C 220 -6.74 51.53 -3.41
CA HIS C 220 -5.60 50.82 -2.87
C HIS C 220 -5.52 49.42 -3.48
N ALA C 221 -4.34 49.07 -3.96
CA ALA C 221 -4.04 47.67 -4.23
C ALA C 221 -3.66 47.06 -2.88
N LEU C 222 -3.45 45.75 -2.86
CA LEU C 222 -3.09 45.05 -1.63
C LEU C 222 -1.80 44.25 -1.79
N TYR C 223 -0.99 44.25 -0.74
CA TYR C 223 0.03 43.23 -0.58
C TYR C 223 -0.53 42.19 0.39
N VAL C 224 -0.84 41.01 -0.12
CA VAL C 224 -1.41 39.94 0.70
C VAL C 224 -0.37 38.87 1.07
N GLU C 225 -0.14 38.70 2.37
CA GLU C 225 0.76 37.68 2.89
C GLU C 225 -0.04 36.59 3.61
N PHE C 226 0.47 35.37 3.58
CA PHE C 226 -0.25 34.24 4.17
C PHE C 226 0.45 33.66 5.41
N ARG C 227 1.76 33.86 5.49
CA ARG C 227 2.53 33.33 6.61
C ARG C 227 3.28 34.47 7.26
N PRO C 228 3.36 34.46 8.61
CA PRO C 228 2.82 33.39 9.46
C PRO C 228 1.32 33.51 9.64
N LYS C 229 0.77 34.68 9.30
CA LYS C 229 -0.66 34.93 9.43
C LYS C 229 -1.12 35.68 8.19
N LEU C 230 -2.40 35.52 7.85
CA LEU C 230 -3.00 36.30 6.78
C LEU C 230 -2.85 37.78 7.07
N LYS C 231 -2.25 38.52 6.14
CA LYS C 231 -2.03 39.94 6.33
C LYS C 231 -2.23 40.67 5.00
N ALA C 232 -3.03 41.73 5.03
CA ALA C 232 -3.33 42.49 3.82
C ALA C 232 -2.97 43.94 4.07
N THR C 233 -1.97 44.43 3.36
CA THR C 233 -1.55 45.80 3.53
C THR C 233 -1.88 46.60 2.28
N PRO C 234 -2.81 47.56 2.42
CA PRO C 234 -3.24 48.42 1.31
C PRO C 234 -2.15 49.42 0.94
N PHE C 235 -2.02 49.74 -0.34
CA PHE C 235 -1.13 50.81 -0.76
C PHE C 235 -1.68 51.41 -2.05
N LYS C 236 -1.40 52.68 -2.26
CA LYS C 236 -1.80 53.36 -3.50
C LYS C 236 -0.73 53.14 -4.58
N PHE C 237 -1.13 53.18 -5.84
CA PHE C 237 -0.15 53.16 -6.92
C PHE C 237 0.70 54.42 -6.76
N PRO C 238 1.99 54.34 -7.13
CA PRO C 238 2.85 55.52 -6.99
C PRO C 238 2.30 56.71 -7.77
N GLN C 239 2.48 57.90 -7.22
CA GLN C 239 2.12 59.14 -7.91
C GLN C 239 3.18 59.38 -8.98
N LEU C 240 2.76 59.41 -10.24
CA LEU C 240 3.70 59.68 -11.32
C LEU C 240 3.64 61.15 -11.73
N LYS C 241 4.69 61.61 -12.40
CA LYS C 241 4.79 63.02 -12.78
C LYS C 241 3.59 63.53 -13.61
N ASN C 242 3.34 62.93 -14.76
CA ASN C 242 2.23 63.37 -15.60
C ASN C 242 1.49 62.25 -16.33
N HIS C 243 1.61 61.03 -15.82
CA HIS C 243 0.82 59.93 -16.31
C HIS C 243 0.11 59.23 -15.15
N GLU C 244 -1.03 58.63 -15.44
CA GLU C 244 -1.77 57.88 -14.44
C GLU C 244 -1.58 56.39 -14.71
N ILE C 245 -1.47 55.60 -13.65
CA ILE C 245 -1.32 54.16 -13.78
C ILE C 245 -2.70 53.51 -13.86
N SER C 246 -2.93 52.73 -14.92
CA SER C 246 -4.17 51.98 -15.07
C SER C 246 -3.93 50.57 -15.57
N PHE C 247 -4.81 49.66 -15.19
CA PHE C 247 -4.75 48.29 -15.71
C PHE C 247 -6.05 48.02 -16.46
N VAL C 248 -5.92 47.78 -17.77
CA VAL C 248 -7.06 47.42 -18.58
C VAL C 248 -7.29 45.93 -18.45
N ILE C 249 -8.53 45.54 -18.19
CA ILE C 249 -8.86 44.12 -18.09
C ILE C 249 -9.55 43.70 -19.36
N ALA C 250 -9.10 42.59 -19.97
CA ALA C 250 -9.73 42.08 -21.17
C ALA C 250 -10.09 40.60 -21.05
N ASN C 251 -11.36 40.28 -21.29
CA ASN C 251 -11.86 38.92 -21.15
C ASN C 251 -11.61 38.10 -22.41
N THR C 252 -11.01 36.93 -22.25
CA THR C 252 -10.76 36.01 -23.36
C THR C 252 -12.06 35.43 -23.92
N LEU C 253 -13.10 35.40 -23.09
CA LEU C 253 -14.40 34.87 -23.49
C LEU C 253 -14.35 33.36 -23.80
N VAL C 254 -13.25 32.71 -23.40
CA VAL C 254 -13.15 31.27 -23.50
C VAL C 254 -14.19 30.60 -22.60
N LYS C 255 -14.83 29.54 -23.10
CA LYS C 255 -15.84 28.83 -22.33
C LYS C 255 -15.37 28.45 -20.92
N SER C 256 -16.16 28.82 -19.92
CA SER C 256 -15.83 28.53 -18.53
C SER C 256 -16.01 27.06 -18.19
N ASN C 257 -14.94 26.42 -17.72
CA ASN C 257 -15.08 25.04 -17.21
C ASN C 257 -13.97 24.59 -16.26
N LYS C 258 -13.66 25.43 -15.29
CA LYS C 258 -12.62 25.16 -14.30
C LYS C 258 -12.92 23.88 -13.53
N PHE C 259 -14.18 23.68 -13.14
CA PHE C 259 -14.53 22.47 -12.40
C PHE C 259 -14.29 21.23 -13.25
N GLU C 260 -14.79 21.22 -14.46
CA GLU C 260 -14.71 20.03 -15.30
C GLU C 260 -13.27 19.67 -15.66
N THR C 261 -12.41 20.70 -15.75
CA THR C 261 -11.03 20.45 -16.15
C THR C 261 -10.08 20.40 -14.95
N ALA C 262 -10.61 20.55 -13.74
CA ALA C 262 -9.76 20.60 -12.56
C ALA C 262 -8.82 19.38 -12.43
N PRO C 263 -9.29 18.17 -12.79
CA PRO C 263 -8.38 17.03 -12.60
C PRO C 263 -7.11 17.11 -13.47
N THR C 264 -7.18 17.83 -14.59
CA THR C 264 -6.00 17.97 -15.45
C THR C 264 -5.36 19.36 -15.36
N ASN C 265 -6.10 20.32 -14.80
CA ASN C 265 -5.66 21.70 -14.76
C ASN C 265 -5.43 22.19 -13.33
N TYR C 266 -6.40 22.91 -12.75
CA TYR C 266 -6.15 23.59 -11.48
C TYR C 266 -5.74 22.63 -10.35
N ASN C 267 -6.51 21.58 -10.13
CA ASN C 267 -6.16 20.68 -9.02
C ASN C 267 -4.87 19.87 -9.26
N LEU C 268 -4.56 19.58 -10.52
CA LEU C 268 -3.31 18.88 -10.83
C LEU C 268 -2.12 19.78 -10.50
N ARG C 269 -2.23 21.06 -10.84
CA ARG C 269 -1.16 22.01 -10.51
C ARG C 269 -0.87 21.96 -9.03
N VAL C 270 -1.93 22.02 -8.22
CA VAL C 270 -1.76 22.03 -6.77
C VAL C 270 -1.03 20.76 -6.30
N ILE C 271 -1.39 19.62 -6.86
CA ILE C 271 -0.72 18.36 -6.55
C ILE C 271 0.74 18.36 -6.98
N GLU C 272 1.02 18.88 -8.16
CA GLU C 272 2.37 18.92 -8.68
C GLU C 272 3.31 19.72 -7.77
N VAL C 273 2.85 20.85 -7.25
CA VAL C 273 3.73 21.67 -6.41
C VAL C 273 3.90 21.06 -5.02
N THR C 274 2.91 20.29 -4.55
CA THR C 274 3.09 19.61 -3.27
C THR C 274 4.10 18.47 -3.41
N VAL C 275 3.94 17.70 -4.49
CA VAL C 275 4.88 16.63 -4.80
C VAL C 275 6.27 17.21 -4.96
N ALA C 276 6.40 18.30 -5.71
CA ALA C 276 7.70 18.95 -5.90
C ALA C 276 8.32 19.36 -4.56
N ALA C 277 7.52 19.95 -3.68
CA ALA C 277 7.98 20.33 -2.35
C ALA C 277 8.52 19.12 -1.59
N ASN C 278 7.79 18.02 -1.64
CA ASN C 278 8.22 16.82 -0.89
C ASN C 278 9.39 16.08 -1.54
N ALA C 279 9.50 16.15 -2.87
CA ALA C 279 10.68 15.58 -3.53
C ALA C 279 11.94 16.37 -3.17
N LEU C 280 11.79 17.69 -3.09
CA LEU C 280 12.90 18.52 -2.66
C LEU C 280 13.27 18.18 -1.23
N ALA C 281 12.26 18.11 -0.36
CA ALA C 281 12.50 17.80 1.05
C ALA C 281 13.23 16.46 1.21
N THR C 282 12.81 15.47 0.42
CA THR C 282 13.45 14.15 0.48
C THR C 282 14.89 14.23 0.02
N ARG C 283 15.11 14.93 -1.08
CA ARG C 283 16.46 15.01 -1.65
C ARG C 283 17.42 15.70 -0.69
N TYR C 284 16.93 16.68 0.06
CA TYR C 284 17.79 17.44 0.96
C TYR C 284 17.65 17.04 2.44
N SER C 285 17.04 15.87 2.68
CA SER C 285 16.83 15.36 4.03
C SER C 285 16.27 16.35 5.06
N VAL C 286 15.12 16.93 4.76
CA VAL C 286 14.42 17.72 5.76
C VAL C 286 12.98 17.27 5.79
N ALA C 287 12.31 17.51 6.91
CA ALA C 287 10.92 17.15 7.09
C ALA C 287 10.08 18.40 6.88
N LEU C 288 8.90 18.25 6.28
CA LEU C 288 7.94 19.37 6.15
C LEU C 288 6.83 19.21 7.19
N PRO C 289 6.17 20.32 7.58
CA PRO C 289 5.09 20.20 8.56
C PRO C 289 3.90 19.45 7.96
N SER C 290 3.01 18.93 8.80
CA SER C 290 1.88 18.14 8.32
C SER C 290 0.53 18.89 8.43
N HIS C 291 0.30 19.85 7.53
CA HIS C 291 -0.92 20.67 7.53
C HIS C 291 -2.19 19.84 7.77
N LYS C 292 -2.95 20.21 8.80
CA LYS C 292 -4.10 19.42 9.22
C LYS C 292 -5.43 20.17 9.04
N ASP C 293 -5.35 21.43 8.65
CA ASP C 293 -6.54 22.27 8.56
C ASP C 293 -6.88 22.68 7.12
N ASN C 294 -6.05 22.27 6.18
CA ASN C 294 -6.18 22.72 4.80
C ASN C 294 -5.70 21.68 3.80
N SER C 295 -6.50 21.44 2.76
CA SER C 295 -6.26 20.35 1.82
C SER C 295 -5.28 20.69 0.70
N ASN C 296 -4.87 21.96 0.60
CA ASN C 296 -3.88 22.34 -0.41
C ASN C 296 -2.67 21.42 -0.34
N SER C 297 -2.06 21.38 0.83
CA SER C 297 -0.82 20.66 1.01
C SER C 297 -0.74 20.03 2.40
N GLU C 298 -1.52 18.96 2.60
CA GLU C 298 -1.50 18.23 3.86
C GLU C 298 -0.11 17.69 4.16
N ARG C 299 0.73 17.58 3.12
CA ARG C 299 2.07 17.05 3.26
C ARG C 299 3.13 18.16 3.06
N GLY C 300 2.68 19.41 3.04
CA GLY C 300 3.62 20.53 3.01
C GLY C 300 3.79 21.14 1.64
N ASN C 301 4.20 22.41 1.61
CA ASN C 301 4.28 23.14 0.36
C ASN C 301 5.66 23.73 0.13
N LEU C 302 5.81 24.48 -0.95
CA LEU C 302 7.11 24.97 -1.40
C LEU C 302 7.72 26.01 -0.47
N ARG C 303 6.87 26.77 0.22
CA ARG C 303 7.33 27.71 1.22
C ARG C 303 7.79 26.93 2.45
N ASP C 304 7.08 25.85 2.79
CA ASP C 304 7.52 24.99 3.89
C ASP C 304 8.93 24.45 3.61
N PHE C 305 9.19 24.10 2.35
CA PHE C 305 10.51 23.56 2.03
C PHE C 305 11.57 24.65 2.21
N MET C 306 11.28 25.85 1.73
CA MET C 306 12.25 26.95 1.84
C MET C 306 12.59 27.15 3.30
N ASP C 307 11.57 27.19 4.16
CA ASP C 307 11.77 27.39 5.59
C ASP C 307 12.57 26.25 6.21
N ALA C 308 12.25 25.03 5.82
CA ALA C 308 12.89 23.85 6.38
C ALA C 308 14.33 23.72 5.91
N TYR C 309 14.59 24.11 4.66
CA TYR C 309 15.96 24.11 4.13
C TYR C 309 16.83 25.14 4.88
N TYR C 310 16.29 26.33 5.08
CA TYR C 310 17.01 27.37 5.80
C TYR C 310 17.23 27.01 7.27
N ALA C 311 16.25 26.38 7.90
CA ALA C 311 16.39 26.01 9.31
C ALA C 311 17.49 24.94 9.50
N ARG C 312 17.70 24.12 8.48
CA ARG C 312 18.64 22.99 8.56
C ARG C 312 20.06 23.33 8.07
N TYR C 313 20.16 24.04 6.96
CA TYR C 313 21.47 24.33 6.35
C TYR C 313 21.93 25.78 6.46
N GLU C 314 21.04 26.70 6.85
CA GLU C 314 21.38 28.11 6.86
C GLU C 314 21.09 28.74 8.21
N ASN C 315 21.34 27.99 9.27
CA ASN C 315 21.07 28.48 10.62
C ASN C 315 21.71 29.83 10.92
N GLN C 316 22.84 30.12 10.29
CA GLN C 316 23.55 31.39 10.51
C GLN C 316 22.97 32.60 9.74
N ALA C 317 22.14 32.34 8.73
CA ALA C 317 21.54 33.42 7.96
C ALA C 317 20.62 34.29 8.83
N GLN C 318 20.40 35.54 8.42
CA GLN C 318 19.49 36.37 9.20
C GLN C 318 18.07 35.91 8.90
N PRO C 319 17.15 36.13 9.84
CA PRO C 319 15.78 35.64 9.65
C PRO C 319 15.08 36.42 8.53
N TRP C 320 14.13 35.79 7.85
CA TRP C 320 13.29 36.52 6.92
C TRP C 320 12.02 36.94 7.63
N ASN C 321 11.93 38.21 7.96
CA ASN C 321 10.73 38.74 8.57
C ASN C 321 10.08 39.77 7.67
N GLY C 322 9.68 39.33 6.48
CA GLY C 322 9.00 40.20 5.52
C GLY C 322 9.93 41.22 4.88
N ASP C 323 11.22 41.08 5.17
CA ASP C 323 12.22 41.91 4.54
C ASP C 323 12.41 41.50 3.08
N ILE C 324 12.34 42.46 2.17
CA ILE C 324 12.38 42.15 0.73
C ILE C 324 13.74 41.63 0.25
N GLY C 325 14.81 42.31 0.63
CA GLY C 325 16.15 41.89 0.26
C GLY C 325 16.41 40.44 0.64
N THR C 326 16.14 40.11 1.89
CA THR C 326 16.32 38.76 2.39
C THR C 326 15.42 37.75 1.67
N GLY C 327 14.19 38.17 1.41
CA GLY C 327 13.25 37.32 0.72
C GLY C 327 13.84 36.96 -0.63
N ILE C 328 14.37 37.96 -1.32
CA ILE C 328 14.95 37.74 -2.64
C ILE C 328 16.11 36.73 -2.61
N GLU C 329 17.00 36.87 -1.64
CA GLU C 329 18.11 35.91 -1.55
C GLU C 329 17.64 34.47 -1.26
N ARG C 330 16.62 34.30 -0.44
CA ARG C 330 16.14 32.95 -0.15
C ARG C 330 15.52 32.31 -1.39
N LEU C 331 14.80 33.11 -2.17
CA LEU C 331 14.15 32.62 -3.38
C LEU C 331 15.16 32.27 -4.48
N LEU C 332 16.25 33.05 -4.56
CA LEU C 332 17.32 32.76 -5.51
C LEU C 332 17.99 31.45 -5.13
N LYS C 333 18.11 31.18 -3.84
CA LYS C 333 18.64 29.91 -3.37
C LYS C 333 17.71 28.76 -3.80
N MET C 334 16.42 28.92 -3.57
CA MET C 334 15.45 27.90 -3.98
C MET C 334 15.54 27.61 -5.46
N LEU C 335 15.67 28.67 -6.26
CA LEU C 335 15.79 28.50 -7.70
C LEU C 335 17.00 27.64 -8.06
N GLN C 336 18.13 27.86 -7.38
CA GLN C 336 19.32 27.02 -7.58
C GLN C 336 19.02 25.56 -7.25
N LEU C 337 18.37 25.33 -6.11
CA LEU C 337 18.10 23.96 -5.67
C LEU C 337 17.19 23.28 -6.69
N VAL C 338 16.31 24.05 -7.30
CA VAL C 338 15.40 23.49 -8.28
C VAL C 338 16.17 23.03 -9.53
N GLU C 339 17.15 23.82 -9.94
CA GLU C 339 18.02 23.44 -11.05
C GLU C 339 18.76 22.15 -10.70
N GLU C 340 19.42 22.12 -9.54
CA GLU C 340 20.24 20.97 -9.15
C GLU C 340 19.39 19.71 -9.08
N SER C 341 18.13 19.87 -8.69
CA SER C 341 17.31 18.74 -8.35
C SER C 341 16.56 18.19 -9.55
N PHE C 342 15.95 19.06 -10.33
CA PHE C 342 14.95 18.65 -11.32
C PHE C 342 15.32 18.98 -12.76
N SER C 343 16.44 19.68 -13.00
CA SER C 343 16.73 20.17 -14.35
C SER C 343 17.00 19.07 -15.37
N ARG C 344 17.28 17.87 -14.89
CA ARG C 344 17.54 16.74 -15.78
C ARG C 344 16.29 15.92 -16.03
N LYS C 345 15.16 16.41 -15.54
CA LYS C 345 13.89 15.70 -15.71
C LYS C 345 12.82 16.62 -16.23
N LYS C 346 13.14 17.38 -17.27
CA LYS C 346 12.19 18.36 -17.81
C LYS C 346 11.03 17.67 -18.53
N SER C 347 11.20 16.39 -18.88
CA SER C 347 10.10 15.61 -19.46
C SER C 347 9.04 15.28 -18.41
N GLY C 348 9.35 15.49 -17.13
CA GLY C 348 8.41 15.27 -16.05
C GLY C 348 8.55 13.91 -15.39
N PHE C 349 7.85 13.69 -14.29
CA PHE C 349 7.94 12.46 -13.52
C PHE C 349 6.71 11.58 -13.69
N THR C 350 6.88 10.32 -14.08
CA THR C 350 5.75 9.40 -14.08
C THR C 350 5.41 9.08 -12.62
N VAL C 351 4.31 8.40 -12.38
CA VAL C 351 3.92 8.09 -11.01
C VAL C 351 5.01 7.25 -10.32
N HIS C 352 5.68 6.38 -11.08
CA HIS C 352 6.73 5.54 -10.50
C HIS C 352 7.96 6.36 -10.15
N GLU C 353 8.36 7.24 -11.05
CA GLU C 353 9.51 8.12 -10.79
C GLU C 353 9.25 9.09 -9.64
N ALA C 354 8.03 9.62 -9.57
CA ALA C 354 7.65 10.50 -8.46
C ALA C 354 7.74 9.75 -7.14
N SER C 355 7.22 8.52 -7.11
CA SER C 355 7.31 7.71 -5.90
C SER C 355 8.76 7.48 -5.48
N THR C 356 9.60 7.14 -6.44
CA THR C 356 11.02 6.94 -6.17
C THR C 356 11.65 8.23 -5.60
N ALA C 357 11.32 9.37 -6.20
CA ALA C 357 11.87 10.63 -5.74
C ALA C 357 11.41 10.98 -4.33
N LEU C 358 10.29 10.40 -3.91
CA LEU C 358 9.78 10.60 -2.56
C LEU C 358 10.16 9.46 -1.62
N ASN C 359 10.92 8.49 -2.15
CA ASN C 359 11.29 7.28 -1.42
C ASN C 359 10.11 6.50 -0.80
N CYS C 360 9.07 6.28 -1.58
CA CYS C 360 7.95 5.48 -1.10
C CYS C 360 7.40 4.60 -2.23
N SER C 361 6.47 3.73 -1.91
CA SER C 361 5.82 2.91 -2.93
C SER C 361 4.83 3.73 -3.75
N ARG C 362 4.48 3.20 -4.91
CA ARG C 362 3.43 3.82 -5.75
C ARG C 362 2.12 3.91 -4.93
N GLU C 363 1.81 2.86 -4.21
CA GLU C 363 0.58 2.79 -3.43
C GLU C 363 0.53 3.91 -2.37
N GLU C 364 1.64 4.14 -1.69
CA GLU C 364 1.65 5.15 -0.64
C GLU C 364 1.64 6.55 -1.26
N PHE C 365 2.33 6.71 -2.38
CA PHE C 365 2.34 7.95 -3.12
C PHE C 365 0.91 8.29 -3.54
N THR C 366 0.22 7.28 -4.06
CA THR C 366 -1.16 7.44 -4.49
C THR C 366 -2.05 7.86 -3.33
N ARG C 367 -1.97 7.13 -2.22
CA ARG C 367 -2.75 7.47 -1.03
CA ARG C 367 -2.76 7.47 -1.05
C ARG C 367 -2.46 8.88 -0.53
N ASP C 368 -1.20 9.29 -0.56
CA ASP C 368 -0.76 10.55 0.04
C ASP C 368 -0.96 11.80 -0.82
N TYR C 369 -0.97 11.67 -2.13
CA TYR C 369 -1.00 12.84 -3.01
C TYR C 369 -2.15 12.84 -4.01
N LEU C 370 -2.70 11.66 -4.29
CA LEU C 370 -3.63 11.51 -5.43
C LEU C 370 -5.08 11.21 -5.06
N THR C 371 -5.40 11.08 -3.78
CA THR C 371 -6.72 10.68 -3.36
CA THR C 371 -6.74 10.71 -3.38
C THR C 371 -7.42 11.84 -2.62
N THR C 372 -6.88 13.03 -2.70
CA THR C 372 -7.49 14.18 -2.01
C THR C 372 -8.53 14.88 -2.90
N PHE C 373 -8.16 15.13 -4.14
CA PHE C 373 -9.06 15.60 -5.18
C PHE C 373 -8.83 14.75 -6.43
N PRO C 374 -9.88 14.55 -7.24
CA PRO C 374 -9.71 13.77 -8.48
C PRO C 374 -8.60 14.36 -9.33
N VAL C 375 -7.81 13.47 -9.95
CA VAL C 375 -6.66 13.91 -10.73
C VAL C 375 -6.38 12.92 -11.85
N ARG C 376 -5.78 13.43 -12.91
CA ARG C 376 -5.50 12.65 -14.09
C ARG C 376 -4.28 13.23 -14.78
N PHE C 377 -3.29 12.40 -15.07
CA PHE C 377 -2.03 12.90 -15.63
C PHE C 377 -1.23 11.77 -16.25
N GLN C 378 -0.25 12.16 -17.07
CA GLN C 378 0.75 11.23 -17.62
C GLN C 378 2.05 11.41 -16.87
N VAL C 379 2.39 12.68 -16.58
CA VAL C 379 3.59 12.96 -15.80
C VAL C 379 3.33 14.16 -14.92
N LEU C 380 4.15 14.31 -13.89
CA LEU C 380 4.07 15.49 -13.04
C LEU C 380 5.32 16.33 -13.31
N LYS C 381 5.13 17.57 -13.76
CA LYS C 381 6.25 18.41 -14.19
C LYS C 381 6.84 19.15 -13.00
N LEU C 382 7.54 18.43 -12.16
CA LEU C 382 8.08 18.99 -10.92
C LEU C 382 9.00 20.19 -11.18
N TYR C 383 9.89 20.06 -12.15
CA TYR C 383 10.83 21.12 -12.50
C TYR C 383 10.12 22.42 -12.86
N GLN C 384 9.23 22.36 -13.86
CA GLN C 384 8.60 23.58 -14.35
C GLN C 384 7.68 24.22 -13.31
N ARG C 385 6.90 23.40 -12.60
CA ARG C 385 5.98 23.98 -11.63
C ARG C 385 6.69 24.64 -10.46
N ALA C 386 7.78 24.05 -9.97
CA ALA C 386 8.49 24.61 -8.83
C ALA C 386 9.27 25.83 -9.29
N LYS C 387 9.82 25.77 -10.50
CA LYS C 387 10.51 26.92 -11.04
C LYS C 387 9.56 28.13 -11.16
N HIS C 388 8.36 27.90 -11.68
CA HIS C 388 7.39 28.97 -11.77
C HIS C 388 7.09 29.58 -10.41
N VAL C 389 6.76 28.74 -9.44
CA VAL C 389 6.38 29.23 -8.11
C VAL C 389 7.46 30.13 -7.50
N TYR C 390 8.70 29.65 -7.48
CA TYR C 390 9.74 30.43 -6.82
C TYR C 390 10.10 31.69 -7.60
N SER C 391 10.12 31.60 -8.92
CA SER C 391 10.41 32.77 -9.74
C SER C 391 9.26 33.76 -9.71
N GLU C 392 8.03 33.25 -9.67
CA GLU C 392 6.87 34.14 -9.63
C GLU C 392 6.84 34.89 -8.30
N SER C 393 7.24 34.20 -7.23
N SER C 393 7.23 34.21 -7.23
CA SER C 393 7.27 34.82 -5.90
CA SER C 393 7.27 34.85 -5.92
C SER C 393 8.34 35.90 -5.84
C SER C 393 8.32 35.94 -5.89
N LEU C 394 9.44 35.67 -6.54
CA LEU C 394 10.53 36.64 -6.62
C LEU C 394 10.03 37.90 -7.34
N ARG C 395 9.26 37.69 -8.41
CA ARG C 395 8.68 38.81 -9.16
C ARG C 395 7.71 39.65 -8.33
N VAL C 396 6.97 39.00 -7.41
CA VAL C 396 6.07 39.75 -6.53
C VAL C 396 6.85 40.75 -5.65
N LEU C 397 7.99 40.30 -5.15
CA LEU C 397 8.80 41.11 -4.24
C LEU C 397 9.38 42.31 -4.99
N LYS C 398 9.88 42.09 -6.20
CA LYS C 398 10.41 43.19 -7.02
C LYS C 398 9.30 44.14 -7.38
N ALA C 399 8.12 43.60 -7.68
CA ALA C 399 6.98 44.45 -8.00
C ALA C 399 6.62 45.31 -6.78
N LEU C 400 6.62 44.70 -5.60
CA LEU C 400 6.28 45.40 -4.37
C LEU C 400 7.23 46.56 -4.15
N LYS C 401 8.51 46.29 -4.32
CA LYS C 401 9.53 47.32 -4.23
C LYS C 401 9.16 48.51 -5.11
N MET C 402 8.86 48.25 -6.36
CA MET C 402 8.49 49.31 -7.29
C MET C 402 7.28 50.10 -6.83
N MET C 403 6.26 49.39 -6.35
CA MET C 403 5.02 50.03 -5.96
C MET C 403 5.20 50.92 -4.74
N THR C 404 6.21 50.61 -3.95
CA THR C 404 6.43 51.27 -2.67
C THR C 404 7.86 51.78 -2.60
N SER C 405 8.49 51.86 -3.77
CA SER C 405 9.86 52.31 -3.87
C SER C 405 9.97 53.75 -3.41
N ALA C 406 11.08 54.07 -2.75
CA ALA C 406 11.37 55.44 -2.35
C ALA C 406 12.15 56.14 -3.44
N THR C 407 13.12 55.41 -4.02
CA THR C 407 13.95 55.93 -5.10
C THR C 407 13.11 56.20 -6.34
N PHE C 408 13.28 57.40 -6.90
CA PHE C 408 12.41 57.90 -7.96
C PHE C 408 12.94 57.67 -9.38
N HIS C 409 12.02 57.31 -10.27
CA HIS C 409 12.36 57.06 -11.67
C HIS C 409 11.43 57.86 -12.56
N THR C 410 11.74 57.90 -13.86
CA THR C 410 10.87 58.60 -14.79
C THR C 410 9.60 57.79 -14.99
N ASP C 411 8.52 58.46 -15.40
CA ASP C 411 7.24 57.80 -15.68
C ASP C 411 7.42 56.62 -16.62
N GLU C 412 8.24 56.80 -17.64
CA GLU C 412 8.48 55.75 -18.62
C GLU C 412 9.23 54.54 -18.04
N ASP C 413 10.16 54.81 -17.12
CA ASP C 413 10.87 53.74 -16.43
C ASP C 413 9.91 52.89 -15.61
N PHE C 414 9.01 53.54 -14.88
CA PHE C 414 8.05 52.76 -14.13
C PHE C 414 7.28 51.80 -15.05
N PHE C 415 6.65 52.35 -16.08
CA PHE C 415 5.85 51.54 -16.99
C PHE C 415 6.65 50.43 -17.64
N THR C 416 7.88 50.73 -18.03
CA THR C 416 8.71 49.76 -18.70
C THR C 416 9.16 48.67 -17.72
N ASP C 417 9.55 49.06 -16.52
CA ASP C 417 10.05 48.08 -15.54
C ASP C 417 8.95 47.21 -14.97
N PHE C 418 7.84 47.83 -14.56
CA PHE C 418 6.72 47.07 -14.03
C PHE C 418 6.11 46.18 -15.11
N GLY C 419 5.99 46.72 -16.32
CA GLY C 419 5.52 45.94 -17.45
C GLY C 419 6.39 44.72 -17.72
N ARG C 420 7.70 44.89 -17.61
N ARG C 420 7.70 44.89 -17.60
CA ARG C 420 8.63 43.78 -17.80
CA ARG C 420 8.61 43.77 -17.80
C ARG C 420 8.37 42.64 -16.80
C ARG C 420 8.31 42.64 -16.81
N LEU C 421 8.06 42.99 -15.56
CA LEU C 421 7.75 41.99 -14.54
C LEU C 421 6.48 41.25 -14.93
N MET C 422 5.45 41.99 -15.36
CA MET C 422 4.22 41.34 -15.83
C MET C 422 4.50 40.44 -17.03
N ASN C 423 5.31 40.91 -17.96
CA ASN C 423 5.64 40.11 -19.13
C ASN C 423 6.40 38.82 -18.78
N GLU C 424 7.34 38.91 -17.85
CA GLU C 424 8.05 37.72 -17.39
C GLU C 424 7.12 36.75 -16.70
N SER C 425 6.15 37.29 -15.96
CA SER C 425 5.14 36.46 -15.31
C SER C 425 4.27 35.72 -16.33
N GLN C 426 3.83 36.43 -17.37
CA GLN C 426 3.05 35.80 -18.44
C GLN C 426 3.84 34.68 -19.12
N ALA C 427 5.11 34.93 -19.40
CA ALA C 427 5.94 33.93 -20.07
C ALA C 427 6.07 32.65 -19.22
N SER C 428 6.10 32.83 -17.92
CA SER C 428 6.27 31.72 -16.98
C SER C 428 4.94 30.94 -16.82
N CYS C 429 3.83 31.65 -16.69
CA CYS C 429 2.52 31.02 -16.66
C CYS C 429 2.31 30.19 -17.94
N ASP C 430 2.69 30.78 -19.07
CA ASP C 430 2.53 30.15 -20.37
C ASP C 430 3.44 28.93 -20.54
N LYS C 431 4.74 29.14 -20.37
CA LYS C 431 5.70 28.09 -20.71
C LYS C 431 6.05 27.15 -19.54
N LEU C 432 6.03 27.65 -18.31
CA LEU C 432 6.42 26.79 -17.18
C LEU C 432 5.22 26.18 -16.47
N TYR C 433 4.20 26.99 -16.21
CA TYR C 433 3.05 26.50 -15.46
C TYR C 433 1.98 25.95 -16.40
N GLU C 434 2.06 26.33 -17.67
CA GLU C 434 1.11 25.89 -18.67
C GLU C 434 -0.33 26.19 -18.32
N CYS C 435 -0.62 27.43 -17.95
CA CYS C 435 -1.99 27.78 -17.58
C CYS C 435 -2.49 28.96 -18.43
N SER C 436 -1.81 29.21 -19.54
CA SER C 436 -2.32 30.18 -20.50
C SER C 436 -3.20 29.47 -21.50
N CYS C 437 -3.58 30.17 -22.56
CA CYS C 437 -4.32 29.58 -23.65
C CYS C 437 -4.06 30.44 -24.88
N ILE C 438 -4.51 29.96 -26.03
CA ILE C 438 -4.28 30.69 -27.28
C ILE C 438 -4.88 32.09 -27.21
N GLU C 439 -6.11 32.19 -26.72
CA GLU C 439 -6.81 33.46 -26.70
C GLU C 439 -6.05 34.44 -25.80
N THR C 440 -5.63 33.96 -24.63
CA THR C 440 -4.81 34.78 -23.74
C THR C 440 -3.55 35.28 -24.44
N ASN C 441 -2.87 34.37 -25.15
CA ASN C 441 -1.62 34.70 -25.80
C ASN C 441 -1.80 35.73 -26.92
N GLN C 442 -2.89 35.61 -27.67
CA GLN C 442 -3.17 36.57 -28.74
C GLN C 442 -3.49 37.95 -28.18
N ILE C 443 -4.30 37.99 -27.13
CA ILE C 443 -4.69 39.26 -26.53
C ILE C 443 -3.46 39.99 -26.01
N CYS C 444 -2.59 39.26 -25.31
CA CYS C 444 -1.41 39.86 -24.71
C CYS C 444 -0.48 40.43 -25.77
N SER C 445 -0.34 39.74 -26.89
CA SER C 445 0.55 40.19 -27.97
C SER C 445 0.02 41.45 -28.65
N ILE C 446 -1.24 41.41 -29.05
CA ILE C 446 -1.91 42.58 -29.63
C ILE C 446 -1.77 43.76 -28.67
N ALA C 447 -2.07 43.54 -27.39
CA ALA C 447 -2.01 44.61 -26.39
C ALA C 447 -0.63 45.27 -26.31
N LEU C 448 0.42 44.44 -26.24
CA LEU C 448 1.80 44.92 -26.15
C LEU C 448 2.26 45.71 -27.38
N ALA C 449 1.62 45.48 -28.52
CA ALA C 449 1.99 46.18 -29.74
C ALA C 449 1.14 47.44 -29.90
N ASN C 450 0.17 47.60 -29.02
CA ASN C 450 -0.82 48.66 -29.17
C ASN C 450 -1.08 49.48 -27.91
N GLY C 451 -0.04 49.68 -27.11
CA GLY C 451 -0.13 50.64 -26.03
C GLY C 451 0.05 50.07 -24.63
N SER C 452 0.05 48.74 -24.51
CA SER C 452 0.37 48.12 -23.22
C SER C 452 1.87 47.99 -22.99
N PHE C 453 2.30 48.25 -21.76
CA PHE C 453 3.71 48.08 -21.35
C PHE C 453 3.94 46.71 -20.72
N GLY C 454 2.85 46.04 -20.37
CA GLY C 454 2.93 44.74 -19.72
C GLY C 454 1.57 44.08 -19.73
N SER C 455 1.54 42.82 -20.16
CA SER C 455 0.30 42.08 -20.30
C SER C 455 0.45 40.64 -19.78
N ARG C 456 -0.51 40.21 -18.96
CA ARG C 456 -0.51 38.85 -18.45
C ARG C 456 -1.92 38.39 -18.15
N LEU C 457 -2.12 37.08 -18.11
CA LEU C 457 -3.37 36.54 -17.60
C LEU C 457 -3.46 36.89 -16.13
N THR C 458 -4.67 36.83 -15.59
CA THR C 458 -4.85 36.94 -14.15
C THR C 458 -5.81 35.81 -13.76
N GLY C 459 -5.92 35.53 -12.46
CA GLY C 459 -6.77 34.44 -12.02
C GLY C 459 -6.14 33.10 -12.36
N ALA C 460 -6.95 32.05 -12.42
CA ALA C 460 -6.41 30.69 -12.65
C ALA C 460 -5.84 30.50 -14.06
N GLY C 461 -6.50 31.07 -15.07
CA GLY C 461 -6.03 30.88 -16.43
C GLY C 461 -6.81 29.80 -17.14
N TRP C 462 -6.18 29.16 -18.13
CA TRP C 462 -6.91 28.33 -19.09
C TRP C 462 -8.17 29.06 -19.60
N GLY C 463 -8.02 30.36 -19.81
CA GLY C 463 -9.11 31.22 -20.22
C GLY C 463 -9.22 32.36 -19.23
N GLY C 464 -10.43 32.83 -18.98
CA GLY C 464 -10.65 33.88 -18.00
C GLY C 464 -10.21 35.23 -18.52
N CYS C 465 -9.56 36.02 -17.67
CA CYS C 465 -9.23 37.41 -18.00
C CYS C 465 -7.75 37.67 -18.11
N THR C 466 -7.42 38.82 -18.70
CA THR C 466 -6.05 39.29 -18.82
C THR C 466 -6.01 40.73 -18.31
N ILE C 467 -4.83 41.18 -17.89
CA ILE C 467 -4.66 42.58 -17.48
C ILE C 467 -3.51 43.23 -18.23
N HIS C 468 -3.62 44.53 -18.46
CA HIS C 468 -2.66 45.23 -19.29
C HIS C 468 -2.33 46.57 -18.65
N LEU C 469 -1.05 46.78 -18.41
CA LEU C 469 -0.55 48.00 -17.80
C LEU C 469 -0.51 49.10 -18.85
N VAL C 470 -1.35 50.11 -18.69
CA VAL C 470 -1.40 51.21 -19.65
C VAL C 470 -1.41 52.56 -18.94
N PRO C 471 -0.78 53.55 -19.56
CA PRO C 471 -0.91 54.94 -19.11
C PRO C 471 -2.33 55.42 -19.38
N SER C 472 -2.94 56.09 -18.42
CA SER C 472 -4.20 56.77 -18.66
C SER C 472 -4.00 58.26 -18.43
N GLY C 473 -5.03 59.05 -18.65
CA GLY C 473 -4.91 60.49 -18.46
C GLY C 473 -5.03 61.29 -19.74
N ALA C 474 -4.31 62.41 -19.79
CA ALA C 474 -4.41 63.34 -20.92
C ALA C 474 -4.02 62.68 -22.23
N ASN C 475 -2.95 61.91 -22.20
CA ASN C 475 -2.43 61.27 -23.40
C ASN C 475 -2.17 59.79 -23.19
N GLY C 476 -3.08 59.13 -22.46
CA GLY C 476 -2.94 57.72 -22.16
C GLY C 476 -3.21 56.80 -23.35
N ASN C 477 -3.15 55.49 -23.09
CA ASN C 477 -3.25 54.49 -24.14
C ASN C 477 -4.47 53.61 -23.97
N VAL C 478 -5.35 53.97 -23.05
CA VAL C 478 -6.50 53.13 -22.74
C VAL C 478 -7.32 52.85 -24.00
N GLU C 479 -7.72 53.91 -24.69
CA GLU C 479 -8.49 53.79 -25.93
C GLU C 479 -7.70 53.21 -27.11
N GLN C 480 -6.40 53.49 -27.18
CA GLN C 480 -5.54 52.84 -28.17
C GLN C 480 -5.60 51.31 -28.00
N VAL C 481 -5.45 50.84 -26.77
CA VAL C 481 -5.45 49.40 -26.51
C VAL C 481 -6.82 48.77 -26.82
N ARG C 482 -7.88 49.39 -26.30
CA ARG C 482 -9.26 48.93 -26.53
C ARG C 482 -9.58 48.70 -28.00
N LYS C 483 -9.35 49.71 -28.82
CA LYS C 483 -9.67 49.63 -30.24
C LYS C 483 -8.86 48.56 -30.95
N ALA C 484 -7.58 48.44 -30.61
CA ALA C 484 -6.73 47.45 -31.26
C ALA C 484 -7.22 46.05 -30.91
N LEU C 485 -7.61 45.84 -29.66
CA LEU C 485 -8.15 44.56 -29.21
C LEU C 485 -9.47 44.22 -29.90
N ILE C 486 -10.39 45.18 -29.93
CA ILE C 486 -11.66 45.00 -30.61
C ILE C 486 -11.44 44.62 -32.07
N GLU C 487 -10.66 45.42 -32.77
CA GLU C 487 -10.40 45.17 -34.18
C GLU C 487 -9.62 43.88 -34.43
N LYS C 488 -8.56 43.66 -33.66
CA LYS C 488 -7.61 42.59 -33.95
C LYS C 488 -7.87 41.26 -33.25
N PHE C 489 -8.66 41.28 -32.18
CA PHE C 489 -9.00 40.04 -31.50
C PHE C 489 -10.51 39.77 -31.57
N TYR C 490 -11.30 40.61 -30.93
CA TYR C 490 -12.72 40.34 -30.80
C TYR C 490 -13.45 40.22 -32.14
N ASN C 491 -13.29 41.22 -33.01
CA ASN C 491 -13.89 41.14 -34.34
C ASN C 491 -13.45 39.88 -35.10
N VAL C 492 -12.24 39.44 -34.83
CA VAL C 492 -11.68 38.30 -35.55
C VAL C 492 -12.17 36.96 -35.02
N ARG C 493 -12.15 36.78 -33.70
CA ARG C 493 -12.52 35.50 -33.12
C ARG C 493 -14.01 35.43 -32.74
N TYR C 494 -14.60 36.57 -32.40
CA TYR C 494 -16.01 36.60 -32.01
C TYR C 494 -16.81 37.67 -32.78
N PRO C 495 -16.87 37.53 -34.12
CA PRO C 495 -17.48 38.55 -34.99
C PRO C 495 -18.91 38.93 -34.61
N ASP C 496 -19.64 38.02 -33.98
CA ASP C 496 -21.07 38.27 -33.73
C ASP C 496 -21.37 38.85 -32.35
N LEU C 497 -20.37 39.44 -31.70
CA LEU C 497 -20.59 40.07 -30.39
C LEU C 497 -21.36 41.38 -30.51
N THR C 498 -22.42 41.49 -29.71
CA THR C 498 -23.19 42.72 -29.61
C THR C 498 -22.34 43.84 -29.02
N ASP C 499 -22.72 45.07 -29.31
CA ASP C 499 -22.02 46.22 -28.74
C ASP C 499 -21.97 46.10 -27.23
N GLU C 500 -23.05 45.58 -26.65
CA GLU C 500 -23.13 45.37 -25.21
C GLU C 500 -22.04 44.43 -24.71
N GLU C 501 -21.83 43.34 -25.43
CA GLU C 501 -20.84 42.34 -25.03
C GLU C 501 -19.43 42.93 -25.10
N LEU C 502 -19.12 43.64 -26.18
CA LEU C 502 -17.81 44.25 -26.38
C LEU C 502 -17.48 45.24 -25.28
N LYS C 503 -18.45 46.09 -24.94
CA LYS C 503 -18.32 47.03 -23.84
C LYS C 503 -17.87 46.31 -22.58
N ASP C 504 -18.49 45.17 -22.30
CA ASP C 504 -18.21 44.42 -21.08
C ASP C 504 -16.94 43.57 -21.15
N ALA C 505 -16.49 43.26 -22.35
CA ALA C 505 -15.28 42.44 -22.53
C ALA C 505 -14.01 43.18 -22.15
N ILE C 506 -14.05 44.50 -22.22
CA ILE C 506 -12.86 45.30 -21.94
C ILE C 506 -13.20 46.38 -20.95
N ILE C 507 -12.65 46.29 -19.74
CA ILE C 507 -12.94 47.31 -18.75
C ILE C 507 -11.70 47.92 -18.10
N VAL C 508 -11.89 49.08 -17.51
CA VAL C 508 -10.84 49.74 -16.75
C VAL C 508 -11.36 50.00 -15.36
N SER C 509 -10.79 49.33 -14.37
CA SER C 509 -11.27 49.53 -13.01
C SER C 509 -10.23 50.15 -12.10
N LYS C 510 -10.69 50.97 -11.17
CA LYS C 510 -9.87 51.43 -10.06
C LYS C 510 -10.05 50.43 -8.93
N PRO C 511 -9.10 50.41 -7.99
CA PRO C 511 -9.30 49.57 -6.83
C PRO C 511 -10.61 49.93 -6.13
N ALA C 512 -11.32 48.91 -5.64
CA ALA C 512 -12.63 49.15 -5.04
C ALA C 512 -12.71 48.70 -3.58
N LEU C 513 -13.77 49.16 -2.91
CA LEU C 513 -14.04 48.79 -1.53
C LEU C 513 -14.26 47.29 -1.43
N GLY C 514 -13.83 46.71 -0.31
CA GLY C 514 -14.04 45.30 -0.08
C GLY C 514 -15.48 44.96 0.26
N THR C 515 -15.66 43.77 0.80
CA THR C 515 -16.98 43.26 1.15
C THR C 515 -17.74 44.25 2.03
N CYS C 516 -19.03 44.39 1.81
CA CYS C 516 -19.86 45.23 2.67
C CYS C 516 -21.34 44.83 2.58
N LEU C 517 -22.13 45.38 3.50
CA LEU C 517 -23.58 45.15 3.56
C LEU C 517 -24.33 46.45 3.31
N TYR C 518 -25.38 46.39 2.49
CA TYR C 518 -26.32 47.50 2.35
C TYR C 518 -27.62 47.15 3.07
N GLU C 519 -27.98 47.91 4.10
CA GLU C 519 -29.23 47.69 4.81
C GLU C 519 -30.44 48.35 4.13
N GLN C 520 -31.46 47.54 3.86
CA GLN C 520 -32.70 47.99 3.23
C GLN C 520 -32.51 48.44 1.78
N ASN D 2 49.90 -5.68 12.09
CA ASN D 2 48.99 -4.60 12.47
C ASN D 2 48.02 -4.22 11.35
N THR D 3 48.52 -4.21 10.12
CA THR D 3 47.68 -3.94 8.96
C THR D 3 47.04 -5.22 8.45
N ASN D 4 47.82 -6.29 8.41
CA ASN D 4 47.40 -7.54 7.80
C ASN D 4 47.19 -8.65 8.82
N VAL D 5 46.47 -9.68 8.42
CA VAL D 5 46.29 -10.86 9.26
C VAL D 5 47.62 -11.59 9.40
N PRO D 6 48.07 -11.81 10.65
CA PRO D 6 49.38 -12.42 10.92
C PRO D 6 49.48 -13.89 10.49
N ILE D 7 50.67 -14.27 10.03
CA ILE D 7 50.91 -15.62 9.53
C ILE D 7 51.99 -16.30 10.38
N PHE D 8 51.77 -17.56 10.75
CA PHE D 8 52.71 -18.29 11.60
C PHE D 8 53.11 -19.62 10.95
N SER D 9 54.14 -20.26 11.51
CA SER D 9 54.64 -21.54 10.98
C SER D 9 54.74 -22.67 12.02
N SER D 10 55.29 -22.35 13.19
CA SER D 10 55.45 -23.35 14.25
C SER D 10 55.48 -22.70 15.63
N PRO D 16 52.48 -19.15 23.86
CA PRO D 16 51.13 -19.65 24.04
C PRO D 16 51.07 -21.17 23.92
N ARG D 17 51.78 -21.88 24.80
CA ARG D 17 51.86 -23.34 24.74
C ARG D 17 50.51 -24.03 24.44
N SER D 18 49.42 -23.29 24.66
CA SER D 18 48.08 -23.82 24.40
C SER D 18 47.77 -23.85 22.90
N PHE D 19 48.13 -22.76 22.20
CA PHE D 19 47.86 -22.63 20.77
C PHE D 19 48.61 -23.66 19.92
N GLU D 20 49.77 -24.11 20.40
CA GLU D 20 50.52 -25.15 19.71
C GLU D 20 49.88 -26.52 19.88
N GLN D 21 49.38 -26.78 21.09
CA GLN D 21 48.70 -28.05 21.37
C GLN D 21 47.44 -28.25 20.51
N LYS D 22 46.65 -27.19 20.36
CA LYS D 22 45.44 -27.24 19.55
C LYS D 22 45.79 -27.44 18.07
N HIS D 23 46.75 -26.65 17.60
CA HIS D 23 47.27 -26.73 16.23
C HIS D 23 47.55 -28.19 15.83
N LEU D 24 48.34 -28.89 16.63
CA LEU D 24 48.66 -30.27 16.31
C LEU D 24 47.44 -31.18 16.46
N ALA D 25 46.57 -30.87 17.42
CA ALA D 25 45.39 -31.67 17.66
C ALA D 25 44.42 -31.64 16.48
N VAL D 26 44.31 -30.48 15.85
CA VAL D 26 43.37 -30.33 14.74
C VAL D 26 43.97 -30.90 13.46
N VAL D 27 45.28 -30.74 13.30
CA VAL D 27 45.98 -31.30 12.15
C VAL D 27 45.78 -32.80 12.07
N ASP D 28 45.77 -33.45 13.24
CA ASP D 28 45.58 -34.90 13.26
C ASP D 28 44.13 -35.31 13.02
N ALA D 29 43.19 -34.53 13.57
CA ALA D 29 41.77 -34.76 13.32
C ALA D 29 41.47 -34.64 11.83
N PHE D 30 42.02 -33.59 11.22
CA PHE D 30 41.92 -33.41 9.78
C PHE D 30 42.46 -34.66 9.07
N PHE D 31 43.67 -35.06 9.43
CA PHE D 31 44.27 -36.26 8.84
C PHE D 31 43.40 -37.50 9.02
N GLN D 32 42.83 -37.67 10.21
CA GLN D 32 41.97 -38.81 10.51
C GLN D 32 40.68 -38.81 9.69
N THR D 33 40.23 -37.63 9.30
CA THR D 33 39.02 -37.51 8.49
C THR D 33 39.35 -37.66 7.01
N TYR D 34 40.40 -37.01 6.56
CA TYR D 34 40.66 -36.89 5.13
C TYR D 34 41.89 -37.66 4.64
N HIS D 35 42.64 -38.25 5.57
CA HIS D 35 43.80 -39.08 5.24
C HIS D 35 44.92 -38.36 4.51
N VAL D 36 44.98 -37.05 4.65
CA VAL D 36 46.10 -36.25 4.16
C VAL D 36 46.32 -35.11 5.15
N LYS D 37 47.49 -34.50 5.13
CA LYS D 37 47.76 -33.35 5.99
C LYS D 37 47.21 -32.07 5.34
N PRO D 38 46.75 -31.12 6.17
CA PRO D 38 46.19 -29.85 5.67
C PRO D 38 47.29 -28.91 5.20
N ASP D 39 46.95 -27.92 4.38
CA ASP D 39 47.94 -26.94 3.91
C ASP D 39 48.08 -25.77 4.87
N PHE D 40 46.99 -25.40 5.55
CA PHE D 40 47.01 -24.31 6.52
C PHE D 40 45.84 -24.39 7.49
N ILE D 41 45.91 -23.63 8.57
CA ILE D 41 44.78 -23.52 9.49
C ILE D 41 44.38 -22.05 9.67
N ALA D 42 43.12 -21.75 9.40
CA ALA D 42 42.58 -20.42 9.70
C ALA D 42 42.02 -20.42 11.12
N ARG D 43 42.47 -19.48 11.94
CA ARG D 43 42.02 -19.37 13.32
C ARG D 43 41.31 -18.04 13.53
N SER D 44 40.23 -18.07 14.29
CA SER D 44 39.47 -16.86 14.61
C SER D 44 38.84 -17.03 15.98
N PRO D 45 39.13 -16.12 16.92
CA PRO D 45 38.76 -16.34 18.32
C PRO D 45 37.34 -15.89 18.64
N GLY D 46 36.79 -16.42 19.73
CA GLY D 46 35.52 -15.94 20.24
C GLY D 46 35.73 -14.61 20.93
N ARG D 47 34.66 -14.06 21.50
CA ARG D 47 34.75 -12.76 22.13
C ARG D 47 33.78 -12.63 23.26
N VAL D 48 34.09 -11.70 24.17
CA VAL D 48 33.11 -11.20 25.11
C VAL D 48 33.07 -9.69 25.01
N ASN D 49 31.90 -9.14 25.33
CA ASN D 49 31.70 -7.70 25.35
C ASN D 49 31.59 -7.26 26.80
N LEU D 50 32.51 -6.39 27.22
CA LEU D 50 32.53 -5.92 28.61
C LEU D 50 31.28 -5.11 28.90
N ILE D 51 30.94 -4.24 27.97
CA ILE D 51 29.75 -3.43 28.09
C ILE D 51 29.41 -2.87 26.72
N GLY D 52 28.12 -2.62 26.50
CA GLY D 52 27.63 -2.08 25.25
C GLY D 52 26.87 -3.14 24.46
N GLU D 53 25.90 -3.78 25.11
CA GLU D 53 25.10 -4.80 24.45
C GLU D 53 23.97 -4.21 23.63
N HIS D 54 23.78 -4.79 22.44
CA HIS D 54 22.68 -4.43 21.56
C HIS D 54 22.66 -2.98 21.13
N ILE D 55 23.84 -2.41 20.94
CA ILE D 55 23.90 -1.05 20.39
C ILE D 55 24.74 -1.01 19.11
N ASP D 56 25.44 -2.10 18.80
CA ASP D 56 26.34 -2.09 17.65
C ASP D 56 25.57 -1.88 16.33
N TYR D 57 24.41 -2.53 16.18
CA TYR D 57 23.60 -2.28 14.99
C TYR D 57 22.89 -0.91 15.03
N CYS D 58 23.15 -0.13 16.06
CA CYS D 58 22.68 1.26 16.10
C CYS D 58 23.86 2.20 15.86
N ASP D 59 25.01 1.61 15.50
CA ASP D 59 26.22 2.36 15.17
C ASP D 59 26.93 2.94 16.38
N PHE D 60 26.57 2.53 17.59
CA PHE D 60 27.26 3.04 18.76
C PHE D 60 28.45 2.15 19.12
N SER D 61 29.51 2.77 19.62
CA SER D 61 30.77 2.10 19.93
C SER D 61 30.63 1.15 21.11
N VAL D 62 31.47 0.12 21.13
CA VAL D 62 31.38 -0.93 22.13
C VAL D 62 32.75 -1.27 22.72
N LEU D 63 32.75 -2.10 23.76
CA LEU D 63 33.97 -2.37 24.53
C LEU D 63 34.22 -3.89 24.67
N PRO D 64 34.74 -4.54 23.63
CA PRO D 64 34.92 -6.00 23.64
C PRO D 64 36.39 -6.49 23.69
N LEU D 65 36.54 -7.80 23.77
CA LEU D 65 37.86 -8.41 23.68
C LEU D 65 37.80 -9.83 23.14
N ALA D 66 38.87 -10.25 22.49
CA ALA D 66 38.98 -11.63 22.03
C ALA D 66 39.42 -12.52 23.18
N ILE D 67 38.85 -13.71 23.27
CA ILE D 67 39.22 -14.65 24.33
C ILE D 67 39.95 -15.89 23.81
N ASP D 68 40.48 -16.67 24.73
CA ASP D 68 41.39 -17.78 24.41
C ASP D 68 40.72 -19.02 23.81
N VAL D 69 39.47 -18.87 23.39
CA VAL D 69 38.77 -19.94 22.68
C VAL D 69 38.50 -19.50 21.24
N ASP D 70 38.66 -20.43 20.30
CA ASP D 70 38.59 -20.05 18.90
C ASP D 70 37.89 -21.07 18.02
N MET D 71 37.67 -20.69 16.77
CA MET D 71 37.25 -21.62 15.73
C MET D 71 38.46 -21.91 14.87
N LEU D 72 38.77 -23.18 14.69
CA LEU D 72 39.88 -23.59 13.85
C LEU D 72 39.39 -24.27 12.59
N CYS D 73 39.79 -23.76 11.44
CA CYS D 73 39.45 -24.37 10.16
C CYS D 73 40.72 -24.85 9.47
N ALA D 74 40.98 -26.15 9.57
CA ALA D 74 42.11 -26.77 8.90
C ALA D 74 41.71 -27.11 7.47
N VAL D 75 42.57 -26.74 6.52
CA VAL D 75 42.21 -26.74 5.11
C VAL D 75 43.25 -27.42 4.23
N LYS D 76 42.81 -28.37 3.41
CA LYS D 76 43.62 -28.88 2.31
C LYS D 76 43.05 -28.32 1.01
N ILE D 77 43.88 -27.65 0.23
CA ILE D 77 43.44 -27.09 -1.04
C ILE D 77 43.40 -28.17 -2.11
N LEU D 78 42.34 -28.19 -2.91
CA LEU D 78 42.18 -29.15 -4.00
C LEU D 78 41.83 -28.45 -5.30
N ASP D 79 42.84 -28.19 -6.13
CA ASP D 79 42.61 -27.57 -7.44
C ASP D 79 42.44 -28.64 -8.52
N GLU D 80 41.40 -29.44 -8.38
CA GLU D 80 41.06 -30.44 -9.38
C GLU D 80 39.56 -30.43 -9.61
N LYS D 81 39.11 -29.75 -10.67
CA LYS D 81 37.73 -29.86 -11.08
C LYS D 81 37.40 -31.33 -11.20
N ASN D 82 36.22 -31.72 -10.71
CA ASN D 82 35.19 -30.81 -10.21
C ASN D 82 35.44 -30.23 -8.84
N PRO D 83 35.63 -28.90 -8.75
CA PRO D 83 35.90 -28.28 -7.46
C PRO D 83 34.73 -28.51 -6.51
N SER D 84 35.03 -28.88 -5.28
CA SER D 84 34.00 -29.14 -4.30
C SER D 84 34.56 -28.74 -2.94
N ILE D 85 33.67 -28.49 -2.00
CA ILE D 85 34.08 -28.21 -0.63
C ILE D 85 33.44 -29.20 0.32
N THR D 86 34.28 -29.88 1.09
CA THR D 86 33.83 -30.80 2.12
C THR D 86 34.07 -30.18 3.48
N LEU D 87 33.02 -30.17 4.30
CA LEU D 87 33.05 -29.55 5.62
C LEU D 87 32.75 -30.56 6.71
N THR D 88 33.74 -30.82 7.55
CA THR D 88 33.57 -31.74 8.67
C THR D 88 33.70 -30.98 9.98
N ASN D 89 32.87 -31.32 10.95
CA ASN D 89 32.96 -30.71 12.27
C ASN D 89 33.44 -31.72 13.30
N ALA D 90 34.23 -31.27 14.27
CA ALA D 90 34.72 -32.15 15.32
C ALA D 90 33.56 -32.59 16.21
N ASP D 91 32.55 -31.74 16.31
CA ASP D 91 31.35 -32.09 17.04
C ASP D 91 30.38 -32.77 16.08
N PRO D 92 30.19 -34.08 16.25
CA PRO D 92 29.43 -34.92 15.33
C PRO D 92 27.97 -34.50 15.22
N LYS D 93 27.50 -33.62 16.10
CA LYS D 93 26.11 -33.16 15.97
C LYS D 93 25.94 -32.19 14.79
N PHE D 94 27.05 -31.68 14.28
CA PHE D 94 27.04 -30.89 13.06
C PHE D 94 27.51 -31.77 11.93
N ALA D 95 26.56 -32.32 11.18
CA ALA D 95 26.87 -33.38 10.22
C ALA D 95 27.69 -32.86 9.04
N GLN D 96 28.49 -33.75 8.47
CA GLN D 96 29.37 -33.40 7.36
C GLN D 96 28.59 -32.89 6.15
N ARG D 97 29.09 -31.83 5.51
CA ARG D 97 28.48 -31.37 4.29
C ARG D 97 29.47 -31.44 3.13
N LYS D 98 28.94 -31.49 1.92
CA LYS D 98 29.77 -31.42 0.73
C LYS D 98 28.98 -30.80 -0.41
N PHE D 99 29.56 -29.77 -1.02
CA PHE D 99 28.91 -29.11 -2.13
C PHE D 99 29.91 -28.77 -3.23
N ASP D 100 29.51 -29.02 -4.47
CA ASP D 100 30.34 -28.70 -5.63
C ASP D 100 30.19 -27.22 -5.99
N LEU D 101 31.31 -26.58 -6.30
CA LEU D 101 31.28 -25.18 -6.73
C LEU D 101 30.73 -25.05 -8.14
N PRO D 102 29.85 -24.06 -8.35
CA PRO D 102 29.33 -23.80 -9.69
C PRO D 102 30.47 -23.54 -10.67
N LEU D 103 30.50 -24.28 -11.78
CA LEU D 103 31.57 -24.13 -12.76
C LEU D 103 31.45 -22.80 -13.51
N ASP D 104 30.53 -21.94 -13.04
CA ASP D 104 30.11 -20.72 -13.74
C ASP D 104 31.12 -19.55 -13.82
N GLY D 105 31.70 -19.10 -12.70
CA GLY D 105 31.43 -19.58 -11.36
C GLY D 105 30.55 -18.59 -10.61
N SER D 106 29.25 -18.77 -10.77
CA SER D 106 28.26 -17.98 -10.09
C SER D 106 28.32 -18.22 -8.59
N TYR D 107 27.65 -17.38 -7.83
CA TYR D 107 27.54 -17.58 -6.39
C TYR D 107 26.66 -18.80 -6.08
N MET D 108 26.98 -19.51 -5.01
CA MET D 108 26.10 -20.57 -4.53
C MET D 108 24.93 -19.98 -3.76
N ALA D 109 23.74 -20.56 -3.96
CA ALA D 109 22.57 -20.16 -3.20
C ALA D 109 22.74 -20.49 -1.74
N ILE D 110 22.08 -19.72 -0.89
CA ILE D 110 22.04 -19.96 0.56
C ILE D 110 20.59 -19.95 0.98
N ASP D 111 20.16 -20.96 1.74
CA ASP D 111 18.76 -21.06 2.17
C ASP D 111 18.68 -20.49 3.57
N PRO D 112 18.19 -19.24 3.67
CA PRO D 112 18.14 -18.57 4.97
C PRO D 112 16.93 -19.01 5.79
N SER D 113 16.18 -20.02 5.35
CA SER D 113 14.96 -20.36 6.08
C SER D 113 15.18 -21.43 7.15
N VAL D 114 16.39 -21.97 7.23
CA VAL D 114 16.66 -23.06 8.16
C VAL D 114 17.90 -22.79 9.00
N SER D 115 17.96 -23.37 10.20
CA SER D 115 19.15 -23.31 11.02
C SER D 115 20.11 -24.39 10.53
N GLU D 116 21.28 -23.98 10.04
CA GLU D 116 22.22 -24.93 9.44
C GLU D 116 23.66 -24.45 9.62
N TRP D 117 24.47 -25.23 10.35
CA TRP D 117 25.81 -24.79 10.72
C TRP D 117 26.64 -24.41 9.52
N SER D 118 26.49 -25.15 8.42
CA SER D 118 27.27 -24.84 7.23
C SER D 118 26.89 -23.52 6.55
N ASN D 119 25.73 -22.95 6.90
CA ASN D 119 25.34 -21.64 6.36
C ASN D 119 26.33 -20.56 6.77
N TYR D 120 26.91 -20.71 7.96
CA TYR D 120 27.90 -19.77 8.43
C TYR D 120 29.17 -19.84 7.59
N PHE D 121 29.60 -21.05 7.27
CA PHE D 121 30.74 -21.18 6.39
C PHE D 121 30.40 -20.60 5.02
N LYS D 122 29.21 -20.95 4.52
CA LYS D 122 28.77 -20.52 3.20
C LYS D 122 28.70 -19.01 3.06
N CYS D 123 28.32 -18.30 4.12
CA CYS D 123 28.20 -16.86 4.03
C CYS D 123 29.57 -16.15 4.10
N GLY D 124 30.50 -16.73 4.86
CA GLY D 124 31.87 -16.25 4.87
C GLY D 124 32.49 -16.47 3.50
N LEU D 125 32.22 -17.63 2.93
CA LEU D 125 32.67 -17.94 1.58
C LEU D 125 32.11 -16.95 0.56
N HIS D 126 30.82 -16.65 0.68
CA HIS D 126 30.19 -15.72 -0.24
C HIS D 126 30.83 -14.33 -0.22
N VAL D 127 30.98 -13.74 0.96
CA VAL D 127 31.56 -12.39 1.00
C VAL D 127 33.01 -12.39 0.49
N ALA D 128 33.76 -13.46 0.76
CA ALA D 128 35.12 -13.61 0.24
C ALA D 128 35.11 -13.67 -1.27
N HIS D 129 34.25 -14.54 -1.80
CA HIS D 129 34.06 -14.69 -3.24
C HIS D 129 33.82 -13.34 -3.89
N SER D 130 32.88 -12.57 -3.33
CA SER D 130 32.53 -11.27 -3.88
C SER D 130 33.72 -10.31 -3.81
N TYR D 131 34.44 -10.35 -2.70
CA TYR D 131 35.65 -9.57 -2.52
C TYR D 131 36.70 -9.91 -3.60
N LEU D 132 36.88 -11.20 -3.84
CA LEU D 132 37.84 -11.69 -4.83
C LEU D 132 37.50 -11.21 -6.24
N LYS D 133 36.23 -11.19 -6.59
CA LYS D 133 35.81 -10.73 -7.91
C LYS D 133 36.04 -9.23 -8.11
N LYS D 134 36.17 -8.51 -7.00
CA LYS D 134 36.41 -7.06 -7.05
C LYS D 134 37.88 -6.74 -7.19
N ILE D 135 38.73 -7.52 -6.54
CA ILE D 135 40.18 -7.28 -6.61
C ILE D 135 40.83 -7.94 -7.82
N ALA D 136 40.24 -9.03 -8.29
CA ALA D 136 40.82 -9.77 -9.41
C ALA D 136 39.74 -10.26 -10.37
N PRO D 137 39.06 -9.33 -11.04
CA PRO D 137 37.94 -9.63 -11.94
C PRO D 137 38.29 -10.68 -12.99
N GLU D 138 39.46 -10.59 -13.60
CA GLU D 138 39.83 -11.50 -14.67
C GLU D 138 39.98 -12.95 -14.20
N ARG D 139 40.43 -13.12 -12.96
CA ARG D 139 40.64 -14.46 -12.43
C ARG D 139 39.37 -15.08 -11.84
N PHE D 140 38.39 -14.25 -11.49
CA PHE D 140 37.28 -14.75 -10.68
C PHE D 140 35.87 -14.52 -11.20
N ASN D 141 35.73 -13.80 -12.30
CA ASN D 141 34.40 -13.48 -12.81
C ASN D 141 33.68 -14.69 -13.40
N ASN D 142 34.37 -15.46 -14.24
CA ASN D 142 33.72 -16.51 -15.01
C ASN D 142 34.31 -17.89 -14.76
N THR D 143 34.84 -18.11 -13.56
CA THR D 143 35.45 -19.39 -13.21
C THR D 143 35.34 -19.64 -11.71
N PRO D 144 35.17 -20.91 -11.31
CA PRO D 144 34.92 -21.25 -9.91
C PRO D 144 36.13 -21.07 -9.00
N LEU D 145 35.89 -21.09 -7.70
CA LEU D 145 36.94 -21.08 -6.70
C LEU D 145 37.58 -22.47 -6.62
N VAL D 146 38.66 -22.58 -5.86
CA VAL D 146 39.28 -23.90 -5.67
C VAL D 146 38.47 -24.70 -4.68
N GLY D 147 38.49 -26.01 -4.85
CA GLY D 147 37.85 -26.91 -3.92
C GLY D 147 38.70 -27.08 -2.69
N ALA D 148 38.18 -27.82 -1.71
CA ALA D 148 38.89 -27.94 -0.45
C ALA D 148 38.30 -29.03 0.42
N GLN D 149 39.15 -29.62 1.23
CA GLN D 149 38.69 -30.43 2.35
C GLN D 149 38.95 -29.63 3.60
N ILE D 150 37.92 -29.50 4.43
CA ILE D 150 37.99 -28.63 5.58
C ILE D 150 37.50 -29.31 6.85
N PHE D 151 38.23 -29.11 7.93
CA PHE D 151 37.83 -29.62 9.24
C PHE D 151 37.67 -28.45 10.22
N CYS D 152 36.47 -28.33 10.79
CA CYS D 152 36.13 -27.21 11.67
C CYS D 152 36.05 -27.66 13.12
N GLN D 153 36.85 -27.03 13.97
CA GLN D 153 36.87 -27.35 15.37
C GLN D 153 36.84 -26.08 16.20
N SER D 154 35.89 -26.01 17.12
CA SER D 154 35.69 -24.81 17.90
C SER D 154 35.48 -25.14 19.37
N ASP D 155 36.15 -24.41 20.25
CA ASP D 155 35.84 -24.51 21.66
C ASP D 155 35.14 -23.25 22.18
N ILE D 156 34.64 -22.42 21.27
CA ILE D 156 33.87 -21.26 21.70
C ILE D 156 32.51 -21.69 22.23
N PRO D 157 32.18 -21.30 23.46
CA PRO D 157 30.83 -21.56 23.98
C PRO D 157 29.81 -20.69 23.28
N THR D 158 28.57 -21.17 23.19
CA THR D 158 27.51 -20.38 22.58
C THR D 158 27.34 -19.10 23.38
N GLY D 159 27.29 -17.98 22.68
CA GLY D 159 27.25 -16.69 23.35
C GLY D 159 28.61 -16.02 23.31
N GLY D 160 29.61 -16.74 22.81
CA GLY D 160 30.96 -16.22 22.71
C GLY D 160 31.31 -15.74 21.32
N GLY D 161 30.27 -15.42 20.53
CA GLY D 161 30.46 -14.91 19.18
C GLY D 161 30.98 -15.97 18.22
N LEU D 162 30.67 -17.23 18.51
CA LEU D 162 31.07 -18.34 17.65
C LEU D 162 30.67 -18.13 16.19
N SER D 163 29.46 -17.62 15.97
CA SER D 163 28.96 -17.52 14.61
C SER D 163 29.83 -16.58 13.79
N SER D 164 30.25 -15.48 14.39
CA SER D 164 31.09 -14.49 13.71
C SER D 164 32.53 -14.95 13.53
N ALA D 165 33.06 -15.64 14.53
CA ALA D 165 34.39 -16.24 14.42
C ALA D 165 34.43 -17.21 13.24
N PHE D 166 33.37 -18.01 13.12
CA PHE D 166 33.24 -18.99 12.06
C PHE D 166 33.23 -18.29 10.68
N THR D 167 32.38 -17.27 10.51
CA THR D 167 32.33 -16.54 9.23
C THR D 167 33.68 -15.89 8.90
N CYS D 168 34.33 -15.29 9.89
CA CYS D 168 35.65 -14.73 9.67
CA CYS D 168 35.66 -14.73 9.70
C CYS D 168 36.66 -15.80 9.23
N ALA D 169 36.73 -16.90 9.96
CA ALA D 169 37.63 -18.00 9.57
C ALA D 169 37.30 -18.51 8.17
N ALA D 170 36.00 -18.64 7.86
CA ALA D 170 35.59 -19.12 6.54
C ALA D 170 36.05 -18.17 5.44
N ALA D 171 35.77 -16.87 5.59
CA ALA D 171 36.21 -15.91 4.59
C ALA D 171 37.74 -15.90 4.44
N LEU D 172 38.42 -15.89 5.57
CA LEU D 172 39.89 -15.92 5.59
C LEU D 172 40.42 -17.10 4.78
N ALA D 173 39.90 -18.28 5.08
CA ALA D 173 40.27 -19.52 4.39
C ALA D 173 40.04 -19.45 2.89
N THR D 174 38.91 -18.85 2.49
CA THR D 174 38.55 -18.75 1.09
C THR D 174 39.51 -17.83 0.32
N ILE D 175 39.89 -16.74 0.96
CA ILE D 175 40.84 -15.82 0.36
C ILE D 175 42.24 -16.44 0.26
N ARG D 176 42.69 -17.06 1.35
CA ARG D 176 44.01 -17.68 1.40
C ARG D 176 44.12 -18.81 0.38
N ALA D 177 43.08 -19.64 0.29
CA ALA D 177 43.08 -20.78 -0.63
C ALA D 177 43.06 -20.34 -2.09
N ASN D 178 42.48 -19.17 -2.36
CA ASN D 178 42.38 -18.71 -3.75
C ASN D 178 43.44 -17.70 -4.18
N MET D 179 44.04 -16.98 -3.23
CA MET D 179 45.08 -16.02 -3.57
C MET D 179 46.50 -16.57 -3.39
N GLY D 180 46.65 -17.55 -2.52
CA GLY D 180 47.93 -18.19 -2.33
C GLY D 180 48.61 -17.85 -1.01
N LYS D 181 49.75 -18.50 -0.78
CA LYS D 181 50.48 -18.40 0.48
C LYS D 181 50.85 -16.98 0.88
N ASN D 182 51.37 -16.19 -0.06
CA ASN D 182 51.89 -14.87 0.30
C ASN D 182 51.08 -13.69 -0.23
N PHE D 183 49.76 -13.79 -0.13
CA PHE D 183 48.89 -12.65 -0.39
C PHE D 183 48.49 -12.07 0.96
N ASP D 184 48.92 -10.84 1.23
CA ASP D 184 48.61 -10.21 2.50
C ASP D 184 47.14 -9.86 2.57
N ILE D 185 46.50 -10.28 3.67
CA ILE D 185 45.07 -10.03 3.85
C ILE D 185 44.85 -8.94 4.90
N SER D 186 44.22 -7.85 4.47
CA SER D 186 43.96 -6.69 5.31
C SER D 186 42.95 -6.97 6.43
N LYS D 187 43.27 -6.53 7.64
CA LYS D 187 42.33 -6.61 8.74
C LYS D 187 41.10 -5.74 8.46
N LYS D 188 41.34 -4.57 7.86
CA LYS D 188 40.26 -3.63 7.57
C LYS D 188 39.29 -4.25 6.58
N ASP D 189 39.83 -4.83 5.50
CA ASP D 189 39.00 -5.46 4.48
C ASP D 189 38.26 -6.69 5.00
N LEU D 190 38.95 -7.54 5.75
CA LEU D 190 38.33 -8.74 6.30
C LEU D 190 37.13 -8.38 7.18
N THR D 191 37.30 -7.33 7.98
CA THR D 191 36.25 -6.86 8.87
C THR D 191 35.10 -6.20 8.10
N ARG D 192 35.43 -5.45 7.06
CA ARG D 192 34.39 -4.81 6.25
C ARG D 192 33.50 -5.84 5.55
N ILE D 193 34.11 -6.81 4.88
CA ILE D 193 33.32 -7.75 4.07
C ILE D 193 32.50 -8.73 4.92
N THR D 194 32.94 -8.99 6.14
CA THR D 194 32.22 -9.93 7.00
C THR D 194 31.12 -9.24 7.81
N ALA D 195 31.12 -7.92 7.80
CA ALA D 195 30.13 -7.15 8.56
C ALA D 195 28.68 -7.60 8.28
N VAL D 196 28.35 -7.84 7.02
CA VAL D 196 26.98 -8.21 6.65
C VAL D 196 26.82 -9.71 6.37
N ALA D 197 27.84 -10.52 6.64
CA ALA D 197 27.83 -11.94 6.24
C ALA D 197 26.65 -12.74 6.81
N GLU D 198 26.40 -12.59 8.10
CA GLU D 198 25.32 -13.34 8.75
C GLU D 198 23.94 -12.91 8.28
N HIS D 199 23.85 -11.73 7.67
CA HIS D 199 22.58 -11.30 7.12
C HIS D 199 22.08 -12.31 6.08
N TYR D 200 23.00 -13.02 5.42
CA TYR D 200 22.61 -13.93 4.36
C TYR D 200 22.02 -15.22 4.93
N VAL D 201 22.18 -15.44 6.23
CA VAL D 201 21.67 -16.66 6.84
C VAL D 201 20.49 -16.38 7.75
N GLY D 202 19.99 -15.15 7.74
CA GLY D 202 18.76 -14.86 8.46
C GLY D 202 18.90 -14.12 9.79
N VAL D 203 20.13 -13.75 10.13
CA VAL D 203 20.40 -12.99 11.37
C VAL D 203 20.92 -11.58 11.05
N ASN D 204 20.16 -10.57 11.47
CA ASN D 204 20.47 -9.19 11.13
C ASN D 204 21.39 -8.56 12.18
N ASN D 205 22.59 -9.10 12.33
CA ASN D 205 23.46 -8.65 13.42
C ASN D 205 24.29 -7.42 13.09
N GLY D 206 25.03 -6.93 14.08
CA GLY D 206 25.91 -5.77 13.92
C GLY D 206 27.32 -6.19 13.55
N GLY D 207 28.26 -5.26 13.66
CA GLY D 207 29.64 -5.54 13.27
C GLY D 207 30.63 -5.77 14.40
N MET D 208 30.12 -5.89 15.63
CA MET D 208 31.03 -6.00 16.77
C MET D 208 31.90 -7.26 16.77
N ASP D 209 31.28 -8.41 16.53
CA ASP D 209 31.96 -9.69 16.74
C ASP D 209 32.99 -9.97 15.66
N GLN D 210 32.67 -9.62 14.42
CA GLN D 210 33.64 -9.70 13.34
C GLN D 210 34.85 -8.80 13.62
N ALA D 211 34.59 -7.54 13.95
CA ALA D 211 35.66 -6.60 14.29
C ALA D 211 36.54 -7.09 15.42
N THR D 212 35.92 -7.64 16.46
CA THR D 212 36.68 -8.12 17.60
C THR D 212 37.57 -9.31 17.20
N SER D 213 36.98 -10.31 16.56
CA SER D 213 37.72 -11.48 16.13
C SER D 213 38.95 -11.09 15.29
N VAL D 214 38.79 -10.10 14.42
CA VAL D 214 39.88 -9.67 13.55
C VAL D 214 40.94 -8.79 14.24
N TYR D 215 40.52 -7.87 15.11
CA TYR D 215 41.43 -6.91 15.71
C TYR D 215 41.93 -7.26 17.11
N GLY D 216 41.45 -8.38 17.65
CA GLY D 216 41.89 -8.82 18.97
C GLY D 216 43.41 -8.79 19.08
N GLU D 217 43.90 -8.50 20.28
CA GLU D 217 45.35 -8.55 20.54
C GLU D 217 45.64 -9.04 21.94
N GLU D 218 46.63 -9.92 22.08
CA GLU D 218 46.97 -10.53 23.36
C GLU D 218 47.16 -9.49 24.45
N ASP D 219 46.37 -9.60 25.52
CA ASP D 219 46.45 -8.72 26.68
C ASP D 219 45.95 -7.29 26.43
N HIS D 220 45.31 -7.07 25.28
CA HIS D 220 44.59 -5.81 25.05
C HIS D 220 43.11 -6.07 24.88
N ALA D 221 42.29 -5.20 25.44
CA ALA D 221 40.88 -5.13 25.08
C ALA D 221 40.79 -4.16 23.91
N LEU D 222 39.59 -3.94 23.40
CA LEU D 222 39.42 -3.06 22.25
C LEU D 222 38.31 -2.05 22.49
N TYR D 223 38.53 -0.83 22.00
CA TYR D 223 37.44 0.12 21.82
C TYR D 223 37.04 0.05 20.34
N VAL D 224 35.84 -0.44 20.08
CA VAL D 224 35.41 -0.62 18.71
C VAL D 224 34.37 0.43 18.30
N GLU D 225 34.70 1.19 17.26
CA GLU D 225 33.81 2.24 16.74
C GLU D 225 33.30 1.87 15.36
N PHE D 226 32.09 2.30 15.03
CA PHE D 226 31.50 2.01 13.73
C PHE D 226 31.34 3.27 12.89
N ARG D 227 31.15 4.40 13.57
CA ARG D 227 31.04 5.69 12.91
C ARG D 227 31.92 6.69 13.63
N PRO D 228 32.49 7.65 12.88
CA PRO D 228 32.28 7.86 11.44
C PRO D 228 32.97 6.83 10.55
N LYS D 229 33.88 6.05 11.13
CA LYS D 229 34.59 5.01 10.40
C LYS D 229 34.80 3.80 11.31
N LEU D 230 34.88 2.61 10.71
CA LEU D 230 35.24 1.42 11.46
C LEU D 230 36.66 1.57 12.01
N LYS D 231 36.80 1.32 13.30
CA LYS D 231 38.02 1.65 14.02
C LYS D 231 38.03 0.81 15.28
N ALA D 232 39.17 0.20 15.57
CA ALA D 232 39.31 -0.63 16.76
C ALA D 232 40.61 -0.26 17.43
N THR D 233 40.51 0.31 18.64
CA THR D 233 41.70 0.75 19.35
C THR D 233 41.99 -0.18 20.54
N PRO D 234 43.10 -0.90 20.47
CA PRO D 234 43.55 -1.81 21.53
C PRO D 234 43.94 -1.03 22.78
N PHE D 235 43.59 -1.55 23.94
CA PHE D 235 44.08 -0.97 25.19
C PHE D 235 44.22 -2.04 26.26
N LYS D 236 45.20 -1.85 27.13
CA LYS D 236 45.39 -2.74 28.28
C LYS D 236 44.54 -2.24 29.43
N PHE D 237 44.09 -3.16 30.29
CA PHE D 237 43.42 -2.77 31.51
C PHE D 237 44.40 -1.92 32.32
N PRO D 238 43.88 -0.96 33.09
CA PRO D 238 44.77 -0.15 33.92
C PRO D 238 45.57 -1.00 34.91
N GLN D 239 46.84 -0.65 35.09
CA GLN D 239 47.68 -1.29 36.09
C GLN D 239 47.32 -0.73 37.47
N LEU D 240 46.86 -1.60 38.36
CA LEU D 240 46.42 -1.16 39.69
C LEU D 240 47.52 -1.33 40.75
N LYS D 241 47.30 -0.71 41.91
CA LYS D 241 48.28 -0.76 43.00
C LYS D 241 48.79 -2.17 43.29
N ASN D 242 47.90 -3.05 43.75
CA ASN D 242 48.26 -4.42 44.06
C ASN D 242 47.19 -5.43 43.67
N HIS D 243 46.44 -5.12 42.63
CA HIS D 243 45.38 -6.02 42.14
C HIS D 243 45.38 -6.23 40.64
N GLU D 244 44.91 -7.40 40.24
CA GLU D 244 44.81 -7.76 38.84
C GLU D 244 43.35 -7.63 38.42
N ILE D 245 43.09 -6.81 37.39
CA ILE D 245 41.76 -6.75 36.80
C ILE D 245 41.51 -7.99 35.93
N SER D 246 40.43 -8.70 36.19
CA SER D 246 40.06 -9.82 35.32
C SER D 246 38.55 -9.99 35.16
N PHE D 247 38.15 -10.66 34.09
CA PHE D 247 36.74 -10.96 33.88
C PHE D 247 36.56 -12.45 33.69
N VAL D 248 35.71 -13.06 34.50
CA VAL D 248 35.44 -14.48 34.36
C VAL D 248 34.14 -14.70 33.58
N ILE D 249 34.14 -15.73 32.75
CA ILE D 249 33.01 -16.04 31.91
C ILE D 249 32.31 -17.29 32.43
N ALA D 250 31.02 -17.18 32.70
CA ALA D 250 30.23 -18.36 33.07
C ALA D 250 29.12 -18.64 32.05
N ASN D 251 29.08 -19.89 31.59
CA ASN D 251 28.09 -20.32 30.62
C ASN D 251 26.76 -20.67 31.29
N THR D 252 25.66 -20.17 30.73
CA THR D 252 24.32 -20.48 31.24
C THR D 252 23.87 -21.90 30.90
N LEU D 253 24.47 -22.47 29.86
CA LEU D 253 24.16 -23.83 29.39
C LEU D 253 22.75 -23.96 28.81
N VAL D 254 22.10 -22.83 28.59
CA VAL D 254 20.77 -22.78 27.99
C VAL D 254 20.79 -23.26 26.52
N LYS D 255 19.75 -24.00 26.12
CA LYS D 255 19.62 -24.51 24.74
C LYS D 255 19.71 -23.44 23.66
N SER D 256 20.68 -23.59 22.76
CA SER D 256 20.96 -22.58 21.74
C SER D 256 19.96 -22.60 20.60
N ASN D 257 19.18 -21.54 20.47
CA ASN D 257 18.38 -21.38 19.25
C ASN D 257 18.10 -19.95 18.80
N LYS D 258 19.16 -19.18 18.57
CA LYS D 258 19.00 -17.79 18.15
C LYS D 258 18.23 -17.68 16.82
N PHE D 259 18.51 -18.59 15.89
CA PHE D 259 17.88 -18.53 14.58
C PHE D 259 16.38 -18.78 14.63
N GLU D 260 15.97 -19.79 15.39
CA GLU D 260 14.56 -20.18 15.46
C GLU D 260 13.72 -19.11 16.14
N THR D 261 14.33 -18.35 17.04
CA THR D 261 13.59 -17.37 17.81
C THR D 261 13.82 -15.93 17.34
N ALA D 262 14.62 -15.78 16.28
CA ALA D 262 14.97 -14.46 15.79
C ALA D 262 13.76 -13.56 15.46
N PRO D 263 12.66 -14.14 14.91
CA PRO D 263 11.49 -13.32 14.55
C PRO D 263 10.84 -12.61 15.75
N THR D 264 11.02 -13.18 16.93
CA THR D 264 10.46 -12.60 18.14
C THR D 264 11.56 -12.06 19.07
N ASN D 265 12.82 -12.44 18.82
CA ASN D 265 13.91 -12.03 19.70
C ASN D 265 14.89 -11.10 18.97
N TYR D 266 16.03 -11.65 18.52
CA TYR D 266 17.09 -10.82 17.96
C TYR D 266 16.59 -9.91 16.83
N ASN D 267 15.94 -10.47 15.82
CA ASN D 267 15.58 -9.63 14.66
C ASN D 267 14.46 -8.62 14.96
N LEU D 268 13.58 -8.99 15.90
CA LEU D 268 12.53 -8.08 16.35
C LEU D 268 13.17 -6.88 17.04
N ARG D 269 14.18 -7.11 17.88
CA ARG D 269 14.84 -6.00 18.55
C ARG D 269 15.40 -5.00 17.53
N VAL D 270 16.11 -5.50 16.52
CA VAL D 270 16.69 -4.62 15.52
C VAL D 270 15.59 -3.79 14.83
N ILE D 271 14.49 -4.45 14.52
CA ILE D 271 13.34 -3.77 13.96
C ILE D 271 12.77 -2.73 14.92
N GLU D 272 12.67 -3.07 16.21
CA GLU D 272 12.12 -2.15 17.17
C GLU D 272 12.96 -0.89 17.28
N VAL D 273 14.29 -1.01 17.25
CA VAL D 273 15.12 0.18 17.38
C VAL D 273 15.11 1.04 16.11
N THR D 274 14.85 0.44 14.96
CA THR D 274 14.75 1.22 13.73
C THR D 274 13.44 1.99 13.71
N VAL D 275 12.38 1.32 14.13
CA VAL D 275 11.08 1.97 14.16
C VAL D 275 11.17 3.14 15.15
N ALA D 276 11.76 2.89 16.33
CA ALA D 276 11.93 3.94 17.34
C ALA D 276 12.68 5.18 16.81
N ALA D 277 13.77 4.96 16.08
CA ALA D 277 14.55 6.05 15.50
C ALA D 277 13.69 6.87 14.54
N ASN D 278 12.85 6.17 13.78
CA ASN D 278 12.00 6.84 12.80
C ASN D 278 10.78 7.50 13.42
N ALA D 279 10.31 6.96 14.54
CA ALA D 279 9.20 7.61 15.25
C ALA D 279 9.71 8.91 15.90
N LEU D 280 10.94 8.88 16.39
CA LEU D 280 11.58 10.07 16.95
C LEU D 280 11.77 11.13 15.87
N ALA D 281 12.33 10.71 14.74
CA ALA D 281 12.58 11.62 13.63
C ALA D 281 11.29 12.28 13.16
N THR D 282 10.22 11.49 13.08
CA THR D 282 8.92 12.02 12.70
C THR D 282 8.42 13.04 13.72
N ARG D 283 8.52 12.69 15.00
CA ARG D 283 8.02 13.57 16.05
C ARG D 283 8.78 14.91 16.10
N TYR D 284 10.07 14.88 15.79
CA TYR D 284 10.87 16.12 15.85
C TYR D 284 11.15 16.73 14.48
N SER D 285 10.42 16.27 13.48
CA SER D 285 10.50 16.86 12.16
C SER D 285 11.92 16.92 11.60
N VAL D 286 12.65 15.81 11.68
CA VAL D 286 13.91 15.70 10.97
C VAL D 286 13.87 14.47 10.08
N ALA D 287 14.71 14.44 9.05
CA ALA D 287 14.77 13.29 8.17
C ALA D 287 16.02 12.49 8.52
N LEU D 288 15.98 11.19 8.32
CA LEU D 288 17.15 10.32 8.56
C LEU D 288 17.74 9.87 7.21
N PRO D 289 19.04 9.54 7.19
CA PRO D 289 19.62 9.04 5.95
C PRO D 289 19.02 7.69 5.58
N SER D 290 19.07 7.32 4.30
CA SER D 290 18.62 5.99 3.90
C SER D 290 19.80 5.05 3.59
N HIS D 291 20.24 4.30 4.61
CA HIS D 291 21.30 3.30 4.45
C HIS D 291 20.94 2.27 3.37
N LYS D 292 21.71 2.26 2.29
CA LYS D 292 21.52 1.26 1.23
C LYS D 292 22.64 0.22 1.28
N ASP D 293 23.59 0.42 2.18
CA ASP D 293 24.74 -0.47 2.32
C ASP D 293 24.45 -1.64 3.26
N ASN D 294 23.48 -1.46 4.16
CA ASN D 294 23.31 -2.37 5.28
C ASN D 294 21.84 -2.58 5.66
N SER D 295 21.45 -3.83 5.87
CA SER D 295 20.05 -4.17 6.14
C SER D 295 19.65 -3.93 7.60
N ASN D 296 20.64 -3.63 8.45
CA ASN D 296 20.35 -3.28 9.84
C ASN D 296 19.25 -2.22 9.90
N SER D 297 19.45 -1.14 9.14
CA SER D 297 18.56 0.00 9.21
C SER D 297 18.56 0.83 7.93
N GLU D 298 17.99 0.28 6.86
CA GLU D 298 17.88 0.99 5.60
C GLU D 298 17.14 2.32 5.75
N ARG D 299 16.39 2.46 6.85
CA ARG D 299 15.59 3.67 7.08
C ARG D 299 16.13 4.53 8.21
N GLY D 300 17.37 4.25 8.63
CA GLY D 300 18.02 5.09 9.63
C GLY D 300 17.97 4.54 11.05
N ASN D 301 18.99 4.87 11.85
CA ASN D 301 19.09 4.30 13.19
C ASN D 301 19.16 5.37 14.26
N LEU D 302 19.34 4.93 15.50
CA LEU D 302 19.22 5.81 16.65
C LEU D 302 20.35 6.84 16.73
N ARG D 303 21.51 6.51 16.17
CA ARG D 303 22.61 7.47 16.11
C ARG D 303 22.36 8.48 14.99
N ASP D 304 21.76 8.02 13.91
CA ASP D 304 21.34 8.91 12.82
C ASP D 304 20.35 9.92 13.39
N PHE D 305 19.46 9.49 14.29
CA PHE D 305 18.51 10.44 14.89
C PHE D 305 19.22 11.45 15.77
N MET D 306 20.17 10.99 16.57
CA MET D 306 20.90 11.88 17.44
C MET D 306 21.57 12.97 16.58
N ASP D 307 22.23 12.56 15.51
CA ASP D 307 22.88 13.50 14.61
C ASP D 307 21.90 14.44 13.91
N ALA D 308 20.79 13.88 13.42
CA ALA D 308 19.78 14.69 12.72
C ALA D 308 19.15 15.74 13.64
N TYR D 309 18.80 15.31 14.86
CA TYR D 309 18.24 16.21 15.85
C TYR D 309 19.19 17.38 16.12
N TYR D 310 20.47 17.06 16.28
CA TYR D 310 21.47 18.09 16.60
C TYR D 310 21.75 19.05 15.45
N ALA D 311 21.72 18.54 14.24
CA ALA D 311 21.99 19.37 13.07
C ALA D 311 20.85 20.35 12.81
N ARG D 312 19.65 19.99 13.27
CA ARG D 312 18.48 20.83 13.09
C ARG D 312 18.34 21.86 14.20
N TYR D 313 18.61 21.45 15.45
CA TYR D 313 18.27 22.25 16.62
C TYR D 313 19.43 22.80 17.47
N GLU D 314 20.63 22.28 17.29
CA GLU D 314 21.74 22.72 18.14
C GLU D 314 22.82 23.40 17.31
N ASN D 315 22.54 24.64 16.90
CA ASN D 315 23.46 25.39 16.04
C ASN D 315 23.99 24.58 14.86
N GLN D 316 23.12 23.83 14.20
CA GLN D 316 23.49 23.12 12.99
C GLN D 316 24.75 22.31 13.24
N ALA D 317 24.77 21.58 14.36
CA ALA D 317 25.97 20.89 14.81
C ALA D 317 26.41 19.79 13.84
N GLN D 318 27.72 19.63 13.69
CA GLN D 318 28.26 18.52 12.90
C GLN D 318 27.98 17.21 13.63
N PRO D 319 27.99 16.09 12.88
CA PRO D 319 27.66 14.82 13.51
C PRO D 319 28.62 14.54 14.66
N TRP D 320 28.16 13.81 15.67
CA TRP D 320 29.02 13.47 16.79
C TRP D 320 30.24 12.68 16.31
N ASN D 321 31.42 13.12 16.72
CA ASN D 321 32.64 12.49 16.22
C ASN D 321 33.21 11.45 17.18
N GLY D 322 32.47 11.14 18.24
CA GLY D 322 32.93 10.16 19.23
C GLY D 322 33.59 10.71 20.48
N ASP D 323 33.78 12.03 20.57
CA ASP D 323 34.32 12.66 21.78
C ASP D 323 33.48 12.24 23.00
N ILE D 324 34.14 11.78 24.06
CA ILE D 324 33.40 11.26 25.22
C ILE D 324 32.49 12.33 25.84
N GLY D 325 33.07 13.46 26.21
CA GLY D 325 32.32 14.53 26.86
C GLY D 325 31.12 14.95 26.04
N THR D 326 31.34 15.23 24.77
CA THR D 326 30.26 15.62 23.86
C THR D 326 29.19 14.54 23.82
N GLY D 327 29.65 13.29 23.78
CA GLY D 327 28.75 12.16 23.62
C GLY D 327 27.81 11.99 24.81
N ILE D 328 28.36 12.13 26.01
CA ILE D 328 27.55 12.02 27.23
C ILE D 328 26.47 13.09 27.20
N GLU D 329 26.87 14.32 26.90
CA GLU D 329 25.95 15.43 26.73
C GLU D 329 24.80 15.11 25.76
N ARG D 330 25.14 14.71 24.54
CA ARG D 330 24.11 14.39 23.54
C ARG D 330 23.22 13.20 23.90
N LEU D 331 23.81 12.16 24.51
CA LEU D 331 23.03 10.99 24.89
C LEU D 331 22.04 11.31 26.02
N LEU D 332 22.46 12.19 26.91
CA LEU D 332 21.57 12.67 27.97
C LEU D 332 20.38 13.41 27.36
N LYS D 333 20.64 14.23 26.33
CA LYS D 333 19.54 14.87 25.61
C LYS D 333 18.63 13.81 24.99
N MET D 334 19.22 12.81 24.34
CA MET D 334 18.44 11.75 23.69
C MET D 334 17.53 11.03 24.68
N LEU D 335 18.06 10.70 25.85
CA LEU D 335 17.26 10.06 26.89
C LEU D 335 16.09 10.94 27.32
N GLN D 336 16.29 12.25 27.31
CA GLN D 336 15.20 13.19 27.58
C GLN D 336 14.10 13.10 26.54
N LEU D 337 14.50 13.09 25.27
CA LEU D 337 13.54 13.01 24.17
C LEU D 337 12.78 11.68 24.17
N VAL D 338 13.45 10.62 24.63
CA VAL D 338 12.78 9.33 24.70
C VAL D 338 11.68 9.39 25.76
N GLU D 339 11.97 10.05 26.88
CA GLU D 339 10.97 10.26 27.92
C GLU D 339 9.78 11.05 27.40
N GLU D 340 10.05 12.20 26.79
CA GLU D 340 8.97 13.05 26.26
C GLU D 340 8.16 12.33 25.20
N SER D 341 8.82 11.53 24.37
CA SER D 341 8.19 10.91 23.22
C SER D 341 7.38 9.66 23.55
N PHE D 342 7.96 8.75 24.34
CA PHE D 342 7.45 7.38 24.46
C PHE D 342 7.01 6.94 25.87
N SER D 343 7.32 7.73 26.90
CA SER D 343 7.02 7.34 28.29
C SER D 343 5.53 7.04 28.56
N ARG D 344 4.65 7.55 27.71
CA ARG D 344 3.22 7.37 27.95
C ARG D 344 2.71 6.15 27.19
N LYS D 345 3.62 5.47 26.50
CA LYS D 345 3.29 4.24 25.76
C LYS D 345 4.14 3.05 26.18
N LYS D 346 4.25 2.82 27.48
CA LYS D 346 5.11 1.74 27.98
C LYS D 346 4.58 0.36 27.61
N SER D 347 3.27 0.26 27.40
CA SER D 347 2.66 -1.01 26.97
C SER D 347 3.06 -1.39 25.54
N GLY D 348 3.60 -0.45 24.78
CA GLY D 348 4.05 -0.76 23.44
C GLY D 348 3.12 -0.29 22.32
N PHE D 349 3.61 -0.33 21.09
CA PHE D 349 2.86 0.18 19.93
C PHE D 349 2.36 -0.97 19.08
N THR D 350 1.06 -1.05 18.84
CA THR D 350 0.55 -2.02 17.87
C THR D 350 1.03 -1.57 16.49
N VAL D 351 0.81 -2.41 15.48
CA VAL D 351 1.22 -2.03 14.15
C VAL D 351 0.51 -0.72 13.70
N HIS D 352 -0.76 -0.56 14.10
CA HIS D 352 -1.53 0.63 13.73
C HIS D 352 -0.97 1.89 14.40
N GLU D 353 -0.63 1.76 15.68
CA GLU D 353 -0.07 2.88 16.42
C GLU D 353 1.32 3.26 15.93
N ALA D 354 2.13 2.27 15.58
CA ALA D 354 3.45 2.56 15.02
C ALA D 354 3.34 3.26 13.67
N SER D 355 2.41 2.80 12.83
CA SER D 355 2.14 3.48 11.56
C SER D 355 1.78 4.94 11.76
N THR D 356 0.80 5.19 12.63
CA THR D 356 0.43 6.56 12.98
C THR D 356 1.65 7.38 13.44
N ALA D 357 2.45 6.80 14.34
CA ALA D 357 3.63 7.48 14.87
C ALA D 357 4.66 7.82 13.79
N LEU D 358 4.60 7.12 12.67
CA LEU D 358 5.54 7.36 11.56
C LEU D 358 4.83 8.15 10.46
N ASN D 359 3.57 8.46 10.70
CA ASN D 359 2.74 9.19 9.75
C ASN D 359 2.61 8.50 8.38
N CYS D 360 2.37 7.19 8.40
CA CYS D 360 2.19 6.45 7.14
C CYS D 360 1.10 5.39 7.31
N SER D 361 0.70 4.73 6.21
CA SER D 361 -0.28 3.64 6.32
C SER D 361 0.33 2.37 6.93
N ARG D 362 -0.56 1.49 7.38
CA ARG D 362 -0.14 0.17 7.87
C ARG D 362 0.61 -0.57 6.76
N GLU D 363 0.08 -0.45 5.54
CA GLU D 363 0.69 -1.13 4.40
C GLU D 363 2.13 -0.65 4.17
N GLU D 364 2.31 0.67 4.21
CA GLU D 364 3.63 1.21 3.93
C GLU D 364 4.60 0.88 5.07
N PHE D 365 4.12 1.00 6.31
CA PHE D 365 4.90 0.56 7.47
C PHE D 365 5.38 -0.89 7.34
N THR D 366 4.48 -1.77 6.92
CA THR D 366 4.78 -3.19 6.75
C THR D 366 5.88 -3.36 5.70
N ARG D 367 5.72 -2.65 4.58
CA ARG D 367 6.72 -2.70 3.51
CA ARG D 367 6.72 -2.69 3.51
C ARG D 367 8.10 -2.20 3.95
N ASP D 368 8.13 -1.14 4.75
CA ASP D 368 9.38 -0.45 5.09
C ASP D 368 10.13 -1.05 6.26
N TYR D 369 9.41 -1.72 7.16
CA TYR D 369 10.03 -2.20 8.39
C TYR D 369 9.89 -3.71 8.67
N LEU D 370 8.83 -4.33 8.13
CA LEU D 370 8.46 -5.71 8.53
C LEU D 370 8.79 -6.76 7.49
N THR D 371 9.38 -6.35 6.38
CA THR D 371 9.56 -7.21 5.23
CA THR D 371 9.56 -7.26 5.27
C THR D 371 11.04 -7.57 4.98
N THR D 372 11.93 -7.10 5.84
CA THR D 372 13.37 -7.28 5.65
C THR D 372 13.89 -8.60 6.22
N PHE D 373 13.39 -8.96 7.39
CA PHE D 373 13.60 -10.27 7.98
C PHE D 373 12.27 -10.69 8.57
N PRO D 374 12.01 -12.01 8.61
CA PRO D 374 10.77 -12.50 9.23
C PRO D 374 10.62 -11.93 10.64
N VAL D 375 9.39 -11.58 11.00
CA VAL D 375 9.12 -10.98 12.29
C VAL D 375 7.73 -11.34 12.81
N ARG D 376 7.57 -11.44 14.13
CA ARG D 376 6.30 -11.81 14.74
C ARG D 376 6.19 -11.02 16.07
N PHE D 377 5.06 -10.37 16.31
CA PHE D 377 4.90 -9.52 17.50
C PHE D 377 3.45 -9.12 17.72
N GLN D 378 3.12 -8.69 18.94
CA GLN D 378 1.85 -8.02 19.20
C GLN D 378 2.04 -6.50 19.29
N VAL D 379 3.14 -6.11 19.94
CA VAL D 379 3.50 -4.71 20.09
C VAL D 379 4.97 -4.52 19.83
N LEU D 380 5.35 -3.28 19.54
CA LEU D 380 6.75 -2.91 19.45
C LEU D 380 7.03 -1.95 20.60
N LYS D 381 8.05 -2.25 21.41
CA LYS D 381 8.27 -1.48 22.63
C LYS D 381 9.29 -0.37 22.41
N LEU D 382 8.87 0.68 21.73
CA LEU D 382 9.78 1.72 21.31
C LEU D 382 10.44 2.42 22.49
N TYR D 383 9.65 2.69 23.52
CA TYR D 383 10.18 3.32 24.73
C TYR D 383 11.36 2.55 25.33
N GLN D 384 11.08 1.33 25.75
CA GLN D 384 12.08 0.49 26.43
C GLN D 384 13.31 0.23 25.57
N ARG D 385 13.09 -0.05 24.28
CA ARG D 385 14.22 -0.36 23.41
C ARG D 385 15.13 0.85 23.16
N ALA D 386 14.55 2.03 22.92
CA ALA D 386 15.38 3.21 22.68
C ALA D 386 16.08 3.63 23.97
N LYS D 387 15.37 3.53 25.09
CA LYS D 387 15.97 3.86 26.36
C LYS D 387 17.18 2.98 26.61
N HIS D 388 17.05 1.67 26.35
CA HIS D 388 18.19 0.80 26.53
C HIS D 388 19.38 1.27 25.68
N VAL D 389 19.16 1.47 24.39
CA VAL D 389 20.26 1.76 23.49
C VAL D 389 20.98 3.04 23.88
N TYR D 390 20.23 4.11 24.13
CA TYR D 390 20.86 5.34 24.53
C TYR D 390 21.60 5.25 25.86
N SER D 391 20.97 4.64 26.88
CA SER D 391 21.62 4.49 28.17
CA SER D 391 21.60 4.45 28.18
C SER D 391 22.83 3.55 28.12
N GLU D 392 22.75 2.49 27.32
CA GLU D 392 23.87 1.55 27.21
C GLU D 392 25.07 2.20 26.53
N SER D 393 24.80 3.01 25.52
CA SER D 393 25.84 3.73 24.80
C SER D 393 26.51 4.70 25.75
N LEU D 394 25.71 5.25 26.66
CA LEU D 394 26.21 6.18 27.65
C LEU D 394 27.18 5.42 28.57
N ARG D 395 26.79 4.22 28.97
CA ARG D 395 27.64 3.45 29.87
C ARG D 395 28.97 3.02 29.24
N VAL D 396 28.98 2.77 27.92
CA VAL D 396 30.25 2.49 27.26
C VAL D 396 31.25 3.65 27.39
N LEU D 397 30.77 4.88 27.22
CA LEU D 397 31.59 6.08 27.29
C LEU D 397 32.20 6.23 28.68
N LYS D 398 31.39 5.93 29.69
CA LYS D 398 31.86 5.94 31.06
C LYS D 398 32.90 4.84 31.30
N ALA D 399 32.69 3.68 30.73
CA ALA D 399 33.63 2.58 30.91
C ALA D 399 34.97 2.91 30.25
N LEU D 400 34.91 3.54 29.08
CA LEU D 400 36.10 3.86 28.32
C LEU D 400 37.00 4.84 29.05
N LYS D 401 36.41 5.91 29.57
CA LYS D 401 37.20 6.91 30.28
C LYS D 401 37.85 6.30 31.52
N MET D 402 37.18 5.33 32.15
CA MET D 402 37.77 4.62 33.28
C MET D 402 38.97 3.79 32.83
N MET D 403 38.75 2.96 31.82
CA MET D 403 39.79 2.08 31.30
C MET D 403 41.04 2.83 30.84
N THR D 404 40.85 4.07 30.38
CA THR D 404 41.96 4.85 29.83
C THR D 404 42.55 5.83 30.86
N SER D 405 41.95 5.91 32.04
CA SER D 405 42.54 6.70 33.12
C SER D 405 43.82 6.03 33.59
N ALA D 406 44.86 6.81 33.86
CA ALA D 406 46.14 6.28 34.28
C ALA D 406 46.12 5.87 35.75
N THR D 407 45.24 6.50 36.53
CA THR D 407 45.17 6.27 37.96
C THR D 407 43.76 6.43 38.54
N PHE D 408 43.55 5.82 39.71
CA PHE D 408 42.27 5.89 40.41
C PHE D 408 42.59 6.03 41.89
N HIS D 409 41.61 6.49 42.67
CA HIS D 409 41.84 6.74 44.10
C HIS D 409 42.39 5.51 44.80
N THR D 410 41.69 4.40 44.65
CA THR D 410 42.13 3.11 45.19
C THR D 410 41.75 2.02 44.20
N ASP D 411 42.31 0.82 44.37
CA ASP D 411 41.91 -0.31 43.55
C ASP D 411 40.42 -0.59 43.71
N GLU D 412 39.94 -0.50 44.95
CA GLU D 412 38.54 -0.76 45.25
C GLU D 412 37.63 0.15 44.44
N ASP D 413 37.94 1.45 44.44
CA ASP D 413 37.18 2.42 43.66
C ASP D 413 36.94 1.95 42.23
N PHE D 414 38.00 1.48 41.57
CA PHE D 414 37.85 1.00 40.20
C PHE D 414 36.89 -0.17 40.12
N PHE D 415 37.11 -1.18 40.94
CA PHE D 415 36.27 -2.37 40.90
C PHE D 415 34.80 -2.05 41.17
N THR D 416 34.57 -1.07 42.05
CA THR D 416 33.21 -0.69 42.42
C THR D 416 32.52 0.16 41.37
N ASP D 417 33.21 1.17 40.85
CA ASP D 417 32.62 2.01 39.83
C ASP D 417 32.37 1.21 38.54
N PHE D 418 33.40 0.58 38.01
CA PHE D 418 33.25 -0.20 36.78
C PHE D 418 32.24 -1.32 36.96
N GLY D 419 32.32 -1.99 38.10
CA GLY D 419 31.35 -3.02 38.44
C GLY D 419 29.93 -2.49 38.36
N ARG D 420 29.72 -1.30 38.90
CA ARG D 420 28.39 -0.70 38.89
C ARG D 420 27.84 -0.47 37.48
N LEU D 421 28.71 -0.06 36.56
CA LEU D 421 28.31 0.14 35.17
C LEU D 421 27.82 -1.17 34.56
N MET D 422 28.49 -2.26 34.91
CA MET D 422 28.11 -3.60 34.43
C MET D 422 26.76 -4.02 34.98
N ASN D 423 26.56 -3.75 36.27
CA ASN D 423 25.30 -4.08 36.90
C ASN D 423 24.14 -3.26 36.35
N GLU D 424 24.39 -2.00 36.05
CA GLU D 424 23.40 -1.17 35.38
C GLU D 424 23.09 -1.70 33.98
N SER D 425 24.13 -2.08 33.23
CA SER D 425 23.94 -2.67 31.91
C SER D 425 23.06 -3.92 31.98
N GLN D 426 23.32 -4.78 32.97
CA GLN D 426 22.54 -6.01 33.13
C GLN D 426 21.08 -5.71 33.44
N ALA D 427 20.86 -4.78 34.36
CA ALA D 427 19.50 -4.37 34.72
C ALA D 427 18.77 -3.88 33.47
N SER D 428 19.49 -3.14 32.63
CA SER D 428 18.89 -2.59 31.42
C SER D 428 18.58 -3.70 30.39
N CYS D 429 19.52 -4.62 30.16
CA CYS D 429 19.28 -5.73 29.24
C CYS D 429 18.10 -6.58 29.67
N ASP D 430 17.94 -6.70 30.99
CA ASP D 430 16.89 -7.52 31.58
C ASP D 430 15.50 -6.87 31.53
N LYS D 431 15.37 -5.69 32.13
CA LYS D 431 14.07 -5.03 32.27
C LYS D 431 13.61 -4.21 31.05
N LEU D 432 14.55 -3.61 30.32
CA LEU D 432 14.20 -2.79 29.17
C LEU D 432 14.28 -3.54 27.84
N TYR D 433 15.40 -4.20 27.57
CA TYR D 433 15.55 -4.87 26.27
C TYR D 433 14.96 -6.28 26.32
N GLU D 434 14.83 -6.80 27.53
CA GLU D 434 14.26 -8.13 27.74
C GLU D 434 15.01 -9.20 26.96
N CYS D 435 16.33 -9.28 27.16
CA CYS D 435 17.12 -10.29 26.46
C CYS D 435 17.94 -11.13 27.44
N SER D 436 17.53 -11.10 28.70
CA SER D 436 18.15 -11.92 29.72
C SER D 436 17.34 -13.21 29.84
N CYS D 437 17.65 -14.00 30.85
CA CYS D 437 16.91 -15.24 31.09
C CYS D 437 17.11 -15.65 32.55
N ILE D 438 16.31 -16.60 33.00
CA ILE D 438 16.36 -17.05 34.38
C ILE D 438 17.78 -17.44 34.79
N GLU D 439 18.42 -18.25 33.96
CA GLU D 439 19.77 -18.73 34.24
C GLU D 439 20.77 -17.58 34.36
N THR D 440 20.68 -16.63 33.44
CA THR D 440 21.55 -15.46 33.48
C THR D 440 21.35 -14.73 34.80
N ASN D 441 20.10 -14.46 35.13
CA ASN D 441 19.78 -13.72 36.36
C ASN D 441 20.27 -14.44 37.59
N GLN D 442 20.16 -15.77 37.61
CA GLN D 442 20.63 -16.53 38.75
C GLN D 442 22.15 -16.47 38.88
N ILE D 443 22.85 -16.65 37.77
CA ILE D 443 24.30 -16.61 37.77
C ILE D 443 24.82 -15.27 38.31
N CYS D 444 24.29 -14.18 37.76
CA CYS D 444 24.76 -12.85 38.14
C CYS D 444 24.59 -12.54 39.61
N SER D 445 23.42 -12.82 40.16
CA SER D 445 23.16 -12.55 41.57
C SER D 445 24.10 -13.35 42.49
N ILE D 446 24.30 -14.64 42.17
CA ILE D 446 25.25 -15.46 42.90
C ILE D 446 26.66 -14.88 42.83
N ALA D 447 27.12 -14.58 41.61
CA ALA D 447 28.45 -14.02 41.39
C ALA D 447 28.69 -12.80 42.28
N LEU D 448 27.77 -11.84 42.18
CA LEU D 448 27.83 -10.60 42.94
C LEU D 448 27.92 -10.82 44.44
N ALA D 449 27.24 -11.85 44.93
CA ALA D 449 27.22 -12.15 46.36
C ALA D 449 28.46 -12.92 46.79
N ASN D 450 29.36 -13.21 45.85
CA ASN D 450 30.51 -14.06 46.14
C ASN D 450 31.81 -13.69 45.44
N GLY D 451 32.10 -12.41 45.29
CA GLY D 451 33.41 -11.99 44.83
C GLY D 451 33.46 -11.18 43.55
N SER D 452 32.35 -11.13 42.83
CA SER D 452 32.29 -10.29 41.63
C SER D 452 31.85 -8.88 41.99
N PHE D 453 32.41 -7.90 41.29
CA PHE D 453 32.01 -6.50 41.47
C PHE D 453 30.99 -6.09 40.43
N GLY D 454 30.95 -6.81 39.31
CA GLY D 454 29.99 -6.52 38.27
C GLY D 454 29.70 -7.77 37.47
N SER D 455 28.42 -8.02 37.18
CA SER D 455 28.01 -9.23 36.48
C SER D 455 26.89 -8.95 35.47
N ARG D 456 27.10 -9.38 34.23
CA ARG D 456 26.15 -9.11 33.16
C ARG D 456 26.22 -10.16 32.05
N LEU D 457 25.12 -10.34 31.33
CA LEU D 457 25.14 -11.18 30.14
C LEU D 457 26.10 -10.53 29.16
N THR D 458 26.63 -11.31 28.23
CA THR D 458 27.38 -10.75 27.13
C THR D 458 26.81 -11.40 25.87
N GLY D 459 27.09 -10.87 24.69
CA GLY D 459 26.49 -11.41 23.49
C GLY D 459 25.02 -11.05 23.35
N ALA D 460 24.31 -11.77 22.48
CA ALA D 460 22.88 -11.50 22.22
C ALA D 460 21.97 -11.70 23.44
N GLY D 461 22.30 -12.67 24.28
CA GLY D 461 21.44 -12.99 25.41
C GLY D 461 20.41 -14.07 25.11
N TRP D 462 19.31 -14.06 25.86
CA TRP D 462 18.36 -15.18 25.84
C TRP D 462 19.08 -16.51 26.06
N GLY D 463 20.10 -16.48 26.91
CA GLY D 463 20.97 -17.63 27.10
C GLY D 463 22.40 -17.18 26.92
N GLY D 464 23.27 -18.07 26.48
CA GLY D 464 24.64 -17.71 26.19
C GLY D 464 25.53 -17.60 27.42
N CYS D 465 26.42 -16.61 27.42
CA CYS D 465 27.37 -16.47 28.51
C CYS D 465 27.08 -15.25 29.37
N THR D 466 27.82 -15.17 30.47
CA THR D 466 27.79 -14.03 31.37
C THR D 466 29.22 -13.69 31.72
N ILE D 467 29.49 -12.43 32.05
CA ILE D 467 30.83 -12.05 32.52
C ILE D 467 30.78 -11.36 33.87
N HIS D 468 31.91 -11.44 34.57
CA HIS D 468 32.00 -10.97 35.94
C HIS D 468 33.34 -10.32 36.21
N LEU D 469 33.30 -9.08 36.68
CA LEU D 469 34.49 -8.36 37.08
C LEU D 469 34.97 -8.86 38.43
N VAL D 470 36.13 -9.51 38.44
CA VAL D 470 36.68 -10.06 39.67
CA VAL D 470 36.68 -10.07 39.66
C VAL D 470 38.18 -9.85 39.75
N PRO D 471 38.67 -9.50 40.95
CA PRO D 471 40.12 -9.40 41.20
C PRO D 471 40.74 -10.78 41.04
N SER D 472 41.80 -10.90 40.23
CA SER D 472 42.42 -12.20 39.98
C SER D 472 43.80 -12.29 40.61
N GLY D 473 44.36 -13.50 40.63
CA GLY D 473 45.68 -13.71 41.19
C GLY D 473 45.66 -13.91 42.70
N ALA D 474 46.80 -14.35 43.24
CA ALA D 474 46.93 -14.68 44.65
C ALA D 474 46.09 -13.81 45.61
N ASN D 475 45.86 -12.55 45.25
CA ASN D 475 45.10 -11.64 46.09
C ASN D 475 43.68 -11.32 45.59
N GLY D 476 43.09 -12.25 44.82
CA GLY D 476 41.80 -12.01 44.18
C GLY D 476 40.65 -12.87 44.68
N ASN D 477 39.57 -12.91 43.91
CA ASN D 477 38.37 -13.66 44.28
C ASN D 477 37.98 -14.74 43.27
N VAL D 478 38.83 -14.95 42.28
CA VAL D 478 38.50 -15.87 41.19
C VAL D 478 37.97 -17.20 41.72
N GLU D 479 38.71 -17.81 42.64
CA GLU D 479 38.35 -19.13 43.16
C GLU D 479 37.12 -19.09 44.08
N GLN D 480 36.93 -17.97 44.78
CA GLN D 480 35.70 -17.76 45.54
C GLN D 480 34.48 -17.73 44.61
N VAL D 481 34.60 -17.02 43.49
CA VAL D 481 33.48 -16.91 42.56
C VAL D 481 33.17 -18.27 41.94
N ARG D 482 34.20 -18.93 41.41
CA ARG D 482 34.06 -20.23 40.76
C ARG D 482 33.37 -21.25 41.66
N LYS D 483 33.85 -21.36 42.89
CA LYS D 483 33.29 -22.31 43.85
C LYS D 483 31.82 -22.02 44.10
N ALA D 484 31.50 -20.75 44.31
CA ALA D 484 30.13 -20.36 44.61
C ALA D 484 29.19 -20.68 43.44
N LEU D 485 29.67 -20.48 42.22
CA LEU D 485 28.87 -20.78 41.04
C LEU D 485 28.65 -22.28 40.84
N ILE D 486 29.70 -23.06 41.03
CA ILE D 486 29.61 -24.50 40.84
C ILE D 486 28.61 -25.11 41.81
N GLU D 487 28.69 -24.68 43.06
CA GLU D 487 27.87 -25.26 44.13
C GLU D 487 26.44 -24.75 44.13
N LYS D 488 26.27 -23.46 43.87
CA LYS D 488 24.97 -22.83 44.01
C LYS D 488 24.18 -22.76 42.71
N PHE D 489 24.87 -22.87 41.59
CA PHE D 489 24.18 -22.85 40.30
C PHE D 489 24.29 -24.16 39.53
N TYR D 490 25.50 -24.47 39.08
CA TYR D 490 25.71 -25.62 38.22
C TYR D 490 25.29 -26.92 38.87
N ASN D 491 25.73 -27.16 40.10
CA ASN D 491 25.37 -28.39 40.80
C ASN D 491 23.86 -28.52 40.98
N VAL D 492 23.18 -27.37 41.04
CA VAL D 492 21.73 -27.34 41.24
C VAL D 492 20.94 -27.59 39.96
N ARG D 493 21.13 -26.70 38.99
CA ARG D 493 20.36 -26.74 37.75
C ARG D 493 20.84 -27.84 36.80
N TYR D 494 22.14 -28.10 36.81
CA TYR D 494 22.71 -29.12 35.93
C TYR D 494 23.53 -30.18 36.68
N PRO D 495 22.87 -30.99 37.50
CA PRO D 495 23.52 -32.01 38.35
C PRO D 495 24.53 -32.91 37.64
N ASP D 496 24.27 -33.23 36.38
CA ASP D 496 25.01 -34.29 35.67
C ASP D 496 26.29 -33.86 34.97
N LEU D 497 26.57 -32.56 34.96
CA LEU D 497 27.79 -32.06 34.35
C LEU D 497 29.02 -32.88 34.75
N THR D 498 29.83 -33.23 33.76
CA THR D 498 31.07 -33.95 34.00
C THR D 498 32.16 -32.97 34.39
N ASP D 499 33.17 -33.48 35.09
CA ASP D 499 34.29 -32.66 35.56
C ASP D 499 34.77 -31.67 34.50
N GLU D 500 34.87 -32.14 33.26
CA GLU D 500 35.36 -31.31 32.16
C GLU D 500 34.34 -30.26 31.76
N GLU D 501 33.10 -30.68 31.60
CA GLU D 501 32.01 -29.74 31.30
C GLU D 501 32.01 -28.61 32.32
N LEU D 502 31.95 -28.98 33.60
CA LEU D 502 31.98 -28.01 34.68
C LEU D 502 33.19 -27.10 34.53
N LYS D 503 34.33 -27.70 34.22
CA LYS D 503 35.56 -26.95 33.98
C LYS D 503 35.38 -25.99 32.80
N ASP D 504 34.58 -26.41 31.82
CA ASP D 504 34.35 -25.61 30.61
C ASP D 504 33.30 -24.52 30.81
N ALA D 505 32.36 -24.76 31.72
CA ALA D 505 31.28 -23.82 31.99
C ALA D 505 31.79 -22.50 32.55
N ILE D 506 32.93 -22.56 33.24
CA ILE D 506 33.55 -21.36 33.81
C ILE D 506 34.96 -21.23 33.29
N ILE D 507 35.28 -20.11 32.65
CA ILE D 507 36.64 -19.90 32.18
C ILE D 507 37.20 -18.52 32.47
N VAL D 508 38.50 -18.48 32.74
CA VAL D 508 39.21 -17.23 32.92
C VAL D 508 40.13 -17.04 31.73
N SER D 509 39.96 -15.94 31.02
CA SER D 509 40.75 -15.69 29.82
C SER D 509 41.42 -14.34 29.89
N LYS D 510 42.64 -14.28 29.37
CA LYS D 510 43.27 -13.00 29.10
C LYS D 510 42.87 -12.62 27.67
N PRO D 511 42.88 -11.32 27.35
CA PRO D 511 42.63 -10.92 25.97
C PRO D 511 43.52 -11.71 25.01
N ALA D 512 42.98 -12.14 23.89
CA ALA D 512 43.73 -13.00 22.99
C ALA D 512 44.01 -12.34 21.64
N LEU D 513 44.96 -12.90 20.90
CA LEU D 513 45.26 -12.43 19.57
C LEU D 513 44.07 -12.63 18.64
N GLY D 514 43.95 -11.75 17.64
CA GLY D 514 42.86 -11.82 16.69
C GLY D 514 43.06 -12.91 15.65
N THR D 515 42.30 -12.80 14.58
CA THR D 515 42.37 -13.74 13.46
C THR D 515 43.83 -13.93 12.99
N CYS D 516 44.19 -15.15 12.62
CA CYS D 516 45.52 -15.44 12.11
C CYS D 516 45.55 -16.72 11.28
N LEU D 517 46.64 -16.91 10.53
CA LEU D 517 46.84 -18.12 9.74
C LEU D 517 48.05 -18.93 10.20
N TYR D 518 47.93 -20.25 10.18
CA TYR D 518 49.08 -21.14 10.40
C TYR D 518 49.42 -21.86 9.08
N GLU D 519 50.63 -21.65 8.58
CA GLU D 519 51.05 -22.33 7.34
C GLU D 519 51.67 -23.69 7.67
N GLN D 520 51.43 -24.68 6.81
CA GLN D 520 51.95 -26.04 7.02
C GLN D 520 53.12 -26.37 6.11
C1 GOL E . -0.06 -6.18 3.48
O1 GOL E . 0.53 -4.99 3.92
C2 GOL E . -0.92 -5.94 2.25
O2 GOL E . -2.23 -5.60 2.67
C3 GOL E . -0.92 -7.22 1.42
O3 GOL E . -1.89 -7.13 0.39
C1 GOL F . -4.20 1.64 -5.37
O1 GOL F . -2.90 2.20 -5.34
C2 GOL F . -4.14 0.18 -4.95
O2 GOL F . -3.20 -0.47 -5.78
C3 GOL F . -5.54 -0.40 -5.13
O3 GOL F . -5.61 -1.67 -4.51
MG MG G . -12.81 31.39 -8.69
C1 GLA H . -7.56 30.48 -8.49
C2 GLA H . -7.72 30.61 -6.98
C3 GLA H . -6.74 31.48 -6.31
C4 GLA H . -5.48 31.49 -6.93
C5 GLA H . -5.56 31.94 -8.36
C6 GLA H . -4.27 31.79 -9.06
O1 GLA H . -8.77 30.62 -9.16
O2 GLA H . -9.07 30.90 -6.59
O3 GLA H . -6.61 30.94 -4.93
O4 GLA H . -4.89 30.18 -6.89
O5 GLA H . -6.57 31.20 -9.15
O6 GLA H . -3.27 32.70 -8.83
PG ATP I . -10.95 32.58 -11.11
O1G ATP I . -9.92 31.99 -12.03
O2G ATP I . -10.92 31.82 -9.83
O3G ATP I . -10.58 34.08 -10.86
PB ATP I . -13.72 32.79 -11.31
O1B ATP I . -14.23 34.04 -11.96
O2B ATP I . -13.90 32.95 -9.78
O3B ATP I . -12.25 32.50 -11.83
PA ATP I . -14.42 30.08 -11.37
O1A ATP I . -13.77 29.34 -12.51
O2A ATP I . -13.56 29.97 -10.19
O3A ATP I . -14.66 31.60 -11.78
O5' ATP I . -15.88 29.45 -11.07
C5' ATP I . -16.90 29.50 -12.04
C4' ATP I . -18.20 29.05 -11.57
O4' ATP I . -18.85 30.11 -10.95
C3' ATP I . -19.10 28.65 -12.70
O3' ATP I . -18.86 27.33 -13.04
C2' ATP I . -20.40 28.81 -12.14
O2' ATP I . -20.74 27.70 -11.36
C1' ATP I . -20.25 29.98 -11.24
N9 ATP I . -20.77 31.20 -11.81
C8 ATP I . -20.34 31.78 -12.95
N7 ATP I . -21.07 32.90 -13.15
C5 ATP I . -21.95 33.02 -12.13
C6 ATP I . -22.94 33.94 -11.80
N6 ATP I . -23.17 35.09 -12.67
N1 ATP I . -23.67 33.79 -10.68
C2 ATP I . -23.45 32.73 -9.86
N3 ATP I . -22.52 31.81 -10.17
C4 ATP I . -21.76 31.94 -11.28
MG MG J . 26.77 -14.99 16.88
C1 GLA K . 24.81 -10.51 18.43
C2 GLA K . 25.63 -9.90 17.31
C3 GLA K . 26.40 -8.69 17.64
C4 GLA K . 25.82 -7.90 18.65
C5 GLA K . 25.56 -8.68 19.91
C6 GLA K . 24.75 -7.86 20.83
O1 GLA K . 25.09 -11.84 18.55
O2 GLA K . 26.46 -10.88 16.70
O3 GLA K . 26.48 -7.91 16.38
O4 GLA K . 24.56 -7.33 18.21
O5 GLA K . 24.87 -9.95 19.70
O6 GLA K . 25.35 -6.85 21.52
PG ATP L . 26.30 -14.67 20.10
O1G ATP L . 26.17 -13.99 18.78
O2G ATP L . 27.65 -14.34 20.66
O3G ATP L . 25.16 -14.22 21.04
PB ATP L . 27.05 -17.13 19.13
O1B ATP L . 28.02 -17.95 19.98
O2B ATP L . 27.92 -16.49 18.00
O3B ATP L . 26.19 -16.15 20.00
PA ATP L . 24.88 -17.81 17.56
O1A ATP L . 23.58 -17.75 18.31
O2A ATP L . 25.10 -16.50 16.94
O3A ATP L . 26.05 -18.18 18.54
O5' ATP L . 24.89 -18.96 16.44
C5' ATP L . 24.74 -20.33 16.76
C4' ATP L . 24.86 -21.19 15.61
O4' ATP L . 26.19 -21.37 15.29
C3' ATP L . 24.30 -22.57 15.85
O3' ATP L . 22.95 -22.58 15.56
C2' ATP L . 25.01 -23.35 14.90
O2' ATP L . 24.41 -23.29 13.64
C1' ATP L . 26.34 -22.70 14.80
N9 ATP L . 27.33 -23.45 15.56
C8 ATP L . 27.24 -23.72 16.86
N7 ATP L . 28.31 -24.45 17.21
C5 ATP L . 29.07 -24.63 16.11
C6 ATP L . 30.28 -25.29 15.84
N6 ATP L . 30.95 -25.95 16.95
N1 ATP L . 30.80 -25.30 14.60
C2 ATP L . 30.15 -24.66 13.60
N3 ATP L . 29.00 -24.03 13.81
C4 ATP L . 28.45 -24.00 15.04
#